data_2NS6
# 
_entry.id   2NS6 
# 
_audit_conform.dict_name       mmcif_pdbx.dic 
_audit_conform.dict_version    5.383 
_audit_conform.dict_location   http://mmcif.pdb.org/dictionaries/ascii/mmcif_pdbx.dic 
# 
loop_
_database_2.database_id 
_database_2.database_code 
_database_2.pdbx_database_accession 
_database_2.pdbx_DOI 
PDB   2NS6         pdb_00002ns6 10.2210/pdb2ns6/pdb 
RCSB  RCSB040237   ?            ?                   
WWPDB D_1000040237 ?            ?                   
# 
loop_
_pdbx_audit_revision_history.ordinal 
_pdbx_audit_revision_history.data_content_type 
_pdbx_audit_revision_history.major_revision 
_pdbx_audit_revision_history.minor_revision 
_pdbx_audit_revision_history.revision_date 
1 'Structure model' 1 0 2007-02-06 
2 'Structure model' 1 1 2008-01-10 
3 'Structure model' 1 2 2011-07-13 
4 'Structure model' 1 3 2017-10-18 
5 'Structure model' 1 4 2023-12-27 
# 
_pdbx_audit_revision_details.ordinal             1 
_pdbx_audit_revision_details.revision_ordinal    1 
_pdbx_audit_revision_details.data_content_type   'Structure model' 
_pdbx_audit_revision_details.provider            repository 
_pdbx_audit_revision_details.type                'Initial release' 
_pdbx_audit_revision_details.description         ? 
_pdbx_audit_revision_details.details             ? 
# 
loop_
_pdbx_audit_revision_group.ordinal 
_pdbx_audit_revision_group.revision_ordinal 
_pdbx_audit_revision_group.data_content_type 
_pdbx_audit_revision_group.group 
1 2 'Structure model' 'Version format compliance' 
2 3 'Structure model' 'Version format compliance' 
3 4 'Structure model' 'Refinement description'    
4 5 'Structure model' 'Data collection'           
5 5 'Structure model' 'Database references'       
6 5 'Structure model' 'Derived calculations'      
# 
loop_
_pdbx_audit_revision_category.ordinal 
_pdbx_audit_revision_category.revision_ordinal 
_pdbx_audit_revision_category.data_content_type 
_pdbx_audit_revision_category.category 
1 4 'Structure model' software       
2 5 'Structure model' chem_comp_atom 
3 5 'Structure model' chem_comp_bond 
4 5 'Structure model' database_2     
5 5 'Structure model' struct_site    
# 
loop_
_pdbx_audit_revision_item.ordinal 
_pdbx_audit_revision_item.revision_ordinal 
_pdbx_audit_revision_item.data_content_type 
_pdbx_audit_revision_item.item 
1  4 'Structure model' '_software.classification'            
2  4 'Structure model' '_software.contact_author'            
3  4 'Structure model' '_software.contact_author_email'      
4  4 'Structure model' '_software.date'                      
5  4 'Structure model' '_software.language'                  
6  4 'Structure model' '_software.location'                  
7  4 'Structure model' '_software.name'                      
8  4 'Structure model' '_software.type'                      
9  4 'Structure model' '_software.version'                   
10 5 'Structure model' '_database_2.pdbx_DOI'                
11 5 'Structure model' '_database_2.pdbx_database_accession' 
12 5 'Structure model' '_struct_site.pdbx_auth_asym_id'      
13 5 'Structure model' '_struct_site.pdbx_auth_comp_id'      
14 5 'Structure model' '_struct_site.pdbx_auth_seq_id'       
# 
_pdbx_database_status.entry_id                        2NS6 
_pdbx_database_status.deposit_site                    RCSB 
_pdbx_database_status.process_site                    RCSB 
_pdbx_database_status.recvd_initial_deposition_date   2006-11-03 
_pdbx_database_status.status_code                     REL 
_pdbx_database_status.status_code_sf                  REL 
_pdbx_database_status.status_code_mr                  ? 
_pdbx_database_status.SG_entry                        ? 
_pdbx_database_status.pdb_format_compatible           Y 
_pdbx_database_status.status_code_cs                  ? 
_pdbx_database_status.methods_development_category    ? 
_pdbx_database_status.status_code_nmr_data            ? 
# 
loop_
_audit_author.name 
_audit_author.pdbx_ordinal 
'Monzingo, A.F.' 1 
'Ozburn, A.'     2 
'Xia, S.'        3 
'Meyer, R.J.'    4 
'Robertus, J.D.' 5 
# 
_citation.id                        primary 
_citation.title                     'The Structure of the Minimal Relaxase Domain of MobA at 2.1 A Resolution.' 
_citation.journal_abbrev            J.Mol.Biol. 
_citation.journal_volume            366 
_citation.page_first                165 
_citation.page_last                 178 
_citation.year                      2007 
_citation.journal_id_ASTM           JMOBAK 
_citation.country                   UK 
_citation.journal_id_ISSN           0022-2836 
_citation.journal_id_CSD            0070 
_citation.book_publisher            ? 
_citation.pdbx_database_id_PubMed   17157875 
_citation.pdbx_database_id_DOI      10.1016/j.jmb.2006.11.031 
# 
loop_
_citation_author.citation_id 
_citation_author.name 
_citation_author.ordinal 
_citation_author.identifier_ORCID 
primary 'Monzingo, A.F.' 1 ? 
primary 'Ozburn, A.'     2 ? 
primary 'Xia, S.'        3 ? 
primary 'Meyer, R.J.'    4 ? 
primary 'Robertus, J.D.' 5 ? 
# 
loop_
_entity.id 
_entity.type 
_entity.src_method 
_entity.pdbx_description 
_entity.formula_weight 
_entity.pdbx_number_of_molecules 
_entity.pdbx_ec 
_entity.pdbx_mutation 
_entity.pdbx_fragment 
_entity.details 
1 polymer     man 'Mobilization protein A' 20814.199 1   3.6.1.- ? 'Minimal Relaxase Domain' ? 
2 non-polymer syn 'MANGANESE (II) ION'     54.938    3   ?       ? ?                         ? 
3 water       nat water                    18.015    111 ?       ? ?                         ? 
# 
_entity_poly.entity_id                      1 
_entity_poly.type                           'polypeptide(L)' 
_entity_poly.nstd_linkage                   no 
_entity_poly.nstd_monomer                   no 
_entity_poly.pdbx_seq_one_letter_code       
;AIYHLTAKTGSRSGGQSARAKADYIQREGKYARDMDEVLHAESGHMPEFVERPADYWDAADLYERANGRLFKEVEFALPV
ELTLDQQKALASEFAQHLTGAERLPYTLAIHAGGGENPHCHLMISERINDGIERPAAQWFKRYNGKTPEKGGAQKTEALK
PKAWLEQTREAWADHANRALERAGH
;
_entity_poly.pdbx_seq_one_letter_code_can   
;AIYHLTAKTGSRSGGQSARAKADYIQREGKYARDMDEVLHAESGHMPEFVERPADYWDAADLYERANGRLFKEVEFALPV
ELTLDQQKALASEFAQHLTGAERLPYTLAIHAGGGENPHCHLMISERINDGIERPAAQWFKRYNGKTPEKGGAQKTEALK
PKAWLEQTREAWADHANRALERAGH
;
_entity_poly.pdbx_strand_id                 A 
_entity_poly.pdbx_target_identifier         ? 
# 
loop_
_pdbx_entity_nonpoly.entity_id 
_pdbx_entity_nonpoly.name 
_pdbx_entity_nonpoly.comp_id 
2 'MANGANESE (II) ION' MN  
3 water                HOH 
# 
loop_
_entity_poly_seq.entity_id 
_entity_poly_seq.num 
_entity_poly_seq.mon_id 
_entity_poly_seq.hetero 
1 1   ALA n 
1 2   ILE n 
1 3   TYR n 
1 4   HIS n 
1 5   LEU n 
1 6   THR n 
1 7   ALA n 
1 8   LYS n 
1 9   THR n 
1 10  GLY n 
1 11  SER n 
1 12  ARG n 
1 13  SER n 
1 14  GLY n 
1 15  GLY n 
1 16  GLN n 
1 17  SER n 
1 18  ALA n 
1 19  ARG n 
1 20  ALA n 
1 21  LYS n 
1 22  ALA n 
1 23  ASP n 
1 24  TYR n 
1 25  ILE n 
1 26  GLN n 
1 27  ARG n 
1 28  GLU n 
1 29  GLY n 
1 30  LYS n 
1 31  TYR n 
1 32  ALA n 
1 33  ARG n 
1 34  ASP n 
1 35  MET n 
1 36  ASP n 
1 37  GLU n 
1 38  VAL n 
1 39  LEU n 
1 40  HIS n 
1 41  ALA n 
1 42  GLU n 
1 43  SER n 
1 44  GLY n 
1 45  HIS n 
1 46  MET n 
1 47  PRO n 
1 48  GLU n 
1 49  PHE n 
1 50  VAL n 
1 51  GLU n 
1 52  ARG n 
1 53  PRO n 
1 54  ALA n 
1 55  ASP n 
1 56  TYR n 
1 57  TRP n 
1 58  ASP n 
1 59  ALA n 
1 60  ALA n 
1 61  ASP n 
1 62  LEU n 
1 63  TYR n 
1 64  GLU n 
1 65  ARG n 
1 66  ALA n 
1 67  ASN n 
1 68  GLY n 
1 69  ARG n 
1 70  LEU n 
1 71  PHE n 
1 72  LYS n 
1 73  GLU n 
1 74  VAL n 
1 75  GLU n 
1 76  PHE n 
1 77  ALA n 
1 78  LEU n 
1 79  PRO n 
1 80  VAL n 
1 81  GLU n 
1 82  LEU n 
1 83  THR n 
1 84  LEU n 
1 85  ASP n 
1 86  GLN n 
1 87  GLN n 
1 88  LYS n 
1 89  ALA n 
1 90  LEU n 
1 91  ALA n 
1 92  SER n 
1 93  GLU n 
1 94  PHE n 
1 95  ALA n 
1 96  GLN n 
1 97  HIS n 
1 98  LEU n 
1 99  THR n 
1 100 GLY n 
1 101 ALA n 
1 102 GLU n 
1 103 ARG n 
1 104 LEU n 
1 105 PRO n 
1 106 TYR n 
1 107 THR n 
1 108 LEU n 
1 109 ALA n 
1 110 ILE n 
1 111 HIS n 
1 112 ALA n 
1 113 GLY n 
1 114 GLY n 
1 115 GLY n 
1 116 GLU n 
1 117 ASN n 
1 118 PRO n 
1 119 HIS n 
1 120 CYS n 
1 121 HIS n 
1 122 LEU n 
1 123 MET n 
1 124 ILE n 
1 125 SER n 
1 126 GLU n 
1 127 ARG n 
1 128 ILE n 
1 129 ASN n 
1 130 ASP n 
1 131 GLY n 
1 132 ILE n 
1 133 GLU n 
1 134 ARG n 
1 135 PRO n 
1 136 ALA n 
1 137 ALA n 
1 138 GLN n 
1 139 TRP n 
1 140 PHE n 
1 141 LYS n 
1 142 ARG n 
1 143 TYR n 
1 144 ASN n 
1 145 GLY n 
1 146 LYS n 
1 147 THR n 
1 148 PRO n 
1 149 GLU n 
1 150 LYS n 
1 151 GLY n 
1 152 GLY n 
1 153 ALA n 
1 154 GLN n 
1 155 LYS n 
1 156 THR n 
1 157 GLU n 
1 158 ALA n 
1 159 LEU n 
1 160 LYS n 
1 161 PRO n 
1 162 LYS n 
1 163 ALA n 
1 164 TRP n 
1 165 LEU n 
1 166 GLU n 
1 167 GLN n 
1 168 THR n 
1 169 ARG n 
1 170 GLU n 
1 171 ALA n 
1 172 TRP n 
1 173 ALA n 
1 174 ASP n 
1 175 HIS n 
1 176 ALA n 
1 177 ASN n 
1 178 ARG n 
1 179 ALA n 
1 180 LEU n 
1 181 GLU n 
1 182 ARG n 
1 183 ALA n 
1 184 GLY n 
1 185 HIS n 
# 
_entity_src_gen.entity_id                          1 
_entity_src_gen.pdbx_src_id                        1 
_entity_src_gen.pdbx_alt_source_flag               sample 
_entity_src_gen.pdbx_seq_type                      ? 
_entity_src_gen.pdbx_beg_seq_num                   ? 
_entity_src_gen.pdbx_end_seq_num                   ? 
_entity_src_gen.gene_src_common_name               ? 
_entity_src_gen.gene_src_genus                     Pseudomonas 
_entity_src_gen.pdbx_gene_src_gene                 mobA 
_entity_src_gen.gene_src_species                   ? 
_entity_src_gen.gene_src_strain                    ? 
_entity_src_gen.gene_src_tissue                    ? 
_entity_src_gen.gene_src_tissue_fraction           ? 
_entity_src_gen.gene_src_details                   ? 
_entity_src_gen.pdbx_gene_src_fragment             ? 
_entity_src_gen.pdbx_gene_src_scientific_name      'Pseudomonas aeruginosa' 
_entity_src_gen.pdbx_gene_src_ncbi_taxonomy_id     287 
_entity_src_gen.pdbx_gene_src_variant              ? 
_entity_src_gen.pdbx_gene_src_cell_line            ? 
_entity_src_gen.pdbx_gene_src_atcc                 ? 
_entity_src_gen.pdbx_gene_src_organ                ? 
_entity_src_gen.pdbx_gene_src_organelle            ? 
_entity_src_gen.pdbx_gene_src_cell                 ? 
_entity_src_gen.pdbx_gene_src_cellular_location    ? 
_entity_src_gen.host_org_common_name               ? 
_entity_src_gen.pdbx_host_org_scientific_name      'Escherichia coli' 
_entity_src_gen.pdbx_host_org_ncbi_taxonomy_id     562 
_entity_src_gen.host_org_genus                     Escherichia 
_entity_src_gen.pdbx_host_org_gene                 ? 
_entity_src_gen.pdbx_host_org_organ                ? 
_entity_src_gen.host_org_species                   ? 
_entity_src_gen.pdbx_host_org_tissue               ? 
_entity_src_gen.pdbx_host_org_tissue_fraction      ? 
_entity_src_gen.pdbx_host_org_strain               'K-12 strain ER2566' 
_entity_src_gen.pdbx_host_org_variant              ? 
_entity_src_gen.pdbx_host_org_cell_line            ? 
_entity_src_gen.pdbx_host_org_atcc                 ? 
_entity_src_gen.pdbx_host_org_culture_collection   ? 
_entity_src_gen.pdbx_host_org_cell                 ? 
_entity_src_gen.pdbx_host_org_organelle            ? 
_entity_src_gen.pdbx_host_org_cellular_location    ? 
_entity_src_gen.pdbx_host_org_vector_type          PLASMID 
_entity_src_gen.pdbx_host_org_vector               ? 
_entity_src_gen.host_org_details                   ? 
_entity_src_gen.expression_system_id               ? 
_entity_src_gen.plasmid_name                       PTYB2 
_entity_src_gen.plasmid_details                    ? 
_entity_src_gen.pdbx_description                   ? 
# 
loop_
_chem_comp.id 
_chem_comp.type 
_chem_comp.mon_nstd_flag 
_chem_comp.name 
_chem_comp.pdbx_synonyms 
_chem_comp.formula 
_chem_comp.formula_weight 
ALA 'L-peptide linking' y ALANINE              ? 'C3 H7 N O2'     89.093  
ARG 'L-peptide linking' y ARGININE             ? 'C6 H15 N4 O2 1' 175.209 
ASN 'L-peptide linking' y ASPARAGINE           ? 'C4 H8 N2 O3'    132.118 
ASP 'L-peptide linking' y 'ASPARTIC ACID'      ? 'C4 H7 N O4'     133.103 
CYS 'L-peptide linking' y CYSTEINE             ? 'C3 H7 N O2 S'   121.158 
GLN 'L-peptide linking' y GLUTAMINE            ? 'C5 H10 N2 O3'   146.144 
GLU 'L-peptide linking' y 'GLUTAMIC ACID'      ? 'C5 H9 N O4'     147.129 
GLY 'peptide linking'   y GLYCINE              ? 'C2 H5 N O2'     75.067  
HIS 'L-peptide linking' y HISTIDINE            ? 'C6 H10 N3 O2 1' 156.162 
HOH non-polymer         . WATER                ? 'H2 O'           18.015  
ILE 'L-peptide linking' y ISOLEUCINE           ? 'C6 H13 N O2'    131.173 
LEU 'L-peptide linking' y LEUCINE              ? 'C6 H13 N O2'    131.173 
LYS 'L-peptide linking' y LYSINE               ? 'C6 H15 N2 O2 1' 147.195 
MET 'L-peptide linking' y METHIONINE           ? 'C5 H11 N O2 S'  149.211 
MN  non-polymer         . 'MANGANESE (II) ION' ? 'Mn 2'           54.938  
PHE 'L-peptide linking' y PHENYLALANINE        ? 'C9 H11 N O2'    165.189 
PRO 'L-peptide linking' y PROLINE              ? 'C5 H9 N O2'     115.130 
SER 'L-peptide linking' y SERINE               ? 'C3 H7 N O3'     105.093 
THR 'L-peptide linking' y THREONINE            ? 'C4 H9 N O3'     119.119 
TRP 'L-peptide linking' y TRYPTOPHAN           ? 'C11 H12 N2 O2'  204.225 
TYR 'L-peptide linking' y TYROSINE             ? 'C9 H11 N O3'    181.189 
VAL 'L-peptide linking' y VALINE               ? 'C5 H11 N O2'    117.146 
# 
loop_
_pdbx_poly_seq_scheme.asym_id 
_pdbx_poly_seq_scheme.entity_id 
_pdbx_poly_seq_scheme.seq_id 
_pdbx_poly_seq_scheme.mon_id 
_pdbx_poly_seq_scheme.ndb_seq_num 
_pdbx_poly_seq_scheme.pdb_seq_num 
_pdbx_poly_seq_scheme.auth_seq_num 
_pdbx_poly_seq_scheme.pdb_mon_id 
_pdbx_poly_seq_scheme.auth_mon_id 
_pdbx_poly_seq_scheme.pdb_strand_id 
_pdbx_poly_seq_scheme.pdb_ins_code 
_pdbx_poly_seq_scheme.hetero 
A 1 1   ALA 1   2   2   ALA ALA A . n 
A 1 2   ILE 2   3   3   ILE ILE A . n 
A 1 3   TYR 3   4   4   TYR TYR A . n 
A 1 4   HIS 4   5   5   HIS HIS A . n 
A 1 5   LEU 5   6   6   LEU LEU A . n 
A 1 6   THR 6   7   7   THR THR A . n 
A 1 7   ALA 7   8   8   ALA ALA A . n 
A 1 8   LYS 8   9   9   LYS LYS A . n 
A 1 9   THR 9   10  10  THR THR A . n 
A 1 10  GLY 10  11  11  GLY GLY A . n 
A 1 11  SER 11  12  12  SER SER A . n 
A 1 12  ARG 12  13  ?   ?   ?   A . n 
A 1 13  SER 13  14  ?   ?   ?   A . n 
A 1 14  GLY 14  15  15  GLY GLY A . n 
A 1 15  GLY 15  16  16  GLY GLY A . n 
A 1 16  GLN 16  17  17  GLN ALA A . n 
A 1 17  SER 17  18  18  SER SER A . n 
A 1 18  ALA 18  19  19  ALA ALA A . n 
A 1 19  ARG 19  20  20  ARG ARG A . n 
A 1 20  ALA 20  21  21  ALA ALA A . n 
A 1 21  LYS 21  22  22  LYS LYS A . n 
A 1 22  ALA 22  23  23  ALA ALA A . n 
A 1 23  ASP 23  24  24  ASP ASP A . n 
A 1 24  TYR 24  25  25  TYR TYR A . n 
A 1 25  ILE 25  26  26  ILE ILE A . n 
A 1 26  GLN 26  27  27  GLN GLN A . n 
A 1 27  ARG 27  28  28  ARG ARG A . n 
A 1 28  GLU 28  29  29  GLU GLU A . n 
A 1 29  GLY 29  30  30  GLY GLY A . n 
A 1 30  LYS 30  31  31  LYS LYS A . n 
A 1 31  TYR 31  32  32  TYR TYR A . n 
A 1 32  ALA 32  33  33  ALA ALA A . n 
A 1 33  ARG 33  34  34  ARG ARG A . n 
A 1 34  ASP 34  35  35  ASP ASP A . n 
A 1 35  MET 35  36  36  MET MET A . n 
A 1 36  ASP 36  37  37  ASP ASP A . n 
A 1 37  GLU 37  38  38  GLU GLU A . n 
A 1 38  VAL 38  39  39  VAL VAL A . n 
A 1 39  LEU 39  40  40  LEU LEU A . n 
A 1 40  HIS 40  41  41  HIS HIS A . n 
A 1 41  ALA 41  42  42  ALA ALA A . n 
A 1 42  GLU 42  43  43  GLU GLU A . n 
A 1 43  SER 43  44  44  SER SER A . n 
A 1 44  GLY 44  45  45  GLY GLY A . n 
A 1 45  HIS 45  46  46  HIS HIS A . n 
A 1 46  MET 46  47  47  MET MET A . n 
A 1 47  PRO 47  48  48  PRO PRO A . n 
A 1 48  GLU 48  49  49  GLU GLU A . n 
A 1 49  PHE 49  50  50  PHE PHE A . n 
A 1 50  VAL 50  51  51  VAL VAL A . n 
A 1 51  GLU 51  52  52  GLU GLU A . n 
A 1 52  ARG 52  53  53  ARG ARG A . n 
A 1 53  PRO 53  54  54  PRO PRO A . n 
A 1 54  ALA 54  55  55  ALA ALA A . n 
A 1 55  ASP 55  56  56  ASP ASP A . n 
A 1 56  TYR 56  57  57  TYR TYR A . n 
A 1 57  TRP 57  58  58  TRP TRP A . n 
A 1 58  ASP 58  59  59  ASP ASP A . n 
A 1 59  ALA 59  60  60  ALA ALA A . n 
A 1 60  ALA 60  61  61  ALA ALA A . n 
A 1 61  ASP 61  62  62  ASP ASP A . n 
A 1 62  LEU 62  63  63  LEU LEU A . n 
A 1 63  TYR 63  64  64  TYR TYR A . n 
A 1 64  GLU 64  65  65  GLU GLU A . n 
A 1 65  ARG 65  66  66  ARG ARG A . n 
A 1 66  ALA 66  67  67  ALA ALA A . n 
A 1 67  ASN 67  68  68  ASN ASN A . n 
A 1 68  GLY 68  69  69  GLY GLY A . n 
A 1 69  ARG 69  70  70  ARG ARG A . n 
A 1 70  LEU 70  71  71  LEU LEU A . n 
A 1 71  PHE 71  72  72  PHE PHE A . n 
A 1 72  LYS 72  73  73  LYS LYS A . n 
A 1 73  GLU 73  74  74  GLU GLU A . n 
A 1 74  VAL 74  75  75  VAL VAL A . n 
A 1 75  GLU 75  76  76  GLU GLU A . n 
A 1 76  PHE 76  77  77  PHE PHE A . n 
A 1 77  ALA 77  78  78  ALA ALA A . n 
A 1 78  LEU 78  79  79  LEU LEU A . n 
A 1 79  PRO 79  80  80  PRO PRO A . n 
A 1 80  VAL 80  81  81  VAL VAL A . n 
A 1 81  GLU 81  82  82  GLU GLU A . n 
A 1 82  LEU 82  83  83  LEU LEU A . n 
A 1 83  THR 83  84  84  THR THR A . n 
A 1 84  LEU 84  85  85  LEU LEU A . n 
A 1 85  ASP 85  86  86  ASP ASP A . n 
A 1 86  GLN 86  87  87  GLN GLN A . n 
A 1 87  GLN 87  88  88  GLN GLN A . n 
A 1 88  LYS 88  89  89  LYS LYS A . n 
A 1 89  ALA 89  90  90  ALA ALA A . n 
A 1 90  LEU 90  91  91  LEU LEU A . n 
A 1 91  ALA 91  92  92  ALA ALA A . n 
A 1 92  SER 92  93  93  SER SER A . n 
A 1 93  GLU 93  94  94  GLU GLU A . n 
A 1 94  PHE 94  95  95  PHE PHE A . n 
A 1 95  ALA 95  96  96  ALA ALA A . n 
A 1 96  GLN 96  97  97  GLN GLN A . n 
A 1 97  HIS 97  98  98  HIS HIS A . n 
A 1 98  LEU 98  99  99  LEU LEU A . n 
A 1 99  THR 99  100 100 THR THR A . n 
A 1 100 GLY 100 101 101 GLY GLY A . n 
A 1 101 ALA 101 102 102 ALA ALA A . n 
A 1 102 GLU 102 103 103 GLU GLU A . n 
A 1 103 ARG 103 104 104 ARG ARG A . n 
A 1 104 LEU 104 105 105 LEU LEU A . n 
A 1 105 PRO 105 106 106 PRO PRO A . n 
A 1 106 TYR 106 107 107 TYR TYR A . n 
A 1 107 THR 107 108 108 THR THR A . n 
A 1 108 LEU 108 109 109 LEU LEU A . n 
A 1 109 ALA 109 110 110 ALA ALA A . n 
A 1 110 ILE 110 111 111 ILE ILE A . n 
A 1 111 HIS 111 112 112 HIS HIS A . n 
A 1 112 ALA 112 113 113 ALA ALA A . n 
A 1 113 GLY 113 114 114 GLY GLY A . n 
A 1 114 GLY 114 115 115 GLY GLY A . n 
A 1 115 GLY 115 116 116 GLY GLY A . n 
A 1 116 GLU 116 117 117 GLU GLU A . n 
A 1 117 ASN 117 118 118 ASN ASN A . n 
A 1 118 PRO 118 119 119 PRO PRO A . n 
A 1 119 HIS 119 120 120 HIS HIS A . n 
A 1 120 CYS 120 121 121 CYS CYS A . n 
A 1 121 HIS 121 122 122 HIS HIS A . n 
A 1 122 LEU 122 123 123 LEU LEU A . n 
A 1 123 MET 123 124 124 MET MET A . n 
A 1 124 ILE 124 125 125 ILE ILE A . n 
A 1 125 SER 125 126 126 SER SER A . n 
A 1 126 GLU 126 127 127 GLU GLU A . n 
A 1 127 ARG 127 128 128 ARG ARG A . n 
A 1 128 ILE 128 129 129 ILE ILE A . n 
A 1 129 ASN 129 130 130 ASN ASN A . n 
A 1 130 ASP 130 131 131 ASP ASP A . n 
A 1 131 GLY 131 132 132 GLY GLY A . n 
A 1 132 ILE 132 133 133 ILE ILE A . n 
A 1 133 GLU 133 134 134 GLU GLU A . n 
A 1 134 ARG 134 135 135 ARG ARG A . n 
A 1 135 PRO 135 136 136 PRO PRO A . n 
A 1 136 ALA 136 137 137 ALA ALA A . n 
A 1 137 ALA 137 138 138 ALA ALA A . n 
A 1 138 GLN 138 139 139 GLN GLN A . n 
A 1 139 TRP 139 140 140 TRP TRP A . n 
A 1 140 PHE 140 141 141 PHE PHE A . n 
A 1 141 LYS 141 142 142 LYS LYS A . n 
A 1 142 ARG 142 143 143 ARG ARG A . n 
A 1 143 TYR 143 144 144 TYR TYR A . n 
A 1 144 ASN 144 145 145 ASN ASN A . n 
A 1 145 GLY 145 146 146 GLY GLY A . n 
A 1 146 LYS 146 147 147 LYS LYS A . n 
A 1 147 THR 147 148 148 THR THR A . n 
A 1 148 PRO 148 149 149 PRO PRO A . n 
A 1 149 GLU 149 150 150 GLU GLU A . n 
A 1 150 LYS 150 151 151 LYS LYS A . n 
A 1 151 GLY 151 152 152 GLY GLY A . n 
A 1 152 GLY 152 153 153 GLY GLY A . n 
A 1 153 ALA 153 154 154 ALA ALA A . n 
A 1 154 GLN 154 155 155 GLN GLN A . n 
A 1 155 LYS 155 156 156 LYS LYS A . n 
A 1 156 THR 156 157 157 THR THR A . n 
A 1 157 GLU 157 158 158 GLU GLU A . n 
A 1 158 ALA 158 159 159 ALA ALA A . n 
A 1 159 LEU 159 160 160 LEU LEU A . n 
A 1 160 LYS 160 161 161 LYS LYS A . n 
A 1 161 PRO 161 162 162 PRO PRO A . n 
A 1 162 LYS 162 163 163 LYS ALA A . n 
A 1 163 ALA 163 164 164 ALA ALA A . n 
A 1 164 TRP 164 165 165 TRP TRP A . n 
A 1 165 LEU 165 166 166 LEU LEU A . n 
A 1 166 GLU 166 167 167 GLU GLU A . n 
A 1 167 GLN 167 168 168 GLN GLN A . n 
A 1 168 THR 168 169 169 THR THR A . n 
A 1 169 ARG 169 170 170 ARG ARG A . n 
A 1 170 GLU 170 171 171 GLU GLU A . n 
A 1 171 ALA 171 172 172 ALA ALA A . n 
A 1 172 TRP 172 173 173 TRP TRP A . n 
A 1 173 ALA 173 174 174 ALA ALA A . n 
A 1 174 ASP 174 175 175 ASP ASP A . n 
A 1 175 HIS 175 176 176 HIS HIS A . n 
A 1 176 ALA 176 177 177 ALA ALA A . n 
A 1 177 ASN 177 178 178 ASN ASN A . n 
A 1 178 ARG 178 179 179 ARG ARG A . n 
A 1 179 ALA 179 180 180 ALA ALA A . n 
A 1 180 LEU 180 181 181 LEU LEU A . n 
A 1 181 GLU 181 182 182 GLU GLU A . n 
A 1 182 ARG 182 183 183 ARG ARG A . n 
A 1 183 ALA 183 184 184 ALA ALA A . n 
A 1 184 GLY 184 185 185 GLY GLY A . n 
A 1 185 HIS 185 186 186 HIS HIS A . n 
# 
loop_
_pdbx_nonpoly_scheme.asym_id 
_pdbx_nonpoly_scheme.entity_id 
_pdbx_nonpoly_scheme.mon_id 
_pdbx_nonpoly_scheme.ndb_seq_num 
_pdbx_nonpoly_scheme.pdb_seq_num 
_pdbx_nonpoly_scheme.auth_seq_num 
_pdbx_nonpoly_scheme.pdb_mon_id 
_pdbx_nonpoly_scheme.auth_mon_id 
_pdbx_nonpoly_scheme.pdb_strand_id 
_pdbx_nonpoly_scheme.pdb_ins_code 
B 2 MN  1   1001 1001 MN  MN  A . 
C 2 MN  1   1002 1002 MN  MN  A . 
D 2 MN  1   1003 1003 MN  MN  A . 
E 3 HOH 1   1004 1    HOH WAT A . 
E 3 HOH 2   1005 2    HOH WAT A . 
E 3 HOH 3   1006 3    HOH WAT A . 
E 3 HOH 4   1007 4    HOH WAT A . 
E 3 HOH 5   1008 5    HOH WAT A . 
E 3 HOH 6   1009 6    HOH WAT A . 
E 3 HOH 7   1010 7    HOH WAT A . 
E 3 HOH 8   1011 8    HOH WAT A . 
E 3 HOH 9   1012 9    HOH WAT A . 
E 3 HOH 10  1013 10   HOH WAT A . 
E 3 HOH 11  1014 11   HOH WAT A . 
E 3 HOH 12  1015 12   HOH WAT A . 
E 3 HOH 13  1016 13   HOH WAT A . 
E 3 HOH 14  1017 14   HOH WAT A . 
E 3 HOH 15  1018 15   HOH WAT A . 
E 3 HOH 16  1019 16   HOH WAT A . 
E 3 HOH 17  1020 17   HOH WAT A . 
E 3 HOH 18  1021 18   HOH WAT A . 
E 3 HOH 19  1022 19   HOH WAT A . 
E 3 HOH 20  1023 20   HOH WAT A . 
E 3 HOH 21  1024 21   HOH WAT A . 
E 3 HOH 22  1025 22   HOH WAT A . 
E 3 HOH 23  1026 23   HOH WAT A . 
E 3 HOH 24  1027 24   HOH WAT A . 
E 3 HOH 25  1028 25   HOH WAT A . 
E 3 HOH 26  1029 26   HOH WAT A . 
E 3 HOH 27  1030 27   HOH WAT A . 
E 3 HOH 28  1031 28   HOH WAT A . 
E 3 HOH 29  1032 29   HOH WAT A . 
E 3 HOH 30  1033 30   HOH WAT A . 
E 3 HOH 31  1034 31   HOH WAT A . 
E 3 HOH 32  1035 32   HOH WAT A . 
E 3 HOH 33  1036 33   HOH WAT A . 
E 3 HOH 34  1037 34   HOH WAT A . 
E 3 HOH 35  1038 35   HOH WAT A . 
E 3 HOH 36  1039 36   HOH WAT A . 
E 3 HOH 37  1040 37   HOH WAT A . 
E 3 HOH 38  1041 38   HOH WAT A . 
E 3 HOH 39  1042 39   HOH WAT A . 
E 3 HOH 40  1043 40   HOH WAT A . 
E 3 HOH 41  1044 41   HOH WAT A . 
E 3 HOH 42  1045 42   HOH WAT A . 
E 3 HOH 43  1046 43   HOH WAT A . 
E 3 HOH 44  1047 44   HOH WAT A . 
E 3 HOH 45  1048 45   HOH WAT A . 
E 3 HOH 46  1049 46   HOH WAT A . 
E 3 HOH 47  1050 47   HOH WAT A . 
E 3 HOH 48  1051 48   HOH WAT A . 
E 3 HOH 49  1052 49   HOH WAT A . 
E 3 HOH 50  1053 50   HOH WAT A . 
E 3 HOH 51  1054 51   HOH WAT A . 
E 3 HOH 52  1055 52   HOH WAT A . 
E 3 HOH 53  1056 53   HOH WAT A . 
E 3 HOH 54  1057 54   HOH WAT A . 
E 3 HOH 55  1058 55   HOH WAT A . 
E 3 HOH 56  1059 56   HOH WAT A . 
E 3 HOH 57  1060 57   HOH WAT A . 
E 3 HOH 58  1061 58   HOH WAT A . 
E 3 HOH 59  1062 59   HOH WAT A . 
E 3 HOH 60  1063 61   HOH WAT A . 
E 3 HOH 61  1064 62   HOH WAT A . 
E 3 HOH 62  1065 63   HOH WAT A . 
E 3 HOH 63  1066 64   HOH WAT A . 
E 3 HOH 64  1067 65   HOH WAT A . 
E 3 HOH 65  1068 66   HOH WAT A . 
E 3 HOH 66  1069 67   HOH WAT A . 
E 3 HOH 67  1070 68   HOH WAT A . 
E 3 HOH 68  1071 69   HOH WAT A . 
E 3 HOH 69  1072 70   HOH WAT A . 
E 3 HOH 70  1073 71   HOH WAT A . 
E 3 HOH 71  1074 72   HOH WAT A . 
E 3 HOH 72  1075 73   HOH WAT A . 
E 3 HOH 73  1076 74   HOH WAT A . 
E 3 HOH 74  1077 75   HOH WAT A . 
E 3 HOH 75  1078 76   HOH WAT A . 
E 3 HOH 76  1079 77   HOH WAT A . 
E 3 HOH 77  1080 78   HOH WAT A . 
E 3 HOH 78  1081 79   HOH WAT A . 
E 3 HOH 79  1082 80   HOH WAT A . 
E 3 HOH 80  1083 81   HOH WAT A . 
E 3 HOH 81  1084 82   HOH WAT A . 
E 3 HOH 82  1085 83   HOH WAT A . 
E 3 HOH 83  1086 84   HOH WAT A . 
E 3 HOH 84  1087 85   HOH WAT A . 
E 3 HOH 85  1088 86   HOH WAT A . 
E 3 HOH 86  1089 87   HOH WAT A . 
E 3 HOH 87  1090 88   HOH WAT A . 
E 3 HOH 88  1091 89   HOH WAT A . 
E 3 HOH 89  1092 90   HOH WAT A . 
E 3 HOH 90  1093 91   HOH WAT A . 
E 3 HOH 91  1094 92   HOH WAT A . 
E 3 HOH 92  1095 93   HOH WAT A . 
E 3 HOH 93  1096 94   HOH WAT A . 
E 3 HOH 94  1097 95   HOH WAT A . 
E 3 HOH 95  1098 96   HOH WAT A . 
E 3 HOH 96  1099 97   HOH WAT A . 
E 3 HOH 97  1100 98   HOH WAT A . 
E 3 HOH 98  1101 99   HOH WAT A . 
E 3 HOH 99  1102 100  HOH WAT A . 
E 3 HOH 100 1103 101  HOH WAT A . 
E 3 HOH 101 1104 102  HOH WAT A . 
E 3 HOH 102 1105 103  HOH WAT A . 
E 3 HOH 103 1106 104  HOH WAT A . 
E 3 HOH 104 1107 105  HOH WAT A . 
E 3 HOH 105 1108 106  HOH WAT A . 
E 3 HOH 106 1109 107  HOH WAT A . 
E 3 HOH 107 1110 108  HOH WAT A . 
E 3 HOH 108 1111 109  HOH WAT A . 
E 3 HOH 109 1112 110  HOH WAT A . 
E 3 HOH 110 1113 111  HOH WAT A . 
E 3 HOH 111 1114 112  HOH WAT A . 
# 
loop_
_pdbx_unobs_or_zero_occ_atoms.id 
_pdbx_unobs_or_zero_occ_atoms.PDB_model_num 
_pdbx_unobs_or_zero_occ_atoms.polymer_flag 
_pdbx_unobs_or_zero_occ_atoms.occupancy_flag 
_pdbx_unobs_or_zero_occ_atoms.auth_asym_id 
_pdbx_unobs_or_zero_occ_atoms.auth_comp_id 
_pdbx_unobs_or_zero_occ_atoms.auth_seq_id 
_pdbx_unobs_or_zero_occ_atoms.PDB_ins_code 
_pdbx_unobs_or_zero_occ_atoms.auth_atom_id 
_pdbx_unobs_or_zero_occ_atoms.label_alt_id 
_pdbx_unobs_or_zero_occ_atoms.label_asym_id 
_pdbx_unobs_or_zero_occ_atoms.label_comp_id 
_pdbx_unobs_or_zero_occ_atoms.label_seq_id 
_pdbx_unobs_or_zero_occ_atoms.label_atom_id 
1 1 Y 1 A SER 12  ? OG  ? A SER 11  OG  
2 1 Y 1 A GLN 17  ? CG  ? A GLN 16  CG  
3 1 Y 1 A GLN 17  ? CD  ? A GLN 16  CD  
4 1 Y 1 A GLN 17  ? OE1 ? A GLN 16  OE1 
5 1 Y 1 A GLN 17  ? NE2 ? A GLN 16  NE2 
6 1 Y 1 A LYS 163 ? CG  ? A LYS 162 CG  
7 1 Y 1 A LYS 163 ? CD  ? A LYS 162 CD  
8 1 Y 1 A LYS 163 ? CE  ? A LYS 162 CE  
9 1 Y 1 A LYS 163 ? NZ  ? A LYS 162 NZ  
# 
loop_
_software.name 
_software.version 
_software.date 
_software.type 
_software.contact_author 
_software.contact_author_email 
_software.classification 
_software.location 
_software.language 
_software.citation_id 
_software.pdbx_ordinal 
DENZO       .     ?                package 'Zbyszek Otwinowski' zbyszek@mix.swmed.edu    'data reduction'  
http://www.lnls.br/infra/linhasluz/denzo-hkl.htm ?          ? 1 
SCALEPACK   .     ?                package 'Zbyszek Otwinowski' zbyszek@mix.swmed.edu    'data scaling'    
http://www.lnls.br/infra/linhasluz/denzo-hkl.htm ?          ? 2 
CNS         .     ?                package 'Axel T. Brunger'    axel.brunger@yale.edu    refinement        
http://cns.csb.yale.edu/v1.1/                    Fortran_77 ? 3 
PDB_EXTRACT 2.000 'April. 3, 2006' package PDB                  sw-help@rcsb.rutgers.edu 'data extraction' 
http://pdb.rutgers.edu/software/                 C++        ? 4 
HKL-2000    .     ?                ?       ?                    ?                        'data reduction'  ? ?          ? 5 
SOLVE       .     ?                ?       ?                    ?                        phasing           ? ?          ? 6 
# 
_cell.length_a           47.967 
_cell.length_b           47.967 
_cell.length_c           165.927 
_cell.angle_alpha        90.000 
_cell.angle_beta         90.000 
_cell.angle_gamma        90.000 
_cell.entry_id           2NS6 
_cell.pdbx_unique_axis   ? 
_cell.Z_PDB              8 
_cell.length_a_esd       ? 
_cell.length_b_esd       ? 
_cell.length_c_esd       ? 
_cell.angle_alpha_esd    ? 
_cell.angle_beta_esd     ? 
_cell.angle_gamma_esd    ? 
# 
_symmetry.space_group_name_H-M             'P 41 21 2' 
_symmetry.entry_id                         2NS6 
_symmetry.Int_Tables_number                92 
_symmetry.pdbx_full_space_group_name_H-M   ? 
_symmetry.cell_setting                     ? 
_symmetry.space_group_name_Hall            ? 
# 
_exptl.crystals_number   1 
_exptl.entry_id          2NS6 
_exptl.method            'X-RAY DIFFRACTION' 
# 
_exptl_crystal.id                    1 
_exptl_crystal.density_Matthews      2.28 
_exptl_crystal.density_meas          ? 
_exptl_crystal.density_percent_sol   45.99 
_exptl_crystal.description           ? 
_exptl_crystal.F_000                 ? 
_exptl_crystal.preparation           ? 
# 
_exptl_crystal_grow.crystal_id      1 
_exptl_crystal_grow.method          'VAPOR DIFFUSION, SITTING DROP' 
_exptl_crystal_grow.pH              10.0 
_exptl_crystal_grow.temp            277 
_exptl_crystal_grow.temp_details    ? 
_exptl_crystal_grow.pdbx_details    
'21-27% PEG4000, 0.1 M CAPS, 0.2 M NaCl, 10 mM MnCl2, pH 10.0, VAPOR DIFFUSION, SITTING DROP, temperature 277K' 
_exptl_crystal_grow.pdbx_pH_range   . 
# 
loop_
_diffrn.id 
_diffrn.ambient_temp 
_diffrn.ambient_temp_details 
_diffrn.crystal_id 
1 100 ? 1 
2 100 ? 1 
# 
loop_
_diffrn_detector.diffrn_id 
_diffrn_detector.detector 
_diffrn_detector.type 
_diffrn_detector.pdbx_collection_date 
_diffrn_detector.details 
1 CCD 'MAR CCD 165 mm' 2005-04-22 ? 
2 CCD 'MAR CCD 165 mm' 2006-01-24 ? 
# 
loop_
_diffrn_radiation.diffrn_id 
_diffrn_radiation.wavelength_id 
_diffrn_radiation.pdbx_diffrn_protocol 
_diffrn_radiation.monochromator 
_diffrn_radiation.pdbx_monochromatic_or_laue_m_l 
_diffrn_radiation.pdbx_scattering_type 
1 1 'SINGLE WAVELENGTH' ? M x-ray 
2 2 MAD                 ? M x-ray 
# 
loop_
_diffrn_radiation_wavelength.id 
_diffrn_radiation_wavelength.wavelength 
_diffrn_radiation_wavelength.wt 
1 1.0076  1.0 
2 0.97924 1.0 
3 0.97900 1.0 
4 0.93925 1.0 
# 
loop_
_diffrn_source.diffrn_id 
_diffrn_source.source 
_diffrn_source.type 
_diffrn_source.pdbx_wavelength 
_diffrn_source.pdbx_wavelength_list 
_diffrn_source.pdbx_synchrotron_site 
_diffrn_source.pdbx_synchrotron_beamline 
1 SYNCHROTRON 'CAMD BEAMLINE GCPCC' 1.0076 ?                           CAMD GCPCC 
2 SYNCHROTRON 'CAMD BEAMLINE GCPCC' ?      '0.97924, 0.97900, 0.93925' CAMD GCPCC 
# 
_reflns.entry_id                     2NS6 
_reflns.d_resolution_high            2.100 
_reflns.d_resolution_low             20.000 
_reflns.number_obs                   11903 
_reflns.pdbx_Rmerge_I_obs            0.046 
_reflns.pdbx_netI_over_sigmaI        17.100 
_reflns.pdbx_chi_squared             0.991 
_reflns.percent_possible_obs         97.800 
_reflns.observed_criterion_sigma_F   ? 
_reflns.observed_criterion_sigma_I   ? 
_reflns.number_all                   ? 
_reflns.pdbx_Rsym_value              ? 
_reflns.B_iso_Wilson_estimate        ? 
_reflns.pdbx_redundancy              9.7 
_reflns.R_free_details               ? 
_reflns.limit_h_max                  ? 
_reflns.limit_h_min                  ? 
_reflns.limit_k_max                  ? 
_reflns.limit_k_min                  ? 
_reflns.limit_l_max                  ? 
_reflns.limit_l_min                  ? 
_reflns.observed_criterion_F_max     ? 
_reflns.observed_criterion_F_min     ? 
_reflns.pdbx_scaling_rejects         ? 
_reflns.pdbx_diffrn_id               1,2 
_reflns.pdbx_ordinal                 1 
# 
_reflns_shell.d_res_high             2.10 
_reflns_shell.d_res_low              2.17 
_reflns_shell.number_measured_obs    ? 
_reflns_shell.number_measured_all    ? 
_reflns_shell.number_unique_obs      ? 
_reflns_shell.Rmerge_I_obs           0.17 
_reflns_shell.meanI_over_sigI_obs    10.5 
_reflns_shell.pdbx_Rsym_value        ? 
_reflns_shell.pdbx_chi_squared       0.859 
_reflns_shell.pdbx_redundancy        ? 
_reflns_shell.percent_possible_obs   ? 
_reflns_shell.number_unique_all      1094 
_reflns_shell.percent_possible_all   92.90 
_reflns_shell.pdbx_diffrn_id         ? 
_reflns_shell.pdbx_ordinal           1 
# 
_refine.entry_id                                 2NS6 
_refine.ls_d_res_high                            2.100 
_refine.ls_d_res_low                             20.000 
_refine.pdbx_ls_sigma_F                          0.00 
_refine.ls_percent_reflns_obs                    96.900 
_refine.ls_number_reflns_obs                     11671 
_refine.ls_R_factor_R_work                       0.238 
_refine.ls_R_factor_R_free                       0.287 
_refine.ls_percent_reflns_R_free                 4.900 
_refine.ls_number_reflns_R_free                  587 
_refine.B_iso_mean                               22.196 
_refine.solvent_model_param_bsol                 32.353 
_refine.aniso_B[1][1]                            0.311 
_refine.aniso_B[2][2]                            0.311 
_refine.aniso_B[3][3]                            -0.622 
_refine.aniso_B[1][2]                            0.000 
_refine.aniso_B[1][3]                            0.000 
_refine.aniso_B[2][3]                            0.000 
_refine.overall_FOM_work_R_set                   0.804 
_refine.pdbx_ls_sigma_I                          ? 
_refine.ls_number_reflns_all                     ? 
_refine.ls_R_factor_all                          ? 
_refine.ls_R_factor_obs                          ? 
_refine.ls_redundancy_reflns_obs                 ? 
_refine.pdbx_data_cutoff_high_absF               ? 
_refine.pdbx_data_cutoff_low_absF                ? 
_refine.ls_number_parameters                     ? 
_refine.ls_number_restraints                     ? 
_refine.ls_R_factor_R_free_error                 ? 
_refine.ls_R_factor_R_free_error_details         ? 
_refine.pdbx_method_to_determine_struct          MAD 
_refine.pdbx_starting_model                      ? 
_refine.pdbx_ls_cross_valid_method               THROUGHOUT 
_refine.pdbx_R_Free_selection_details            random 
_refine.pdbx_stereochem_target_val_spec_case     ? 
_refine.pdbx_stereochemistry_target_values       'Engh & Huber' 
_refine.solvent_model_details                    ? 
_refine.solvent_model_param_ksol                 ? 
_refine.occupancy_max                            ? 
_refine.occupancy_min                            ? 
_refine.pdbx_isotropic_thermal_model             isotropic 
_refine.details                                  ? 
_refine.B_iso_min                                ? 
_refine.B_iso_max                                ? 
_refine.correlation_coeff_Fo_to_Fc               ? 
_refine.correlation_coeff_Fo_to_Fc_free          ? 
_refine.pdbx_solvent_vdw_probe_radii             ? 
_refine.pdbx_solvent_ion_probe_radii             ? 
_refine.pdbx_solvent_shrinkage_radii             ? 
_refine.overall_SU_R_Cruickshank_DPI             ? 
_refine.overall_SU_R_free                        ? 
_refine.overall_SU_ML                            ? 
_refine.overall_SU_B                             ? 
_refine.pdbx_overall_ESU_R_Free                  ? 
_refine.pdbx_data_cutoff_high_rms_absF           ? 
_refine.pdbx_overall_ESU_R                       ? 
_refine.ls_wR_factor_R_free                      ? 
_refine.ls_wR_factor_R_work                      ? 
_refine.overall_FOM_free_R_set                   ? 
_refine.pdbx_overall_phase_error                 ? 
_refine.pdbx_refine_id                           'X-RAY DIFFRACTION' 
_refine.pdbx_diffrn_id                           1 
_refine.pdbx_TLS_residual_ADP_flag               ? 
_refine.pdbx_overall_SU_R_free_Cruickshank_DPI   ? 
_refine.pdbx_overall_SU_R_Blow_DPI               ? 
_refine.pdbx_overall_SU_R_free_Blow_DPI          ? 
# 
_refine_hist.pdbx_refine_id                   'X-RAY DIFFRACTION' 
_refine_hist.cycle_id                         LAST 
_refine_hist.pdbx_number_atoms_protein        1442 
_refine_hist.pdbx_number_atoms_nucleic_acid   0 
_refine_hist.pdbx_number_atoms_ligand         3 
_refine_hist.number_atoms_solvent             112 
_refine_hist.number_atoms_total               1557 
_refine_hist.d_res_high                       2.100 
_refine_hist.d_res_low                        20.000 
# 
loop_
_refine_ls_restr.type 
_refine_ls_restr.number 
_refine_ls_restr.dev_ideal 
_refine_ls_restr.dev_ideal_target 
_refine_ls_restr.weight 
_refine_ls_restr.pdbx_refine_id 
_refine_ls_restr.pdbx_restraint_function 
c_bond_d     ? 0.006 ?     ? 'X-RAY DIFFRACTION' ? 
c_angle_deg  ? 1.205 ?     ? 'X-RAY DIFFRACTION' ? 
c_mcbond_it  ? 1.346 1.500 ? 'X-RAY DIFFRACTION' ? 
c_scbond_it  ? 2.019 2.000 ? 'X-RAY DIFFRACTION' ? 
c_mcangle_it ? 2.018 2.000 ? 'X-RAY DIFFRACTION' ? 
c_scangle_it ? 2.753 2.500 ? 'X-RAY DIFFRACTION' ? 
# 
loop_
_refine_ls_shell.d_res_high 
_refine_ls_shell.d_res_low 
_refine_ls_shell.pdbx_total_number_of_bins_used 
_refine_ls_shell.percent_reflns_obs 
_refine_ls_shell.number_reflns_R_work 
_refine_ls_shell.R_factor_all 
_refine_ls_shell.R_factor_R_work 
_refine_ls_shell.R_factor_R_free 
_refine_ls_shell.percent_reflns_R_free 
_refine_ls_shell.number_reflns_R_free 
_refine_ls_shell.R_factor_R_free_error 
_refine_ls_shell.number_reflns_all 
_refine_ls_shell.number_reflns_obs 
_refine_ls_shell.redundancy_reflns_obs 
_refine_ls_shell.pdbx_refine_id 
2.100 2.170  11 . 905  . 0.255 0.277 . 59 . . 964  . 'X-RAY DIFFRACTION' 
2.170 2.250  11 . 955  . 0.251 0.316 . 50 . . 1005 . 'X-RAY DIFFRACTION' 
2.250 2.330  11 . 980  . 0.249 0.339 . 48 . . 1028 . 'X-RAY DIFFRACTION' 
2.330 2.440  11 . 1004 . 0.256 0.356 . 51 . . 1055 . 'X-RAY DIFFRACTION' 
2.440 2.570  11 . 984  . 0.261 0.333 . 58 . . 1042 . 'X-RAY DIFFRACTION' 
2.570 2.730  11 . 1008 . 0.247 0.316 . 55 . . 1063 . 'X-RAY DIFFRACTION' 
2.730 2.940  11 . 1028 . 0.248 0.273 . 46 . . 1074 . 'X-RAY DIFFRACTION' 
2.940 3.230  11 . 1031 . 0.239 0.266 . 59 . . 1090 . 'X-RAY DIFFRACTION' 
3.230 3.700  11 . 1037 . 0.248 0.263 . 52 . . 1089 . 'X-RAY DIFFRACTION' 
3.700 4.650  11 . 1051 . 0.207 0.246 . 50 . . 1101 . 'X-RAY DIFFRACTION' 
4.650 20.000 11 . 1101 . 0.222 0.3   . 59 . . 1160 . 'X-RAY DIFFRACTION' 
# 
loop_
_pdbx_xplor_file.serial_no 
_pdbx_xplor_file.param_file 
_pdbx_xplor_file.topol_file 
_pdbx_xplor_file.pdbx_refine_id 
1 protein_rep.param protein.top 'X-RAY DIFFRACTION' 
2 dna-rna_rep.param dna-rna.top 'X-RAY DIFFRACTION' 
3 water_rep.param   water.top   'X-RAY DIFFRACTION' 
4 ion.param         ion.top     'X-RAY DIFFRACTION' 
# 
_struct.entry_id                  2NS6 
_struct.title                     'Crystal Structure of the Minimal Relaxase Domain of MobA from Plasmid R1162' 
_struct.pdbx_model_details        ? 
_struct.pdbx_CASP_flag            ? 
_struct.pdbx_model_type_details   ? 
# 
_struct_keywords.entry_id        2NS6 
_struct_keywords.pdbx_keywords   HYDROLASE 
_struct_keywords.text            'nickase, 5-strand antiparallel beta sheet, metalloenzyme, HYDROLASE' 
# 
loop_
_struct_asym.id 
_struct_asym.pdbx_blank_PDB_chainid_flag 
_struct_asym.pdbx_modified 
_struct_asym.entity_id 
_struct_asym.details 
A N N 1 ? 
B N N 2 ? 
C N N 2 ? 
D N N 2 ? 
E N N 3 ? 
# 
_struct_ref.id                         1 
_struct_ref.entity_id                  1 
_struct_ref.db_name                    PDB 
_struct_ref.db_code                    2NS6 
_struct_ref.pdbx_db_accession          2NS6 
_struct_ref.pdbx_db_isoform            ? 
_struct_ref.pdbx_seq_one_letter_code   ? 
_struct_ref.pdbx_align_begin           ? 
# 
_struct_ref_seq.align_id                      1 
_struct_ref_seq.ref_id                        1 
_struct_ref_seq.pdbx_PDB_id_code              2NS6 
_struct_ref_seq.pdbx_strand_id                A 
_struct_ref_seq.seq_align_beg                 1 
_struct_ref_seq.pdbx_seq_align_beg_ins_code   ? 
_struct_ref_seq.seq_align_end                 185 
_struct_ref_seq.pdbx_seq_align_end_ins_code   ? 
_struct_ref_seq.pdbx_db_accession             2NS6 
_struct_ref_seq.db_align_beg                  2 
_struct_ref_seq.pdbx_db_align_beg_ins_code    ? 
_struct_ref_seq.db_align_end                  186 
_struct_ref_seq.pdbx_db_align_end_ins_code    ? 
_struct_ref_seq.pdbx_auth_seq_align_beg       2 
_struct_ref_seq.pdbx_auth_seq_align_end       186 
# 
_pdbx_struct_assembly.id                   1 
_pdbx_struct_assembly.details              author_defined_assembly 
_pdbx_struct_assembly.method_details       ? 
_pdbx_struct_assembly.oligomeric_details   monomeric 
_pdbx_struct_assembly.oligomeric_count     1 
# 
_pdbx_struct_assembly_gen.assembly_id       1 
_pdbx_struct_assembly_gen.oper_expression   1 
_pdbx_struct_assembly_gen.asym_id_list      A,B,C,D,E 
# 
_pdbx_struct_oper_list.id                   1 
_pdbx_struct_oper_list.type                 'identity operation' 
_pdbx_struct_oper_list.name                 1_555 
_pdbx_struct_oper_list.symmetry_operation   x,y,z 
_pdbx_struct_oper_list.matrix[1][1]         1.0000000000 
_pdbx_struct_oper_list.matrix[1][2]         0.0000000000 
_pdbx_struct_oper_list.matrix[1][3]         0.0000000000 
_pdbx_struct_oper_list.vector[1]            0.0000000000 
_pdbx_struct_oper_list.matrix[2][1]         0.0000000000 
_pdbx_struct_oper_list.matrix[2][2]         1.0000000000 
_pdbx_struct_oper_list.matrix[2][3]         0.0000000000 
_pdbx_struct_oper_list.vector[2]            0.0000000000 
_pdbx_struct_oper_list.matrix[3][1]         0.0000000000 
_pdbx_struct_oper_list.matrix[3][2]         0.0000000000 
_pdbx_struct_oper_list.matrix[3][3]         1.0000000000 
_pdbx_struct_oper_list.vector[3]            0.0000000000 
# 
loop_
_struct_conf.conf_type_id 
_struct_conf.id 
_struct_conf.pdbx_PDB_helix_id 
_struct_conf.beg_label_comp_id 
_struct_conf.beg_label_asym_id 
_struct_conf.beg_label_seq_id 
_struct_conf.pdbx_beg_PDB_ins_code 
_struct_conf.end_label_comp_id 
_struct_conf.end_label_asym_id 
_struct_conf.end_label_seq_id 
_struct_conf.pdbx_end_PDB_ins_code 
_struct_conf.beg_auth_comp_id 
_struct_conf.beg_auth_asym_id 
_struct_conf.beg_auth_seq_id 
_struct_conf.end_auth_comp_id 
_struct_conf.end_auth_asym_id 
_struct_conf.end_auth_seq_id 
_struct_conf.pdbx_PDB_helix_class 
_struct_conf.details 
_struct_conf.pdbx_PDB_helix_length 
HELX_P HELX_P1 1 SER A 17  ? ARG A 27  ? SER A 18  ARG A 28  1 ? 11 
HELX_P HELX_P2 2 GLU A 28  ? ASP A 34  ? GLU A 29  ASP A 35  5 ? 7  
HELX_P HELX_P3 3 ARG A 52  ? GLU A 64  ? ARG A 53  GLU A 65  1 ? 13 
HELX_P HELX_P4 4 THR A 83  ? GLY A 100 ? THR A 84  GLY A 101 1 ? 18 
HELX_P HELX_P5 5 PRO A 135 ? PHE A 140 ? PRO A 136 PHE A 141 1 ? 6  
HELX_P HELX_P6 6 THR A 147 ? GLY A 151 ? THR A 148 GLY A 152 5 ? 5  
HELX_P HELX_P7 7 ALA A 163 ? ARG A 182 ? ALA A 164 ARG A 183 1 ? 20 
# 
_struct_conf_type.id          HELX_P 
_struct_conf_type.criteria    ? 
_struct_conf_type.reference   ? 
# 
loop_
_struct_conn.id 
_struct_conn.conn_type_id 
_struct_conn.pdbx_leaving_atom_flag 
_struct_conn.pdbx_PDB_id 
_struct_conn.ptnr1_label_asym_id 
_struct_conn.ptnr1_label_comp_id 
_struct_conn.ptnr1_label_seq_id 
_struct_conn.ptnr1_label_atom_id 
_struct_conn.pdbx_ptnr1_label_alt_id 
_struct_conn.pdbx_ptnr1_PDB_ins_code 
_struct_conn.pdbx_ptnr1_standard_comp_id 
_struct_conn.ptnr1_symmetry 
_struct_conn.ptnr2_label_asym_id 
_struct_conn.ptnr2_label_comp_id 
_struct_conn.ptnr2_label_seq_id 
_struct_conn.ptnr2_label_atom_id 
_struct_conn.pdbx_ptnr2_label_alt_id 
_struct_conn.pdbx_ptnr2_PDB_ins_code 
_struct_conn.ptnr1_auth_asym_id 
_struct_conn.ptnr1_auth_comp_id 
_struct_conn.ptnr1_auth_seq_id 
_struct_conn.ptnr2_auth_asym_id 
_struct_conn.ptnr2_auth_comp_id 
_struct_conn.ptnr2_auth_seq_id 
_struct_conn.ptnr2_symmetry 
_struct_conn.pdbx_ptnr3_label_atom_id 
_struct_conn.pdbx_ptnr3_label_seq_id 
_struct_conn.pdbx_ptnr3_label_comp_id 
_struct_conn.pdbx_ptnr3_label_asym_id 
_struct_conn.pdbx_ptnr3_label_alt_id 
_struct_conn.pdbx_ptnr3_PDB_ins_code 
_struct_conn.details 
_struct_conn.pdbx_dist_value 
_struct_conn.pdbx_value_order 
_struct_conn.pdbx_role 
metalc1 metalc ? ? B MN . MN ? ? ? 1_555 E HOH . O ? ? A MN 1001 A HOH 1024 1_555 ? ? ? ? ? ? ? 2.371 ? ? 
metalc2 metalc ? ? C MN . MN ? ? ? 1_555 E HOH . O ? ? A MN 1002 A HOH 1025 1_555 ? ? ? ? ? ? ? 2.500 ? ? 
# 
_struct_conn_type.id          metalc 
_struct_conn_type.criteria    ? 
_struct_conn_type.reference   ? 
# 
_struct_sheet.id               A 
_struct_sheet.type             ? 
_struct_sheet.number_strands   5 
_struct_sheet.details          ? 
# 
loop_
_struct_sheet_order.sheet_id 
_struct_sheet_order.range_id_1 
_struct_sheet_order.range_id_2 
_struct_sheet_order.offset 
_struct_sheet_order.sense 
A 1 2 ? anti-parallel 
A 2 3 ? anti-parallel 
A 3 4 ? anti-parallel 
A 4 5 ? anti-parallel 
# 
loop_
_struct_sheet_range.sheet_id 
_struct_sheet_range.id 
_struct_sheet_range.beg_label_comp_id 
_struct_sheet_range.beg_label_asym_id 
_struct_sheet_range.beg_label_seq_id 
_struct_sheet_range.pdbx_beg_PDB_ins_code 
_struct_sheet_range.end_label_comp_id 
_struct_sheet_range.end_label_asym_id 
_struct_sheet_range.end_label_seq_id 
_struct_sheet_range.pdbx_end_PDB_ins_code 
_struct_sheet_range.beg_auth_comp_id 
_struct_sheet_range.beg_auth_asym_id 
_struct_sheet_range.beg_auth_seq_id 
_struct_sheet_range.end_auth_comp_id 
_struct_sheet_range.end_auth_asym_id 
_struct_sheet_range.end_auth_seq_id 
A 1 LEU A 5   ? GLY A 10  ? LEU A 6   GLY A 11  
A 2 PHE A 71  ? ALA A 77  ? PHE A 72  ALA A 78  
A 3 ASN A 117 ? ILE A 124 ? ASN A 118 ILE A 125 
A 4 TYR A 106 ? GLY A 113 ? TYR A 107 GLY A 114 
A 5 VAL A 38  ? GLY A 44  ? VAL A 39  GLY A 45  
# 
loop_
_pdbx_struct_sheet_hbond.sheet_id 
_pdbx_struct_sheet_hbond.range_id_1 
_pdbx_struct_sheet_hbond.range_id_2 
_pdbx_struct_sheet_hbond.range_1_label_atom_id 
_pdbx_struct_sheet_hbond.range_1_label_comp_id 
_pdbx_struct_sheet_hbond.range_1_label_asym_id 
_pdbx_struct_sheet_hbond.range_1_label_seq_id 
_pdbx_struct_sheet_hbond.range_1_PDB_ins_code 
_pdbx_struct_sheet_hbond.range_1_auth_atom_id 
_pdbx_struct_sheet_hbond.range_1_auth_comp_id 
_pdbx_struct_sheet_hbond.range_1_auth_asym_id 
_pdbx_struct_sheet_hbond.range_1_auth_seq_id 
_pdbx_struct_sheet_hbond.range_2_label_atom_id 
_pdbx_struct_sheet_hbond.range_2_label_comp_id 
_pdbx_struct_sheet_hbond.range_2_label_asym_id 
_pdbx_struct_sheet_hbond.range_2_label_seq_id 
_pdbx_struct_sheet_hbond.range_2_PDB_ins_code 
_pdbx_struct_sheet_hbond.range_2_auth_atom_id 
_pdbx_struct_sheet_hbond.range_2_auth_comp_id 
_pdbx_struct_sheet_hbond.range_2_auth_asym_id 
_pdbx_struct_sheet_hbond.range_2_auth_seq_id 
A 1 2 N LYS A 8   ? N LYS A 9   O GLU A 73  ? O GLU A 74  
A 2 3 N VAL A 74  ? N VAL A 75  O LEU A 122 ? O LEU A 123 
A 3 4 O HIS A 119 ? O HIS A 120 N HIS A 111 ? N HIS A 112 
A 4 5 O LEU A 108 ? O LEU A 109 N GLU A 42  ? N GLU A 43  
# 
loop_
_struct_site.id 
_struct_site.pdbx_evidence_code 
_struct_site.pdbx_auth_asym_id 
_struct_site.pdbx_auth_comp_id 
_struct_site.pdbx_auth_seq_id 
_struct_site.pdbx_auth_ins_code 
_struct_site.pdbx_num_residues 
_struct_site.details 
AC1 Software A MN 1001 ? 4 'BINDING SITE FOR RESIDUE MN A 1001' 
AC2 Software A MN 1002 ? 3 'BINDING SITE FOR RESIDUE MN A 1002' 
AC3 Software A MN 1003 ? 3 'BINDING SITE FOR RESIDUE MN A 1003' 
# 
loop_
_struct_site_gen.id 
_struct_site_gen.site_id 
_struct_site_gen.pdbx_num_res 
_struct_site_gen.label_comp_id 
_struct_site_gen.label_asym_id 
_struct_site_gen.label_seq_id 
_struct_site_gen.pdbx_auth_ins_code 
_struct_site_gen.auth_comp_id 
_struct_site_gen.auth_asym_id 
_struct_site_gen.auth_seq_id 
_struct_site_gen.label_atom_id 
_struct_site_gen.label_alt_id 
_struct_site_gen.symmetry 
_struct_site_gen.details 
1  AC1 4 HIS A 111 ? HIS A 112  . ? 1_555 ? 
2  AC1 4 HIS A 119 ? HIS A 120  . ? 1_555 ? 
3  AC1 4 HIS A 121 ? HIS A 122  . ? 1_555 ? 
4  AC1 4 HOH E .   ? HOH A 1024 . ? 1_555 ? 
5  AC2 3 HIS A 45  ? HIS A 46   . ? 1_555 ? 
6  AC2 3 GLN A 96  ? GLN A 97   . ? 1_555 ? 
7  AC2 3 HOH E .   ? HOH A 1025 . ? 1_555 ? 
8  AC3 3 GLU A 51  ? GLU A 52   . ? 5_555 ? 
9  AC3 3 HIS A 97  ? HIS A 98   . ? 1_555 ? 
10 AC3 3 HIS A 175 ? HIS A 176  . ? 1_555 ? 
# 
loop_
_pdbx_validate_torsion.id 
_pdbx_validate_torsion.PDB_model_num 
_pdbx_validate_torsion.auth_comp_id 
_pdbx_validate_torsion.auth_asym_id 
_pdbx_validate_torsion.auth_seq_id 
_pdbx_validate_torsion.PDB_ins_code 
_pdbx_validate_torsion.label_alt_id 
_pdbx_validate_torsion.phi 
_pdbx_validate_torsion.psi 
1 1 ARG A 34 ? ? -97.48  38.22 
2 1 ASP A 35 ? ? -172.76 62.91 
3 1 ASN A 68 ? ? -88.24  31.13 
# 
_pdbx_database_remark.id     999 
_pdbx_database_remark.text   
;SEQUENCE
The sequence of this protein from Pseudomonas aeruginosa
is not available at the UNP sequence database. The UNP 
entry MBA2_ECOLI contains identical sequence isolated 
from E. coli, plasmid RSF1010.
;
# 
loop_
_pdbx_unobs_or_zero_occ_residues.id 
_pdbx_unobs_or_zero_occ_residues.PDB_model_num 
_pdbx_unobs_or_zero_occ_residues.polymer_flag 
_pdbx_unobs_or_zero_occ_residues.occupancy_flag 
_pdbx_unobs_or_zero_occ_residues.auth_asym_id 
_pdbx_unobs_or_zero_occ_residues.auth_comp_id 
_pdbx_unobs_or_zero_occ_residues.auth_seq_id 
_pdbx_unobs_or_zero_occ_residues.PDB_ins_code 
_pdbx_unobs_or_zero_occ_residues.label_asym_id 
_pdbx_unobs_or_zero_occ_residues.label_comp_id 
_pdbx_unobs_or_zero_occ_residues.label_seq_id 
1 1 Y 1 A ARG 13 ? A ARG 12 
2 1 Y 1 A SER 14 ? A SER 13 
# 
loop_
_chem_comp_atom.comp_id 
_chem_comp_atom.atom_id 
_chem_comp_atom.type_symbol 
_chem_comp_atom.pdbx_aromatic_flag 
_chem_comp_atom.pdbx_stereo_config 
_chem_comp_atom.pdbx_ordinal 
ALA N    N  N N 1   
ALA CA   C  N S 2   
ALA C    C  N N 3   
ALA O    O  N N 4   
ALA CB   C  N N 5   
ALA OXT  O  N N 6   
ALA H    H  N N 7   
ALA H2   H  N N 8   
ALA HA   H  N N 9   
ALA HB1  H  N N 10  
ALA HB2  H  N N 11  
ALA HB3  H  N N 12  
ALA HXT  H  N N 13  
ARG N    N  N N 14  
ARG CA   C  N S 15  
ARG C    C  N N 16  
ARG O    O  N N 17  
ARG CB   C  N N 18  
ARG CG   C  N N 19  
ARG CD   C  N N 20  
ARG NE   N  N N 21  
ARG CZ   C  N N 22  
ARG NH1  N  N N 23  
ARG NH2  N  N N 24  
ARG OXT  O  N N 25  
ARG H    H  N N 26  
ARG H2   H  N N 27  
ARG HA   H  N N 28  
ARG HB2  H  N N 29  
ARG HB3  H  N N 30  
ARG HG2  H  N N 31  
ARG HG3  H  N N 32  
ARG HD2  H  N N 33  
ARG HD3  H  N N 34  
ARG HE   H  N N 35  
ARG HH11 H  N N 36  
ARG HH12 H  N N 37  
ARG HH21 H  N N 38  
ARG HH22 H  N N 39  
ARG HXT  H  N N 40  
ASN N    N  N N 41  
ASN CA   C  N S 42  
ASN C    C  N N 43  
ASN O    O  N N 44  
ASN CB   C  N N 45  
ASN CG   C  N N 46  
ASN OD1  O  N N 47  
ASN ND2  N  N N 48  
ASN OXT  O  N N 49  
ASN H    H  N N 50  
ASN H2   H  N N 51  
ASN HA   H  N N 52  
ASN HB2  H  N N 53  
ASN HB3  H  N N 54  
ASN HD21 H  N N 55  
ASN HD22 H  N N 56  
ASN HXT  H  N N 57  
ASP N    N  N N 58  
ASP CA   C  N S 59  
ASP C    C  N N 60  
ASP O    O  N N 61  
ASP CB   C  N N 62  
ASP CG   C  N N 63  
ASP OD1  O  N N 64  
ASP OD2  O  N N 65  
ASP OXT  O  N N 66  
ASP H    H  N N 67  
ASP H2   H  N N 68  
ASP HA   H  N N 69  
ASP HB2  H  N N 70  
ASP HB3  H  N N 71  
ASP HD2  H  N N 72  
ASP HXT  H  N N 73  
CYS N    N  N N 74  
CYS CA   C  N R 75  
CYS C    C  N N 76  
CYS O    O  N N 77  
CYS CB   C  N N 78  
CYS SG   S  N N 79  
CYS OXT  O  N N 80  
CYS H    H  N N 81  
CYS H2   H  N N 82  
CYS HA   H  N N 83  
CYS HB2  H  N N 84  
CYS HB3  H  N N 85  
CYS HG   H  N N 86  
CYS HXT  H  N N 87  
GLN N    N  N N 88  
GLN CA   C  N S 89  
GLN C    C  N N 90  
GLN O    O  N N 91  
GLN CB   C  N N 92  
GLN CG   C  N N 93  
GLN CD   C  N N 94  
GLN OE1  O  N N 95  
GLN NE2  N  N N 96  
GLN OXT  O  N N 97  
GLN H    H  N N 98  
GLN H2   H  N N 99  
GLN HA   H  N N 100 
GLN HB2  H  N N 101 
GLN HB3  H  N N 102 
GLN HG2  H  N N 103 
GLN HG3  H  N N 104 
GLN HE21 H  N N 105 
GLN HE22 H  N N 106 
GLN HXT  H  N N 107 
GLU N    N  N N 108 
GLU CA   C  N S 109 
GLU C    C  N N 110 
GLU O    O  N N 111 
GLU CB   C  N N 112 
GLU CG   C  N N 113 
GLU CD   C  N N 114 
GLU OE1  O  N N 115 
GLU OE2  O  N N 116 
GLU OXT  O  N N 117 
GLU H    H  N N 118 
GLU H2   H  N N 119 
GLU HA   H  N N 120 
GLU HB2  H  N N 121 
GLU HB3  H  N N 122 
GLU HG2  H  N N 123 
GLU HG3  H  N N 124 
GLU HE2  H  N N 125 
GLU HXT  H  N N 126 
GLY N    N  N N 127 
GLY CA   C  N N 128 
GLY C    C  N N 129 
GLY O    O  N N 130 
GLY OXT  O  N N 131 
GLY H    H  N N 132 
GLY H2   H  N N 133 
GLY HA2  H  N N 134 
GLY HA3  H  N N 135 
GLY HXT  H  N N 136 
HIS N    N  N N 137 
HIS CA   C  N S 138 
HIS C    C  N N 139 
HIS O    O  N N 140 
HIS CB   C  N N 141 
HIS CG   C  Y N 142 
HIS ND1  N  Y N 143 
HIS CD2  C  Y N 144 
HIS CE1  C  Y N 145 
HIS NE2  N  Y N 146 
HIS OXT  O  N N 147 
HIS H    H  N N 148 
HIS H2   H  N N 149 
HIS HA   H  N N 150 
HIS HB2  H  N N 151 
HIS HB3  H  N N 152 
HIS HD1  H  N N 153 
HIS HD2  H  N N 154 
HIS HE1  H  N N 155 
HIS HE2  H  N N 156 
HIS HXT  H  N N 157 
HOH O    O  N N 158 
HOH H1   H  N N 159 
HOH H2   H  N N 160 
ILE N    N  N N 161 
ILE CA   C  N S 162 
ILE C    C  N N 163 
ILE O    O  N N 164 
ILE CB   C  N S 165 
ILE CG1  C  N N 166 
ILE CG2  C  N N 167 
ILE CD1  C  N N 168 
ILE OXT  O  N N 169 
ILE H    H  N N 170 
ILE H2   H  N N 171 
ILE HA   H  N N 172 
ILE HB   H  N N 173 
ILE HG12 H  N N 174 
ILE HG13 H  N N 175 
ILE HG21 H  N N 176 
ILE HG22 H  N N 177 
ILE HG23 H  N N 178 
ILE HD11 H  N N 179 
ILE HD12 H  N N 180 
ILE HD13 H  N N 181 
ILE HXT  H  N N 182 
LEU N    N  N N 183 
LEU CA   C  N S 184 
LEU C    C  N N 185 
LEU O    O  N N 186 
LEU CB   C  N N 187 
LEU CG   C  N N 188 
LEU CD1  C  N N 189 
LEU CD2  C  N N 190 
LEU OXT  O  N N 191 
LEU H    H  N N 192 
LEU H2   H  N N 193 
LEU HA   H  N N 194 
LEU HB2  H  N N 195 
LEU HB3  H  N N 196 
LEU HG   H  N N 197 
LEU HD11 H  N N 198 
LEU HD12 H  N N 199 
LEU HD13 H  N N 200 
LEU HD21 H  N N 201 
LEU HD22 H  N N 202 
LEU HD23 H  N N 203 
LEU HXT  H  N N 204 
LYS N    N  N N 205 
LYS CA   C  N S 206 
LYS C    C  N N 207 
LYS O    O  N N 208 
LYS CB   C  N N 209 
LYS CG   C  N N 210 
LYS CD   C  N N 211 
LYS CE   C  N N 212 
LYS NZ   N  N N 213 
LYS OXT  O  N N 214 
LYS H    H  N N 215 
LYS H2   H  N N 216 
LYS HA   H  N N 217 
LYS HB2  H  N N 218 
LYS HB3  H  N N 219 
LYS HG2  H  N N 220 
LYS HG3  H  N N 221 
LYS HD2  H  N N 222 
LYS HD3  H  N N 223 
LYS HE2  H  N N 224 
LYS HE3  H  N N 225 
LYS HZ1  H  N N 226 
LYS HZ2  H  N N 227 
LYS HZ3  H  N N 228 
LYS HXT  H  N N 229 
MET N    N  N N 230 
MET CA   C  N S 231 
MET C    C  N N 232 
MET O    O  N N 233 
MET CB   C  N N 234 
MET CG   C  N N 235 
MET SD   S  N N 236 
MET CE   C  N N 237 
MET OXT  O  N N 238 
MET H    H  N N 239 
MET H2   H  N N 240 
MET HA   H  N N 241 
MET HB2  H  N N 242 
MET HB3  H  N N 243 
MET HG2  H  N N 244 
MET HG3  H  N N 245 
MET HE1  H  N N 246 
MET HE2  H  N N 247 
MET HE3  H  N N 248 
MET HXT  H  N N 249 
MN  MN   MN N N 250 
PHE N    N  N N 251 
PHE CA   C  N S 252 
PHE C    C  N N 253 
PHE O    O  N N 254 
PHE CB   C  N N 255 
PHE CG   C  Y N 256 
PHE CD1  C  Y N 257 
PHE CD2  C  Y N 258 
PHE CE1  C  Y N 259 
PHE CE2  C  Y N 260 
PHE CZ   C  Y N 261 
PHE OXT  O  N N 262 
PHE H    H  N N 263 
PHE H2   H  N N 264 
PHE HA   H  N N 265 
PHE HB2  H  N N 266 
PHE HB3  H  N N 267 
PHE HD1  H  N N 268 
PHE HD2  H  N N 269 
PHE HE1  H  N N 270 
PHE HE2  H  N N 271 
PHE HZ   H  N N 272 
PHE HXT  H  N N 273 
PRO N    N  N N 274 
PRO CA   C  N S 275 
PRO C    C  N N 276 
PRO O    O  N N 277 
PRO CB   C  N N 278 
PRO CG   C  N N 279 
PRO CD   C  N N 280 
PRO OXT  O  N N 281 
PRO H    H  N N 282 
PRO HA   H  N N 283 
PRO HB2  H  N N 284 
PRO HB3  H  N N 285 
PRO HG2  H  N N 286 
PRO HG3  H  N N 287 
PRO HD2  H  N N 288 
PRO HD3  H  N N 289 
PRO HXT  H  N N 290 
SER N    N  N N 291 
SER CA   C  N S 292 
SER C    C  N N 293 
SER O    O  N N 294 
SER CB   C  N N 295 
SER OG   O  N N 296 
SER OXT  O  N N 297 
SER H    H  N N 298 
SER H2   H  N N 299 
SER HA   H  N N 300 
SER HB2  H  N N 301 
SER HB3  H  N N 302 
SER HG   H  N N 303 
SER HXT  H  N N 304 
THR N    N  N N 305 
THR CA   C  N S 306 
THR C    C  N N 307 
THR O    O  N N 308 
THR CB   C  N R 309 
THR OG1  O  N N 310 
THR CG2  C  N N 311 
THR OXT  O  N N 312 
THR H    H  N N 313 
THR H2   H  N N 314 
THR HA   H  N N 315 
THR HB   H  N N 316 
THR HG1  H  N N 317 
THR HG21 H  N N 318 
THR HG22 H  N N 319 
THR HG23 H  N N 320 
THR HXT  H  N N 321 
TRP N    N  N N 322 
TRP CA   C  N S 323 
TRP C    C  N N 324 
TRP O    O  N N 325 
TRP CB   C  N N 326 
TRP CG   C  Y N 327 
TRP CD1  C  Y N 328 
TRP CD2  C  Y N 329 
TRP NE1  N  Y N 330 
TRP CE2  C  Y N 331 
TRP CE3  C  Y N 332 
TRP CZ2  C  Y N 333 
TRP CZ3  C  Y N 334 
TRP CH2  C  Y N 335 
TRP OXT  O  N N 336 
TRP H    H  N N 337 
TRP H2   H  N N 338 
TRP HA   H  N N 339 
TRP HB2  H  N N 340 
TRP HB3  H  N N 341 
TRP HD1  H  N N 342 
TRP HE1  H  N N 343 
TRP HE3  H  N N 344 
TRP HZ2  H  N N 345 
TRP HZ3  H  N N 346 
TRP HH2  H  N N 347 
TRP HXT  H  N N 348 
TYR N    N  N N 349 
TYR CA   C  N S 350 
TYR C    C  N N 351 
TYR O    O  N N 352 
TYR CB   C  N N 353 
TYR CG   C  Y N 354 
TYR CD1  C  Y N 355 
TYR CD2  C  Y N 356 
TYR CE1  C  Y N 357 
TYR CE2  C  Y N 358 
TYR CZ   C  Y N 359 
TYR OH   O  N N 360 
TYR OXT  O  N N 361 
TYR H    H  N N 362 
TYR H2   H  N N 363 
TYR HA   H  N N 364 
TYR HB2  H  N N 365 
TYR HB3  H  N N 366 
TYR HD1  H  N N 367 
TYR HD2  H  N N 368 
TYR HE1  H  N N 369 
TYR HE2  H  N N 370 
TYR HH   H  N N 371 
TYR HXT  H  N N 372 
VAL N    N  N N 373 
VAL CA   C  N S 374 
VAL C    C  N N 375 
VAL O    O  N N 376 
VAL CB   C  N N 377 
VAL CG1  C  N N 378 
VAL CG2  C  N N 379 
VAL OXT  O  N N 380 
VAL H    H  N N 381 
VAL H2   H  N N 382 
VAL HA   H  N N 383 
VAL HB   H  N N 384 
VAL HG11 H  N N 385 
VAL HG12 H  N N 386 
VAL HG13 H  N N 387 
VAL HG21 H  N N 388 
VAL HG22 H  N N 389 
VAL HG23 H  N N 390 
VAL HXT  H  N N 391 
# 
loop_
_chem_comp_bond.comp_id 
_chem_comp_bond.atom_id_1 
_chem_comp_bond.atom_id_2 
_chem_comp_bond.value_order 
_chem_comp_bond.pdbx_aromatic_flag 
_chem_comp_bond.pdbx_stereo_config 
_chem_comp_bond.pdbx_ordinal 
ALA N   CA   sing N N 1   
ALA N   H    sing N N 2   
ALA N   H2   sing N N 3   
ALA CA  C    sing N N 4   
ALA CA  CB   sing N N 5   
ALA CA  HA   sing N N 6   
ALA C   O    doub N N 7   
ALA C   OXT  sing N N 8   
ALA CB  HB1  sing N N 9   
ALA CB  HB2  sing N N 10  
ALA CB  HB3  sing N N 11  
ALA OXT HXT  sing N N 12  
ARG N   CA   sing N N 13  
ARG N   H    sing N N 14  
ARG N   H2   sing N N 15  
ARG CA  C    sing N N 16  
ARG CA  CB   sing N N 17  
ARG CA  HA   sing N N 18  
ARG C   O    doub N N 19  
ARG C   OXT  sing N N 20  
ARG CB  CG   sing N N 21  
ARG CB  HB2  sing N N 22  
ARG CB  HB3  sing N N 23  
ARG CG  CD   sing N N 24  
ARG CG  HG2  sing N N 25  
ARG CG  HG3  sing N N 26  
ARG CD  NE   sing N N 27  
ARG CD  HD2  sing N N 28  
ARG CD  HD3  sing N N 29  
ARG NE  CZ   sing N N 30  
ARG NE  HE   sing N N 31  
ARG CZ  NH1  sing N N 32  
ARG CZ  NH2  doub N N 33  
ARG NH1 HH11 sing N N 34  
ARG NH1 HH12 sing N N 35  
ARG NH2 HH21 sing N N 36  
ARG NH2 HH22 sing N N 37  
ARG OXT HXT  sing N N 38  
ASN N   CA   sing N N 39  
ASN N   H    sing N N 40  
ASN N   H2   sing N N 41  
ASN CA  C    sing N N 42  
ASN CA  CB   sing N N 43  
ASN CA  HA   sing N N 44  
ASN C   O    doub N N 45  
ASN C   OXT  sing N N 46  
ASN CB  CG   sing N N 47  
ASN CB  HB2  sing N N 48  
ASN CB  HB3  sing N N 49  
ASN CG  OD1  doub N N 50  
ASN CG  ND2  sing N N 51  
ASN ND2 HD21 sing N N 52  
ASN ND2 HD22 sing N N 53  
ASN OXT HXT  sing N N 54  
ASP N   CA   sing N N 55  
ASP N   H    sing N N 56  
ASP N   H2   sing N N 57  
ASP CA  C    sing N N 58  
ASP CA  CB   sing N N 59  
ASP CA  HA   sing N N 60  
ASP C   O    doub N N 61  
ASP C   OXT  sing N N 62  
ASP CB  CG   sing N N 63  
ASP CB  HB2  sing N N 64  
ASP CB  HB3  sing N N 65  
ASP CG  OD1  doub N N 66  
ASP CG  OD2  sing N N 67  
ASP OD2 HD2  sing N N 68  
ASP OXT HXT  sing N N 69  
CYS N   CA   sing N N 70  
CYS N   H    sing N N 71  
CYS N   H2   sing N N 72  
CYS CA  C    sing N N 73  
CYS CA  CB   sing N N 74  
CYS CA  HA   sing N N 75  
CYS C   O    doub N N 76  
CYS C   OXT  sing N N 77  
CYS CB  SG   sing N N 78  
CYS CB  HB2  sing N N 79  
CYS CB  HB3  sing N N 80  
CYS SG  HG   sing N N 81  
CYS OXT HXT  sing N N 82  
GLN N   CA   sing N N 83  
GLN N   H    sing N N 84  
GLN N   H2   sing N N 85  
GLN CA  C    sing N N 86  
GLN CA  CB   sing N N 87  
GLN CA  HA   sing N N 88  
GLN C   O    doub N N 89  
GLN C   OXT  sing N N 90  
GLN CB  CG   sing N N 91  
GLN CB  HB2  sing N N 92  
GLN CB  HB3  sing N N 93  
GLN CG  CD   sing N N 94  
GLN CG  HG2  sing N N 95  
GLN CG  HG3  sing N N 96  
GLN CD  OE1  doub N N 97  
GLN CD  NE2  sing N N 98  
GLN NE2 HE21 sing N N 99  
GLN NE2 HE22 sing N N 100 
GLN OXT HXT  sing N N 101 
GLU N   CA   sing N N 102 
GLU N   H    sing N N 103 
GLU N   H2   sing N N 104 
GLU CA  C    sing N N 105 
GLU CA  CB   sing N N 106 
GLU CA  HA   sing N N 107 
GLU C   O    doub N N 108 
GLU C   OXT  sing N N 109 
GLU CB  CG   sing N N 110 
GLU CB  HB2  sing N N 111 
GLU CB  HB3  sing N N 112 
GLU CG  CD   sing N N 113 
GLU CG  HG2  sing N N 114 
GLU CG  HG3  sing N N 115 
GLU CD  OE1  doub N N 116 
GLU CD  OE2  sing N N 117 
GLU OE2 HE2  sing N N 118 
GLU OXT HXT  sing N N 119 
GLY N   CA   sing N N 120 
GLY N   H    sing N N 121 
GLY N   H2   sing N N 122 
GLY CA  C    sing N N 123 
GLY CA  HA2  sing N N 124 
GLY CA  HA3  sing N N 125 
GLY C   O    doub N N 126 
GLY C   OXT  sing N N 127 
GLY OXT HXT  sing N N 128 
HIS N   CA   sing N N 129 
HIS N   H    sing N N 130 
HIS N   H2   sing N N 131 
HIS CA  C    sing N N 132 
HIS CA  CB   sing N N 133 
HIS CA  HA   sing N N 134 
HIS C   O    doub N N 135 
HIS C   OXT  sing N N 136 
HIS CB  CG   sing N N 137 
HIS CB  HB2  sing N N 138 
HIS CB  HB3  sing N N 139 
HIS CG  ND1  sing Y N 140 
HIS CG  CD2  doub Y N 141 
HIS ND1 CE1  doub Y N 142 
HIS ND1 HD1  sing N N 143 
HIS CD2 NE2  sing Y N 144 
HIS CD2 HD2  sing N N 145 
HIS CE1 NE2  sing Y N 146 
HIS CE1 HE1  sing N N 147 
HIS NE2 HE2  sing N N 148 
HIS OXT HXT  sing N N 149 
HOH O   H1   sing N N 150 
HOH O   H2   sing N N 151 
ILE N   CA   sing N N 152 
ILE N   H    sing N N 153 
ILE N   H2   sing N N 154 
ILE CA  C    sing N N 155 
ILE CA  CB   sing N N 156 
ILE CA  HA   sing N N 157 
ILE C   O    doub N N 158 
ILE C   OXT  sing N N 159 
ILE CB  CG1  sing N N 160 
ILE CB  CG2  sing N N 161 
ILE CB  HB   sing N N 162 
ILE CG1 CD1  sing N N 163 
ILE CG1 HG12 sing N N 164 
ILE CG1 HG13 sing N N 165 
ILE CG2 HG21 sing N N 166 
ILE CG2 HG22 sing N N 167 
ILE CG2 HG23 sing N N 168 
ILE CD1 HD11 sing N N 169 
ILE CD1 HD12 sing N N 170 
ILE CD1 HD13 sing N N 171 
ILE OXT HXT  sing N N 172 
LEU N   CA   sing N N 173 
LEU N   H    sing N N 174 
LEU N   H2   sing N N 175 
LEU CA  C    sing N N 176 
LEU CA  CB   sing N N 177 
LEU CA  HA   sing N N 178 
LEU C   O    doub N N 179 
LEU C   OXT  sing N N 180 
LEU CB  CG   sing N N 181 
LEU CB  HB2  sing N N 182 
LEU CB  HB3  sing N N 183 
LEU CG  CD1  sing N N 184 
LEU CG  CD2  sing N N 185 
LEU CG  HG   sing N N 186 
LEU CD1 HD11 sing N N 187 
LEU CD1 HD12 sing N N 188 
LEU CD1 HD13 sing N N 189 
LEU CD2 HD21 sing N N 190 
LEU CD2 HD22 sing N N 191 
LEU CD2 HD23 sing N N 192 
LEU OXT HXT  sing N N 193 
LYS N   CA   sing N N 194 
LYS N   H    sing N N 195 
LYS N   H2   sing N N 196 
LYS CA  C    sing N N 197 
LYS CA  CB   sing N N 198 
LYS CA  HA   sing N N 199 
LYS C   O    doub N N 200 
LYS C   OXT  sing N N 201 
LYS CB  CG   sing N N 202 
LYS CB  HB2  sing N N 203 
LYS CB  HB3  sing N N 204 
LYS CG  CD   sing N N 205 
LYS CG  HG2  sing N N 206 
LYS CG  HG3  sing N N 207 
LYS CD  CE   sing N N 208 
LYS CD  HD2  sing N N 209 
LYS CD  HD3  sing N N 210 
LYS CE  NZ   sing N N 211 
LYS CE  HE2  sing N N 212 
LYS CE  HE3  sing N N 213 
LYS NZ  HZ1  sing N N 214 
LYS NZ  HZ2  sing N N 215 
LYS NZ  HZ3  sing N N 216 
LYS OXT HXT  sing N N 217 
MET N   CA   sing N N 218 
MET N   H    sing N N 219 
MET N   H2   sing N N 220 
MET CA  C    sing N N 221 
MET CA  CB   sing N N 222 
MET CA  HA   sing N N 223 
MET C   O    doub N N 224 
MET C   OXT  sing N N 225 
MET CB  CG   sing N N 226 
MET CB  HB2  sing N N 227 
MET CB  HB3  sing N N 228 
MET CG  SD   sing N N 229 
MET CG  HG2  sing N N 230 
MET CG  HG3  sing N N 231 
MET SD  CE   sing N N 232 
MET CE  HE1  sing N N 233 
MET CE  HE2  sing N N 234 
MET CE  HE3  sing N N 235 
MET OXT HXT  sing N N 236 
PHE N   CA   sing N N 237 
PHE N   H    sing N N 238 
PHE N   H2   sing N N 239 
PHE CA  C    sing N N 240 
PHE CA  CB   sing N N 241 
PHE CA  HA   sing N N 242 
PHE C   O    doub N N 243 
PHE C   OXT  sing N N 244 
PHE CB  CG   sing N N 245 
PHE CB  HB2  sing N N 246 
PHE CB  HB3  sing N N 247 
PHE CG  CD1  doub Y N 248 
PHE CG  CD2  sing Y N 249 
PHE CD1 CE1  sing Y N 250 
PHE CD1 HD1  sing N N 251 
PHE CD2 CE2  doub Y N 252 
PHE CD2 HD2  sing N N 253 
PHE CE1 CZ   doub Y N 254 
PHE CE1 HE1  sing N N 255 
PHE CE2 CZ   sing Y N 256 
PHE CE2 HE2  sing N N 257 
PHE CZ  HZ   sing N N 258 
PHE OXT HXT  sing N N 259 
PRO N   CA   sing N N 260 
PRO N   CD   sing N N 261 
PRO N   H    sing N N 262 
PRO CA  C    sing N N 263 
PRO CA  CB   sing N N 264 
PRO CA  HA   sing N N 265 
PRO C   O    doub N N 266 
PRO C   OXT  sing N N 267 
PRO CB  CG   sing N N 268 
PRO CB  HB2  sing N N 269 
PRO CB  HB3  sing N N 270 
PRO CG  CD   sing N N 271 
PRO CG  HG2  sing N N 272 
PRO CG  HG3  sing N N 273 
PRO CD  HD2  sing N N 274 
PRO CD  HD3  sing N N 275 
PRO OXT HXT  sing N N 276 
SER N   CA   sing N N 277 
SER N   H    sing N N 278 
SER N   H2   sing N N 279 
SER CA  C    sing N N 280 
SER CA  CB   sing N N 281 
SER CA  HA   sing N N 282 
SER C   O    doub N N 283 
SER C   OXT  sing N N 284 
SER CB  OG   sing N N 285 
SER CB  HB2  sing N N 286 
SER CB  HB3  sing N N 287 
SER OG  HG   sing N N 288 
SER OXT HXT  sing N N 289 
THR N   CA   sing N N 290 
THR N   H    sing N N 291 
THR N   H2   sing N N 292 
THR CA  C    sing N N 293 
THR CA  CB   sing N N 294 
THR CA  HA   sing N N 295 
THR C   O    doub N N 296 
THR C   OXT  sing N N 297 
THR CB  OG1  sing N N 298 
THR CB  CG2  sing N N 299 
THR CB  HB   sing N N 300 
THR OG1 HG1  sing N N 301 
THR CG2 HG21 sing N N 302 
THR CG2 HG22 sing N N 303 
THR CG2 HG23 sing N N 304 
THR OXT HXT  sing N N 305 
TRP N   CA   sing N N 306 
TRP N   H    sing N N 307 
TRP N   H2   sing N N 308 
TRP CA  C    sing N N 309 
TRP CA  CB   sing N N 310 
TRP CA  HA   sing N N 311 
TRP C   O    doub N N 312 
TRP C   OXT  sing N N 313 
TRP CB  CG   sing N N 314 
TRP CB  HB2  sing N N 315 
TRP CB  HB3  sing N N 316 
TRP CG  CD1  doub Y N 317 
TRP CG  CD2  sing Y N 318 
TRP CD1 NE1  sing Y N 319 
TRP CD1 HD1  sing N N 320 
TRP CD2 CE2  doub Y N 321 
TRP CD2 CE3  sing Y N 322 
TRP NE1 CE2  sing Y N 323 
TRP NE1 HE1  sing N N 324 
TRP CE2 CZ2  sing Y N 325 
TRP CE3 CZ3  doub Y N 326 
TRP CE3 HE3  sing N N 327 
TRP CZ2 CH2  doub Y N 328 
TRP CZ2 HZ2  sing N N 329 
TRP CZ3 CH2  sing Y N 330 
TRP CZ3 HZ3  sing N N 331 
TRP CH2 HH2  sing N N 332 
TRP OXT HXT  sing N N 333 
TYR N   CA   sing N N 334 
TYR N   H    sing N N 335 
TYR N   H2   sing N N 336 
TYR CA  C    sing N N 337 
TYR CA  CB   sing N N 338 
TYR CA  HA   sing N N 339 
TYR C   O    doub N N 340 
TYR C   OXT  sing N N 341 
TYR CB  CG   sing N N 342 
TYR CB  HB2  sing N N 343 
TYR CB  HB3  sing N N 344 
TYR CG  CD1  doub Y N 345 
TYR CG  CD2  sing Y N 346 
TYR CD1 CE1  sing Y N 347 
TYR CD1 HD1  sing N N 348 
TYR CD2 CE2  doub Y N 349 
TYR CD2 HD2  sing N N 350 
TYR CE1 CZ   doub Y N 351 
TYR CE1 HE1  sing N N 352 
TYR CE2 CZ   sing Y N 353 
TYR CE2 HE2  sing N N 354 
TYR CZ  OH   sing N N 355 
TYR OH  HH   sing N N 356 
TYR OXT HXT  sing N N 357 
VAL N   CA   sing N N 358 
VAL N   H    sing N N 359 
VAL N   H2   sing N N 360 
VAL CA  C    sing N N 361 
VAL CA  CB   sing N N 362 
VAL CA  HA   sing N N 363 
VAL C   O    doub N N 364 
VAL C   OXT  sing N N 365 
VAL CB  CG1  sing N N 366 
VAL CB  CG2  sing N N 367 
VAL CB  HB   sing N N 368 
VAL CG1 HG11 sing N N 369 
VAL CG1 HG12 sing N N 370 
VAL CG1 HG13 sing N N 371 
VAL CG2 HG21 sing N N 372 
VAL CG2 HG22 sing N N 373 
VAL CG2 HG23 sing N N 374 
VAL OXT HXT  sing N N 375 
# 
_atom_sites.entry_id                    2NS6 
_atom_sites.fract_transf_matrix[1][1]   -0.01173130 
_atom_sites.fract_transf_matrix[1][2]   0.00004878 
_atom_sites.fract_transf_matrix[1][3]   -0.01723408 
_atom_sites.fract_transf_matrix[2][1]   0.00468067 
_atom_sites.fract_transf_matrix[2][2]   0.02007331 
_atom_sites.fract_transf_matrix[2][3]   -0.00312933 
_atom_sites.fract_transf_matrix[3][1]   0.00479499 
_atom_sites.fract_transf_matrix[3][2]   -0.00162764 
_atom_sites.fract_transf_matrix[3][3]   -0.00326857 
_atom_sites.fract_transf_vector[1]      0.031693 
_atom_sites.fract_transf_vector[2]      0.250463 
_atom_sites.fract_transf_vector[3]      0.137416 
# 
loop_
_atom_type.symbol 
C  
MN 
N  
O  
S  
# 
loop_
_atom_site.group_PDB 
_atom_site.id 
_atom_site.type_symbol 
_atom_site.label_atom_id 
_atom_site.label_alt_id 
_atom_site.label_comp_id 
_atom_site.label_asym_id 
_atom_site.label_entity_id 
_atom_site.label_seq_id 
_atom_site.pdbx_PDB_ins_code 
_atom_site.Cartn_x 
_atom_site.Cartn_y 
_atom_site.Cartn_z 
_atom_site.occupancy 
_atom_site.B_iso_or_equiv 
_atom_site.pdbx_formal_charge 
_atom_site.auth_seq_id 
_atom_site.auth_comp_id 
_atom_site.auth_asym_id 
_atom_site.auth_atom_id 
_atom_site.pdbx_PDB_model_num 
ATOM   1    N  N   . ALA A 1 1   ? 4.053   15.922  17.922  1.00 36.39 ? 2    ALA A N   1 
ATOM   2    C  CA  . ALA A 1 1   ? 4.850   14.736  18.351  1.00 35.70 ? 2    ALA A CA  1 
ATOM   3    C  C   . ALA A 1 1   ? 5.421   14.023  17.129  1.00 34.72 ? 2    ALA A C   1 
ATOM   4    O  O   . ALA A 1 1   ? 5.154   14.416  15.992  1.00 35.10 ? 2    ALA A O   1 
ATOM   5    C  CB  . ALA A 1 1   ? 3.972   13.782  19.154  1.00 36.02 ? 2    ALA A CB  1 
ATOM   6    N  N   . ILE A 1 2   ? 6.215   12.984  17.367  1.00 31.68 ? 3    ILE A N   1 
ATOM   7    C  CA  . ILE A 1 2   ? 6.811   12.219  16.278  1.00 29.35 ? 3    ILE A CA  1 
ATOM   8    C  C   . ILE A 1 2   ? 6.044   10.915  16.045  1.00 28.45 ? 3    ILE A C   1 
ATOM   9    O  O   . ILE A 1 2   ? 5.764   10.173  16.986  1.00 28.49 ? 3    ILE A O   1 
ATOM   10   C  CB  . ILE A 1 2   ? 8.308   11.888  16.577  1.00 29.66 ? 3    ILE A CB  1 
ATOM   11   C  CG1 . ILE A 1 2   ? 9.159   13.155  16.444  1.00 27.24 ? 3    ILE A CG1 1 
ATOM   12   C  CG2 . ILE A 1 2   ? 8.813   10.794  15.643  1.00 28.81 ? 3    ILE A CG2 1 
ATOM   13   C  CD1 . ILE A 1 2   ? 9.116   13.800  15.064  1.00 31.02 ? 3    ILE A CD1 1 
ATOM   14   N  N   . TYR A 1 3   ? 5.687   10.657  14.791  1.00 27.01 ? 4    TYR A N   1 
ATOM   15   C  CA  . TYR A 1 3   ? 4.975   9.438   14.442  1.00 26.14 ? 4    TYR A CA  1 
ATOM   16   C  C   . TYR A 1 3   ? 5.879   8.686   13.486  1.00 25.79 ? 4    TYR A C   1 
ATOM   17   O  O   . TYR A 1 3   ? 5.823   8.876   12.273  1.00 26.14 ? 4    TYR A O   1 
ATOM   18   C  CB  . TYR A 1 3   ? 3.622   9.768   13.804  1.00 26.08 ? 4    TYR A CB  1 
ATOM   19   C  CG  . TYR A 1 3   ? 2.754   10.597  14.727  1.00 25.80 ? 4    TYR A CG  1 
ATOM   20   C  CD1 . TYR A 1 3   ? 2.628   11.978  14.543  1.00 24.51 ? 4    TYR A CD1 1 
ATOM   21   C  CD2 . TYR A 1 3   ? 2.148   10.019  15.849  1.00 24.86 ? 4    TYR A CD2 1 
ATOM   22   C  CE1 . TYR A 1 3   ? 1.931   12.763  15.457  1.00 23.63 ? 4    TYR A CE1 1 
ATOM   23   C  CE2 . TYR A 1 3   ? 1.450   10.797  16.771  1.00 23.05 ? 4    TYR A CE2 1 
ATOM   24   C  CZ  . TYR A 1 3   ? 1.350   12.169  16.567  1.00 25.09 ? 4    TYR A CZ  1 
ATOM   25   O  OH  . TYR A 1 3   ? 0.692   12.955  17.490  1.00 28.19 ? 4    TYR A OH  1 
ATOM   26   N  N   . HIS A 1 4   ? 6.722   7.837   14.064  1.00 24.88 ? 5    HIS A N   1 
ATOM   27   C  CA  . HIS A 1 4   ? 7.699   7.063   13.322  1.00 23.65 ? 5    HIS A CA  1 
ATOM   28   C  C   . HIS A 1 4   ? 7.133   6.292   12.131  1.00 21.54 ? 5    HIS A C   1 
ATOM   29   O  O   . HIS A 1 4   ? 6.009   5.797   12.170  1.00 20.14 ? 5    HIS A O   1 
ATOM   30   C  CB  . HIS A 1 4   ? 8.422   6.110   14.276  1.00 24.14 ? 5    HIS A CB  1 
ATOM   31   C  CG  . HIS A 1 4   ? 9.673   5.523   13.707  1.00 24.12 ? 5    HIS A CG  1 
ATOM   32   N  ND1 . HIS A 1 4   ? 10.564  6.261   12.953  1.00 25.51 ? 5    HIS A ND1 1 
ATOM   33   C  CD2 . HIS A 1 4   ? 10.196  4.278   13.795  1.00 23.44 ? 5    HIS A CD2 1 
ATOM   34   C  CE1 . HIS A 1 4   ? 11.580  5.493   12.600  1.00 24.27 ? 5    HIS A CE1 1 
ATOM   35   N  NE2 . HIS A 1 4   ? 11.382  4.285   13.098  1.00 26.21 ? 5    HIS A NE2 1 
ATOM   36   N  N   . LEU A 1 5   ? 7.934   6.206   11.076  1.00 20.13 ? 6    LEU A N   1 
ATOM   37   C  CA  . LEU A 1 5   ? 7.557   5.504   9.855   1.00 18.03 ? 6    LEU A CA  1 
ATOM   38   C  C   . LEU A 1 5   ? 8.751   4.706   9.351   1.00 18.62 ? 6    LEU A C   1 
ATOM   39   O  O   . LEU A 1 5   ? 9.874   5.211   9.331   1.00 19.77 ? 6    LEU A O   1 
ATOM   40   C  CB  . LEU A 1 5   ? 7.111   6.512   8.797   1.00 15.41 ? 6    LEU A CB  1 
ATOM   41   C  CG  . LEU A 1 5   ? 6.743   6.007   7.397   1.00 18.31 ? 6    LEU A CG  1 
ATOM   42   C  CD1 . LEU A 1 5   ? 5.760   6.975   6.748   1.00 17.23 ? 6    LEU A CD1 1 
ATOM   43   C  CD2 . LEU A 1 5   ? 7.998   5.867   6.540   1.00 15.68 ? 6    LEU A CD2 1 
ATOM   44   N  N   . THR A 1 6   ? 8.513   3.459   8.956   1.00 18.16 ? 7    THR A N   1 
ATOM   45   C  CA  . THR A 1 6   ? 9.582   2.605   8.437   1.00 19.40 ? 7    THR A CA  1 
ATOM   46   C  C   . THR A 1 6   ? 9.119   2.038   7.107   1.00 20.91 ? 7    THR A C   1 
ATOM   47   O  O   . THR A 1 6   ? 7.973   2.237   6.712   1.00 21.19 ? 7    THR A O   1 
ATOM   48   C  CB  . THR A 1 6   ? 9.891   1.427   9.386   1.00 19.10 ? 7    THR A CB  1 
ATOM   49   O  OG1 . THR A 1 6   ? 8.709   0.643   9.561   1.00 21.23 ? 7    THR A OG1 1 
ATOM   50   C  CG2 . THR A 1 6   ? 10.353  1.935   10.756  1.00 17.76 ? 7    THR A CG2 1 
ATOM   51   N  N   . ALA A 1 7   ? 9.999   1.325   6.418   1.00 21.11 ? 8    ALA A N   1 
ATOM   52   C  CA  . ALA A 1 7   ? 9.640   0.752   5.129   1.00 22.64 ? 8    ALA A CA  1 
ATOM   53   C  C   . ALA A 1 7   ? 10.586  -0.365  4.714   1.00 23.86 ? 8    ALA A C   1 
ATOM   54   O  O   . ALA A 1 7   ? 11.749  -0.369  5.100   1.00 24.47 ? 8    ALA A O   1 
ATOM   55   C  CB  . ALA A 1 7   ? 9.633   1.844   4.067   1.00 20.72 ? 8    ALA A CB  1 
ATOM   56   N  N   . LYS A 1 8   ? 10.075  -1.308  3.926   1.00 24.63 ? 9    LYS A N   1 
ATOM   57   C  CA  . LYS A 1 8   ? 10.870  -2.427  3.428   1.00 27.16 ? 9    LYS A CA  1 
ATOM   58   C  C   . LYS A 1 8   ? 10.194  -3.050  2.202   1.00 29.43 ? 9    LYS A C   1 
ATOM   59   O  O   . LYS A 1 8   ? 8.981   -2.926  2.029   1.00 26.52 ? 9    LYS A O   1 
ATOM   60   C  CB  . LYS A 1 8   ? 11.048  -3.485  4.516   1.00 26.91 ? 9    LYS A CB  1 
ATOM   61   C  CG  . LYS A 1 8   ? 9.752   -3.967  5.133   1.00 29.22 ? 9    LYS A CG  1 
ATOM   62   C  CD  . LYS A 1 8   ? 9.971   -5.211  5.981   1.00 29.33 ? 9    LYS A CD  1 
ATOM   63   C  CE  . LYS A 1 8   ? 11.005  -4.967  7.060   1.00 32.37 ? 9    LYS A CE  1 
ATOM   64   N  NZ  . LYS A 1 8   ? 10.642  -3.781  7.891   1.00 33.53 ? 9    LYS A NZ  1 
ATOM   65   N  N   . THR A 1 9   ? 10.982  -3.717  1.357   1.00 31.30 ? 10   THR A N   1 
ATOM   66   C  CA  . THR A 1 9   ? 10.463  -4.351  0.142   1.00 34.38 ? 10   THR A CA  1 
ATOM   67   C  C   . THR A 1 9   ? 10.294  -5.865  0.327   1.00 34.92 ? 10   THR A C   1 
ATOM   68   O  O   . THR A 1 9   ? 10.984  -6.477  1.138   1.00 36.42 ? 10   THR A O   1 
ATOM   69   C  CB  . THR A 1 9   ? 11.414  -4.105  -1.065  1.00 34.74 ? 10   THR A CB  1 
ATOM   70   O  OG1 . THR A 1 9   ? 11.767  -2.715  -1.130  1.00 35.06 ? 10   THR A OG1 1 
ATOM   71   C  CG2 . THR A 1 9   ? 10.731  -4.498  -2.378  1.00 35.96 ? 10   THR A CG2 1 
ATOM   72   N  N   . GLY A 1 10  ? 9.372   -6.461  -0.426  1.00 36.24 ? 11   GLY A N   1 
ATOM   73   C  CA  . GLY A 1 10  ? 9.145   -7.898  -0.336  1.00 37.07 ? 11   GLY A CA  1 
ATOM   74   C  C   . GLY A 1 10  ? 9.373   -8.600  -1.669  1.00 37.21 ? 11   GLY A C   1 
ATOM   75   O  O   . GLY A 1 10  ? 8.704   -8.293  -2.654  1.00 37.82 ? 11   GLY A O   1 
ATOM   76   N  N   . SER A 1 11  ? 10.316  -9.543  -1.699  1.00 37.69 ? 12   SER A N   1 
ATOM   77   C  CA  . SER A 1 11  ? 10.640  -10.286 -2.918  1.00 36.88 ? 12   SER A CA  1 
ATOM   78   C  C   . SER A 1 11  ? 10.557  -11.794 -2.691  1.00 36.55 ? 12   SER A C   1 
ATOM   79   O  O   . SER A 1 11  ? 10.158  -12.542 -3.590  1.00 37.16 ? 12   SER A O   1 
ATOM   80   C  CB  . SER A 1 11  ? 12.041  -9.909  -3.402  1.00 35.32 ? 12   SER A CB  1 
ATOM   81   N  N   . GLY A 1 14  ? 12.904  -12.725 2.336   1.00 39.42 ? 15   GLY A N   1 
ATOM   82   C  CA  . GLY A 1 14  ? 13.052  -13.340 1.030   1.00 38.32 ? 15   GLY A CA  1 
ATOM   83   C  C   . GLY A 1 14  ? 11.768  -14.048 0.660   1.00 38.46 ? 15   GLY A C   1 
ATOM   84   O  O   . GLY A 1 14  ? 11.103  -13.684 -0.313  1.00 39.55 ? 15   GLY A O   1 
ATOM   85   N  N   . GLY A 1 15  ? 11.417  -15.060 1.451   1.00 37.92 ? 16   GLY A N   1 
ATOM   86   C  CA  . GLY A 1 15  ? 10.199  -15.811 1.208   1.00 35.09 ? 16   GLY A CA  1 
ATOM   87   C  C   . GLY A 1 15  ? 8.976   -14.978 1.527   1.00 34.32 ? 16   GLY A C   1 
ATOM   88   O  O   . GLY A 1 15  ? 8.154   -15.358 2.369   1.00 36.05 ? 16   GLY A O   1 
ATOM   89   N  N   . GLN A 1 16  ? 8.859   -13.837 0.852   1.00 31.47 ? 17   GLN A N   1 
ATOM   90   C  CA  . GLN A 1 16  ? 7.739   -12.927 1.050   1.00 29.77 ? 17   GLN A CA  1 
ATOM   91   C  C   . GLN A 1 16  ? 6.599   -13.233 0.080   1.00 28.00 ? 17   GLN A C   1 
ATOM   92   O  O   . GLN A 1 16  ? 6.822   -13.407 -1.122  1.00 28.98 ? 17   GLN A O   1 
ATOM   93   C  CB  . GLN A 1 16  ? 8.207   -11.481 0.875   1.00 28.32 ? 17   GLN A CB  1 
ATOM   94   N  N   . SER A 1 17  ? 5.384   -13.318 0.616   1.00 25.09 ? 18   SER A N   1 
ATOM   95   C  CA  . SER A 1 17  ? 4.192   -13.587 -0.186  1.00 21.80 ? 18   SER A CA  1 
ATOM   96   C  C   . SER A 1 17  ? 3.197   -12.444 -0.047  1.00 20.72 ? 18   SER A C   1 
ATOM   97   O  O   . SER A 1 17  ? 2.664   -12.205 1.030   1.00 18.40 ? 18   SER A O   1 
ATOM   98   C  CB  . SER A 1 17  ? 3.509   -14.873 0.259   1.00 18.67 ? 18   SER A CB  1 
ATOM   99   O  OG  . SER A 1 17  ? 2.207   -14.954 -0.302  1.00 19.67 ? 18   SER A OG  1 
ATOM   100  N  N   . ALA A 1 18  ? 2.943   -11.757 -1.152  1.00 18.82 ? 19   ALA A N   1 
ATOM   101  C  CA  . ALA A 1 18  ? 2.021   -10.639 -1.160  1.00 17.69 ? 19   ALA A CA  1 
ATOM   102  C  C   . ALA A 1 18  ? 0.651   -11.056 -0.647  1.00 17.63 ? 19   ALA A C   1 
ATOM   103  O  O   . ALA A 1 18  ? 0.063   -10.374 0.183   1.00 18.16 ? 19   ALA A O   1 
ATOM   104  C  CB  . ALA A 1 18  ? 1.909   -10.073 -2.562  1.00 15.94 ? 19   ALA A CB  1 
ATOM   105  N  N   . ARG A 1 19  ? 0.145   -12.180 -1.144  1.00 17.29 ? 20   ARG A N   1 
ATOM   106  C  CA  . ARG A 1 19  ? -1.163  -12.657 -0.723  1.00 17.22 ? 20   ARG A CA  1 
ATOM   107  C  C   . ARG A 1 19  ? -1.214  -12.874 0.780   1.00 17.49 ? 20   ARG A C   1 
ATOM   108  O  O   . ARG A 1 19  ? -2.157  -12.444 1.439   1.00 16.47 ? 20   ARG A O   1 
ATOM   109  C  CB  . ARG A 1 19  ? -1.537  -13.955 -1.449  1.00 17.05 ? 20   ARG A CB  1 
ATOM   110  C  CG  . ARG A 1 19  ? -2.886  -14.553 -1.010  1.00 17.76 ? 20   ARG A CG  1 
ATOM   111  C  CD  . ARG A 1 19  ? -4.032  -13.549 -1.122  1.00 17.70 ? 20   ARG A CD  1 
ATOM   112  N  NE  . ARG A 1 19  ? -5.197  -13.965 -0.339  1.00 17.90 ? 20   ARG A NE  1 
ATOM   113  C  CZ  . ARG A 1 19  ? -6.014  -14.962 -0.669  1.00 19.18 ? 20   ARG A CZ  1 
ATOM   114  N  NH1 . ARG A 1 19  ? -5.810  -15.657 -1.781  1.00 17.71 ? 20   ARG A NH1 1 
ATOM   115  N  NH2 . ARG A 1 19  ? -7.026  -15.276 0.123   1.00 16.58 ? 20   ARG A NH2 1 
ATOM   116  N  N   . ALA A 1 20  ? -0.202  -13.538 1.325   1.00 18.00 ? 21   ALA A N   1 
ATOM   117  C  CA  . ALA A 1 20  ? -0.169  -13.792 2.764   1.00 18.52 ? 21   ALA A CA  1 
ATOM   118  C  C   . ALA A 1 20  ? -0.138  -12.469 3.531   1.00 18.68 ? 21   ALA A C   1 
ATOM   119  O  O   . ALA A 1 20  ? -0.864  -12.298 4.508   1.00 19.30 ? 21   ALA A O   1 
ATOM   120  C  CB  . ALA A 1 20  ? 1.050   -14.648 3.121   1.00 17.21 ? 21   ALA A CB  1 
ATOM   121  N  N   . LYS A 1 21  ? 0.692   -11.531 3.083   1.00 17.25 ? 22   LYS A N   1 
ATOM   122  C  CA  . LYS A 1 21  ? 0.782   -10.232 3.746   1.00 17.40 ? 22   LYS A CA  1 
ATOM   123  C  C   . LYS A 1 21  ? -0.550  -9.474  3.705   1.00 16.73 ? 22   LYS A C   1 
ATOM   124  O  O   . LYS A 1 21  ? -0.984  -8.914  4.716   1.00 16.89 ? 22   LYS A O   1 
ATOM   125  C  CB  . LYS A 1 21  ? 1.894   -9.393  3.107   1.00 18.68 ? 22   LYS A CB  1 
ATOM   126  C  CG  . LYS A 1 21  ? 1.939   -7.943  3.578   1.00 21.33 ? 22   LYS A CG  1 
ATOM   127  C  CD  . LYS A 1 21  ? 2.301   -7.827  5.048   1.00 23.95 ? 22   LYS A CD  1 
ATOM   128  C  CE  . LYS A 1 21  ? 3.769   -8.160  5.264   1.00 26.69 ? 22   LYS A CE  1 
ATOM   129  N  NZ  . LYS A 1 21  ? 4.199   -7.932  6.671   1.00 30.98 ? 22   LYS A NZ  1 
ATOM   130  N  N   . ALA A 1 22  ? -1.205  -9.457  2.545   1.00 15.07 ? 23   ALA A N   1 
ATOM   131  C  CA  . ALA A 1 22  ? -2.492  -8.768  2.420   1.00 15.55 ? 23   ALA A CA  1 
ATOM   132  C  C   . ALA A 1 22  ? -3.543  -9.392  3.342   1.00 14.95 ? 23   ALA A C   1 
ATOM   133  O  O   . ALA A 1 22  ? -4.279  -8.681  4.035   1.00 11.04 ? 23   ALA A O   1 
ATOM   134  C  CB  . ALA A 1 22  ? -2.976  -8.808  0.966   1.00 17.45 ? 23   ALA A CB  1 
ATOM   135  N  N   . ASP A 1 23  ? -3.613  -10.720 3.362   1.00 14.15 ? 24   ASP A N   1 
ATOM   136  C  CA  . ASP A 1 23  ? -4.585  -11.394 4.215   1.00 17.21 ? 24   ASP A CA  1 
ATOM   137  C  C   . ASP A 1 23  ? -4.331  -11.150 5.694   1.00 16.65 ? 24   ASP A C   1 
ATOM   138  O  O   . ASP A 1 23  ? -5.271  -10.990 6.474   1.00 17.94 ? 24   ASP A O   1 
ATOM   139  C  CB  . ASP A 1 23  ? -4.599  -12.895 3.925   1.00 18.15 ? 24   ASP A CB  1 
ATOM   140  C  CG  . ASP A 1 23  ? -5.490  -13.247 2.744   1.00 21.64 ? 24   ASP A CG  1 
ATOM   141  O  OD1 . ASP A 1 23  ? -5.774  -12.344 1.930   1.00 20.32 ? 24   ASP A OD1 1 
ATOM   142  O  OD2 . ASP A 1 23  ? -5.899  -14.421 2.628   1.00 22.14 ? 24   ASP A OD2 1 
ATOM   143  N  N   . TYR A 1 24  ? -3.062  -11.109 6.078   1.00 17.86 ? 25   TYR A N   1 
ATOM   144  C  CA  . TYR A 1 24  ? -2.715  -10.879 7.469   1.00 17.94 ? 25   TYR A CA  1 
ATOM   145  C  C   . TYR A 1 24  ? -3.097  -9.471  7.936   1.00 18.52 ? 25   TYR A C   1 
ATOM   146  O  O   . TYR A 1 24  ? -3.868  -9.325  8.892   1.00 18.14 ? 25   TYR A O   1 
ATOM   147  C  CB  . TYR A 1 24  ? -1.221  -11.123 7.682   1.00 19.22 ? 25   TYR A CB  1 
ATOM   148  C  CG  . TYR A 1 24  ? -0.791  -11.030 9.130   1.00 20.22 ? 25   TYR A CG  1 
ATOM   149  C  CD1 . TYR A 1 24  ? -1.262  -11.933 10.081  1.00 21.76 ? 25   TYR A CD1 1 
ATOM   150  C  CD2 . TYR A 1 24  ? 0.091   -10.036 9.545   1.00 20.62 ? 25   TYR A CD2 1 
ATOM   151  C  CE1 . TYR A 1 24  ? -0.859  -11.849 11.416  1.00 21.84 ? 25   TYR A CE1 1 
ATOM   152  C  CE2 . TYR A 1 24  ? 0.498   -9.941  10.870  1.00 21.43 ? 25   TYR A CE2 1 
ATOM   153  C  CZ  . TYR A 1 24  ? 0.021   -10.851 11.798  1.00 22.01 ? 25   TYR A CZ  1 
ATOM   154  O  OH  . TYR A 1 24  ? 0.435   -10.761 13.102  1.00 23.92 ? 25   TYR A OH  1 
ATOM   155  N  N   . ILE A 1 25  ? -2.590  -8.434  7.268   1.00 16.71 ? 26   ILE A N   1 
ATOM   156  C  CA  . ILE A 1 25  ? -2.914  -7.070  7.693   1.00 15.88 ? 26   ILE A CA  1 
ATOM   157  C  C   . ILE A 1 25  ? -4.404  -6.731  7.603   1.00 14.70 ? 26   ILE A C   1 
ATOM   158  O  O   . ILE A 1 25  ? -4.902  -5.917  8.377   1.00 14.78 ? 26   ILE A O   1 
ATOM   159  C  CB  . ILE A 1 25  ? -2.098  -5.996  6.921   1.00 13.96 ? 26   ILE A CB  1 
ATOM   160  C  CG1 . ILE A 1 25  ? -2.474  -5.978  5.440   1.00 14.04 ? 26   ILE A CG1 1 
ATOM   161  C  CG2 . ILE A 1 25  ? -0.616  -6.256  7.099   1.00 15.41 ? 26   ILE A CG2 1 
ATOM   162  C  CD1 . ILE A 1 25  ? -1.926  -4.757  4.701   1.00 13.19 ? 26   ILE A CD1 1 
ATOM   163  N  N   . GLN A 1 26  ? -5.123  -7.348  6.673   1.00 13.73 ? 27   GLN A N   1 
ATOM   164  C  CA  . GLN A 1 26  ? -6.558  -7.077  6.573   1.00 13.60 ? 27   GLN A CA  1 
ATOM   165  C  C   . GLN A 1 26  ? -7.361  -8.093  7.391   1.00 15.35 ? 27   GLN A C   1 
ATOM   166  O  O   . GLN A 1 26  ? -8.578  -7.974  7.510   1.00 14.57 ? 27   GLN A O   1 
ATOM   167  C  CB  . GLN A 1 26  ? -7.043  -7.152  5.124   1.00 11.60 ? 27   GLN A CB  1 
ATOM   168  C  CG  . GLN A 1 26  ? -6.548  -6.057  4.185   1.00 13.36 ? 27   GLN A CG  1 
ATOM   169  C  CD  . GLN A 1 26  ? -7.136  -6.217  2.792   1.00 14.95 ? 27   GLN A CD  1 
ATOM   170  O  OE1 . GLN A 1 26  ? -6.754  -7.117  2.039   1.00 18.24 ? 27   GLN A OE1 1 
ATOM   171  N  NE2 . GLN A 1 26  ? -8.084  -5.356  2.451   1.00 12.97 ? 27   GLN A NE2 1 
ATOM   172  N  N   . ARG A 1 27  ? -6.678  -9.089  7.945   1.00 15.94 ? 28   ARG A N   1 
ATOM   173  C  CA  . ARG A 1 27  ? -7.332  -10.158 8.704   1.00 17.62 ? 28   ARG A CA  1 
ATOM   174  C  C   . ARG A 1 27  ? -8.437  -10.806 7.865   1.00 18.47 ? 28   ARG A C   1 
ATOM   175  O  O   . ARG A 1 27  ? -9.590  -10.927 8.293   1.00 17.71 ? 28   ARG A O   1 
ATOM   176  C  CB  . ARG A 1 27  ? -7.885  -9.637  10.047  1.00 17.45 ? 28   ARG A CB  1 
ATOM   177  C  CG  . ARG A 1 27  ? -6.788  -9.258  11.058  1.00 18.32 ? 28   ARG A CG  1 
ATOM   178  C  CD  . ARG A 1 27  ? -5.759  -10.389 11.200  1.00 20.67 ? 28   ARG A CD  1 
ATOM   179  N  NE  . ARG A 1 27  ? -4.480  -9.984  11.802  1.00 23.52 ? 28   ARG A NE  1 
ATOM   180  C  CZ  . ARG A 1 27  ? -4.279  -9.771  13.098  1.00 23.29 ? 28   ARG A CZ  1 
ATOM   181  N  NH1 . ARG A 1 27  ? -5.272  -9.911  13.965  1.00 29.11 ? 28   ARG A NH1 1 
ATOM   182  N  NH2 . ARG A 1 27  ? -3.074  -9.444  13.535  1.00 23.36 ? 28   ARG A NH2 1 
ATOM   183  N  N   . GLU A 1 28  ? -8.060  -11.211 6.652   1.00 20.11 ? 29   GLU A N   1 
ATOM   184  C  CA  . GLU A 1 28  ? -8.969  -11.872 5.716   1.00 22.45 ? 29   GLU A CA  1 
ATOM   185  C  C   . GLU A 1 28  ? -8.512  -13.318 5.561   1.00 22.62 ? 29   GLU A C   1 
ATOM   186  O  O   . GLU A 1 28  ? -7.531  -13.744 6.179   1.00 22.75 ? 29   GLU A O   1 
ATOM   187  C  CB  . GLU A 1 28  ? -8.940  -11.184 4.339   1.00 23.89 ? 29   GLU A CB  1 
ATOM   188  C  CG  . GLU A 1 28  ? -9.414  -9.733  4.324   1.00 25.34 ? 29   GLU A CG  1 
ATOM   189  C  CD  . GLU A 1 28  ? -10.930 -9.595  4.280   1.00 29.80 ? 29   GLU A CD  1 
ATOM   190  O  OE1 . GLU A 1 28  ? -11.628 -10.319 5.023   1.00 31.01 ? 29   GLU A OE1 1 
ATOM   191  O  OE2 . GLU A 1 28  ? -11.426 -8.746  3.502   1.00 34.15 ? 29   GLU A OE2 1 
ATOM   192  N  N   . GLY A 1 29  ? -9.221  -14.066 4.726   1.00 24.00 ? 30   GLY A N   1 
ATOM   193  C  CA  . GLY A 1 29  ? -8.873  -15.458 4.506   1.00 24.23 ? 30   GLY A CA  1 
ATOM   194  C  C   . GLY A 1 29  ? -8.841  -16.233 5.808   1.00 25.12 ? 30   GLY A C   1 
ATOM   195  O  O   . GLY A 1 29  ? -9.783  -16.176 6.599   1.00 24.76 ? 30   GLY A O   1 
ATOM   196  N  N   . LYS A 1 30  ? -7.746  -16.953 6.026   1.00 26.55 ? 31   LYS A N   1 
ATOM   197  C  CA  . LYS A 1 30  ? -7.567  -17.755 7.226   1.00 28.33 ? 31   LYS A CA  1 
ATOM   198  C  C   . LYS A 1 30  ? -7.740  -16.944 8.512   1.00 27.88 ? 31   LYS A C   1 
ATOM   199  O  O   . LYS A 1 30  ? -8.174  -17.481 9.531   1.00 27.52 ? 31   LYS A O   1 
ATOM   200  C  CB  . LYS A 1 30  ? -6.181  -18.407 7.218   1.00 29.08 ? 31   LYS A CB  1 
ATOM   201  C  CG  . LYS A 1 30  ? -5.836  -19.085 5.903   1.00 33.27 ? 31   LYS A CG  1 
ATOM   202  C  CD  . LYS A 1 30  ? -4.595  -19.969 6.005   1.00 34.29 ? 31   LYS A CD  1 
ATOM   203  C  CE  . LYS A 1 30  ? -4.144  -20.448 4.622   1.00 35.37 ? 31   LYS A CE  1 
ATOM   204  N  NZ  . LYS A 1 30  ? -5.195  -21.213 3.887   1.00 36.78 ? 31   LYS A NZ  1 
ATOM   205  N  N   . TYR A 1 31  ? -7.425  -15.655 8.471   1.00 26.92 ? 32   TYR A N   1 
ATOM   206  C  CA  . TYR A 1 31  ? -7.549  -14.841 9.678   1.00 27.40 ? 32   TYR A CA  1 
ATOM   207  C  C   . TYR A 1 31  ? -8.905  -14.163 9.819   1.00 28.34 ? 32   TYR A C   1 
ATOM   208  O  O   . TYR A 1 31  ? -9.080  -13.276 10.663  1.00 28.22 ? 32   TYR A O   1 
ATOM   209  C  CB  . TYR A 1 31  ? -6.436  -13.787 9.728   1.00 28.75 ? 32   TYR A CB  1 
ATOM   210  C  CG  . TYR A 1 31  ? -5.062  -14.332 9.402   1.00 28.78 ? 32   TYR A CG  1 
ATOM   211  C  CD1 . TYR A 1 31  ? -4.643  -14.451 8.080   1.00 28.54 ? 32   TYR A CD1 1 
ATOM   212  C  CD2 . TYR A 1 31  ? -4.192  -14.756 10.409  1.00 28.72 ? 32   TYR A CD2 1 
ATOM   213  C  CE1 . TYR A 1 31  ? -3.403  -14.975 7.758   1.00 28.17 ? 32   TYR A CE1 1 
ATOM   214  C  CE2 . TYR A 1 31  ? -2.938  -15.288 10.097  1.00 29.24 ? 32   TYR A CE2 1 
ATOM   215  C  CZ  . TYR A 1 31  ? -2.554  -15.393 8.766   1.00 30.61 ? 32   TYR A CZ  1 
ATOM   216  O  OH  . TYR A 1 31  ? -1.323  -15.919 8.430   1.00 31.90 ? 32   TYR A OH  1 
ATOM   217  N  N   . ALA A 1 32  ? -9.866  -14.586 9.002   1.00 27.40 ? 33   ALA A N   1 
ATOM   218  C  CA  . ALA A 1 32  ? -11.210 -14.018 9.041   1.00 27.19 ? 33   ALA A CA  1 
ATOM   219  C  C   . ALA A 1 32  ? -11.849 -14.169 10.418  1.00 28.57 ? 33   ALA A C   1 
ATOM   220  O  O   . ALA A 1 32  ? -12.778 -13.439 10.762  1.00 27.49 ? 33   ALA A O   1 
ATOM   221  C  CB  . ALA A 1 32  ? -12.090 -14.684 7.986   1.00 28.10 ? 33   ALA A CB  1 
ATOM   222  N  N   . ARG A 1 33  ? -11.353 -15.121 11.206  1.00 29.66 ? 34   ARG A N   1 
ATOM   223  C  CA  . ARG A 1 33  ? -11.892 -15.346 12.546  1.00 33.27 ? 34   ARG A CA  1 
ATOM   224  C  C   . ARG A 1 33  ? -11.042 -14.644 13.607  1.00 34.07 ? 34   ARG A C   1 
ATOM   225  O  O   . ARG A 1 33  ? -10.832 -15.181 14.698  1.00 35.43 ? 34   ARG A O   1 
ATOM   226  C  CB  . ARG A 1 33  ? -11.934 -16.841 12.857  1.00 32.82 ? 34   ARG A CB  1 
ATOM   227  C  CG  . ARG A 1 33  ? -10.565 -17.489 12.880  1.00 36.33 ? 34   ARG A CG  1 
ATOM   228  C  CD  . ARG A 1 33  ? -10.623 -18.882 13.478  1.00 36.73 ? 34   ARG A CD  1 
ATOM   229  N  NE  . ARG A 1 33  ? -9.337  -19.570 13.390  1.00 39.24 ? 34   ARG A NE  1 
ATOM   230  C  CZ  . ARG A 1 33  ? -9.090  -20.753 13.942  1.00 41.41 ? 34   ARG A CZ  1 
ATOM   231  N  NH1 . ARG A 1 33  ? -10.044 -21.375 14.625  1.00 40.93 ? 34   ARG A NH1 1 
ATOM   232  N  NH2 . ARG A 1 33  ? -7.891  -21.317 13.812  1.00 40.98 ? 34   ARG A NH2 1 
ATOM   233  N  N   . ASP A 1 34  ? -10.558 -13.450 13.286  1.00 34.22 ? 35   ASP A N   1 
ATOM   234  C  CA  . ASP A 1 34  ? -9.720  -12.677 14.203  1.00 33.73 ? 35   ASP A CA  1 
ATOM   235  C  C   . ASP A 1 34  ? -9.496  -11.296 13.591  1.00 30.81 ? 35   ASP A C   1 
ATOM   236  O  O   . ASP A 1 34  ? -8.361  -10.925 13.289  1.00 32.84 ? 35   ASP A O   1 
ATOM   237  C  CB  . ASP A 1 34  ? -8.368  -13.389 14.404  1.00 35.34 ? 35   ASP A CB  1 
ATOM   238  C  CG  . ASP A 1 34  ? -7.463  -12.686 15.415  1.00 37.42 ? 35   ASP A CG  1 
ATOM   239  O  OD1 . ASP A 1 34  ? -7.865  -12.562 16.596  1.00 36.89 ? 35   ASP A OD1 1 
ATOM   240  O  OD2 . ASP A 1 34  ? -6.348  -12.267 15.027  1.00 38.24 ? 35   ASP A OD2 1 
ATOM   241  N  N   . MET A 1 35  ? -10.577 -10.543 13.416  1.00 30.11 ? 36   MET A N   1 
ATOM   242  C  CA  . MET A 1 35  ? -10.502 -9.217  12.805  1.00 30.94 ? 36   MET A CA  1 
ATOM   243  C  C   . MET A 1 35  ? -10.537 -8.038  13.772  1.00 29.21 ? 36   MET A C   1 
ATOM   244  O  O   . MET A 1 35  ? -10.427 -6.889  13.350  1.00 29.47 ? 36   MET A O   1 
ATOM   245  C  CB  . MET A 1 35  ? -11.640 -9.041  11.800  1.00 33.17 ? 36   MET A CB  1 
ATOM   246  C  CG  . MET A 1 35  ? -11.753 -10.147 10.776  1.00 34.94 ? 36   MET A CG  1 
ATOM   247  S  SD  . MET A 1 35  ? -13.016 -9.759  9.562   1.00 39.81 ? 36   MET A SD  1 
ATOM   248  C  CE  . MET A 1 35  ? -12.066 -8.795  8.409   1.00 35.46 ? 36   MET A CE  1 
ATOM   249  N  N   . ASP A 1 36  ? -10.688 -8.310  15.060  1.00 29.26 ? 37   ASP A N   1 
ATOM   250  C  CA  . ASP A 1 36  ? -10.750 -7.227  16.030  1.00 27.90 ? 37   ASP A CA  1 
ATOM   251  C  C   . ASP A 1 36  ? -9.563  -6.276  15.982  1.00 25.37 ? 37   ASP A C   1 
ATOM   252  O  O   . ASP A 1 36  ? -9.697  -5.102  16.320  1.00 23.84 ? 37   ASP A O   1 
ATOM   253  C  CB  . ASP A 1 36  ? -10.953 -7.792  17.428  1.00 31.14 ? 37   ASP A CB  1 
ATOM   254  C  CG  . ASP A 1 36  ? -12.429 -7.954  17.759  1.00 33.97 ? 37   ASP A CG  1 
ATOM   255  O  OD1 . ASP A 1 36  ? -13.209 -8.169  16.806  1.00 36.80 ? 37   ASP A OD1 1 
ATOM   256  O  OD2 . ASP A 1 36  ? -12.806 -7.864  18.945  1.00 34.85 ? 37   ASP A OD2 1 
ATOM   257  N  N   . GLU A 1 37  ? -8.416  -6.771  15.534  1.00 21.67 ? 38   GLU A N   1 
ATOM   258  C  CA  . GLU A 1 37  ? -7.237  -5.930  15.428  1.00 20.49 ? 38   GLU A CA  1 
ATOM   259  C  C   . GLU A 1 37  ? -7.353  -4.923  14.264  1.00 20.03 ? 38   GLU A C   1 
ATOM   260  O  O   . GLU A 1 37  ? -6.688  -3.882  14.274  1.00 19.57 ? 38   GLU A O   1 
ATOM   261  C  CB  . GLU A 1 37  ? -5.997  -6.806  15.267  1.00 19.56 ? 38   GLU A CB  1 
ATOM   262  C  CG  . GLU A 1 37  ? -4.709  -6.044  15.032  1.00 20.15 ? 38   GLU A CG  1 
ATOM   263  C  CD  . GLU A 1 37  ? -4.290  -5.209  16.219  1.00 21.08 ? 38   GLU A CD  1 
ATOM   264  O  OE1 . GLU A 1 37  ? -3.293  -4.462  16.098  1.00 20.50 ? 38   GLU A OE1 1 
ATOM   265  O  OE2 . GLU A 1 37  ? -4.952  -5.297  17.272  1.00 19.84 ? 38   GLU A OE2 1 
ATOM   266  N  N   . VAL A 1 38  ? -8.205  -5.217  13.281  1.00 18.17 ? 39   VAL A N   1 
ATOM   267  C  CA  . VAL A 1 38  ? -8.380  -4.330  12.122  1.00 18.13 ? 39   VAL A CA  1 
ATOM   268  C  C   . VAL A 1 38  ? -9.533  -3.340  12.264  1.00 17.89 ? 39   VAL A C   1 
ATOM   269  O  O   . VAL A 1 38  ? -10.694 -3.731  12.369  1.00 17.36 ? 39   VAL A O   1 
ATOM   270  C  CB  . VAL A 1 38  ? -8.608  -5.122  10.816  1.00 17.76 ? 39   VAL A CB  1 
ATOM   271  C  CG1 . VAL A 1 38  ? -8.643  -4.150  9.622   1.00 18.41 ? 39   VAL A CG1 1 
ATOM   272  C  CG2 . VAL A 1 38  ? -7.507  -6.133  10.628  1.00 16.75 ? 39   VAL A CG2 1 
ATOM   273  N  N   . LEU A 1 39  ? -9.191  -2.056  12.250  1.00 18.73 ? 40   LEU A N   1 
ATOM   274  C  CA  . LEU A 1 39  ? -10.154 -0.965  12.393  1.00 17.69 ? 40   LEU A CA  1 
ATOM   275  C  C   . LEU A 1 39  ? -10.611 -0.401  11.047  1.00 18.25 ? 40   LEU A C   1 
ATOM   276  O  O   . LEU A 1 39  ? -11.680 0.209   10.950  1.00 17.23 ? 40   LEU A O   1 
ATOM   277  C  CB  . LEU A 1 39  ? -9.519  0.160   13.213  1.00 18.76 ? 40   LEU A CB  1 
ATOM   278  C  CG  . LEU A 1 39  ? -9.682  0.212   14.747  1.00 22.12 ? 40   LEU A CG  1 
ATOM   279  C  CD1 . LEU A 1 39  ? -9.680  -1.162  15.373  1.00 21.10 ? 40   LEU A CD1 1 
ATOM   280  C  CD2 . LEU A 1 39  ? -8.560  1.072   15.311  1.00 21.39 ? 40   LEU A CD2 1 
ATOM   281  N  N   . HIS A 1 40  ? -9.794  -0.608  10.016  1.00 15.40 ? 41   HIS A N   1 
ATOM   282  C  CA  . HIS A 1 40  ? -10.091 -0.111  8.681   1.00 16.42 ? 41   HIS A CA  1 
ATOM   283  C  C   . HIS A 1 40  ? -9.186  -0.736  7.636   1.00 16.09 ? 41   HIS A C   1 
ATOM   284  O  O   . HIS A 1 40  ? -8.025  -1.026  7.906   1.00 15.34 ? 41   HIS A O   1 
ATOM   285  C  CB  . HIS A 1 40  ? -9.898  1.400   8.625   1.00 16.08 ? 41   HIS A CB  1 
ATOM   286  C  CG  . HIS A 1 40  ? -10.111 1.985   7.262   1.00 18.44 ? 41   HIS A CG  1 
ATOM   287  N  ND1 . HIS A 1 40  ? -11.336 1.966   6.630   1.00 18.83 ? 41   HIS A ND1 1 
ATOM   288  C  CD2 . HIS A 1 40  ? -9.262  2.620   6.418   1.00 16.64 ? 41   HIS A CD2 1 
ATOM   289  C  CE1 . HIS A 1 40  ? -11.232 2.568   5.458   1.00 19.00 ? 41   HIS A CE1 1 
ATOM   290  N  NE2 . HIS A 1 40  ? -9.984  2.976   5.306   1.00 15.73 ? 41   HIS A NE2 1 
ATOM   291  N  N   . ALA A 1 41  ? -9.725  -0.926  6.437   1.00 17.17 ? 42   ALA A N   1 
ATOM   292  C  CA  . ALA A 1 41  ? -8.958  -1.487  5.334   1.00 17.81 ? 42   ALA A CA  1 
ATOM   293  C  C   . ALA A 1 41  ? -9.478  -0.888  4.034   1.00 16.39 ? 42   ALA A C   1 
ATOM   294  O  O   . ALA A 1 41  ? -10.662 -0.604  3.915   1.00 17.35 ? 42   ALA A O   1 
ATOM   295  C  CB  . ALA A 1 41  ? -9.097  -3.002  5.309   1.00 15.14 ? 42   ALA A CB  1 
ATOM   296  N  N   . GLU A 1 42  ? -8.579  -0.675  3.076   1.00 16.59 ? 43   GLU A N   1 
ATOM   297  C  CA  . GLU A 1 42  ? -8.941  -0.136  1.767   1.00 14.26 ? 43   GLU A CA  1 
ATOM   298  C  C   . GLU A 1 42  ? -7.796  -0.348  0.778   1.00 13.85 ? 43   GLU A C   1 
ATOM   299  O  O   . GLU A 1 42  ? -6.627  -0.420  1.163   1.00 14.01 ? 43   GLU A O   1 
ATOM   300  C  CB  . GLU A 1 42  ? -9.258  1.371   1.841   1.00 15.65 ? 43   GLU A CB  1 
ATOM   301  C  CG  . GLU A 1 42  ? -8.053  2.258   2.169   1.00 17.42 ? 43   GLU A CG  1 
ATOM   302  C  CD  . GLU A 1 42  ? -8.314  3.746   1.908   1.00 20.90 ? 43   GLU A CD  1 
ATOM   303  O  OE1 . GLU A 1 42  ? -7.957  4.245   0.815   1.00 21.52 ? 43   GLU A OE1 1 
ATOM   304  O  OE2 . GLU A 1 42  ? -8.879  4.415   2.794   1.00 21.06 ? 43   GLU A OE2 1 
ATOM   305  N  N   . SER A 1 43  ? -8.143  -0.464  -0.498  1.00 11.79 ? 44   SER A N   1 
ATOM   306  C  CA  . SER A 1 43  ? -7.153  -0.619  -1.559  1.00 12.38 ? 44   SER A CA  1 
ATOM   307  C  C   . SER A 1 43  ? -7.577  0.381   -2.620  1.00 12.04 ? 44   SER A C   1 
ATOM   308  O  O   . SER A 1 43  ? -8.668  0.945   -2.536  1.00 13.52 ? 44   SER A O   1 
ATOM   309  C  CB  . SER A 1 43  ? -7.167  -2.042  -2.142  1.00 11.13 ? 44   SER A CB  1 
ATOM   310  O  OG  . SER A 1 43  ? -6.805  -3.004  -1.166  1.00 11.37 ? 44   SER A OG  1 
ATOM   311  N  N   . GLY A 1 44  ? -6.717  0.623   -3.602  1.00 11.85 ? 45   GLY A N   1 
ATOM   312  C  CA  . GLY A 1 44  ? -7.064  1.560   -4.656  1.00 11.30 ? 45   GLY A CA  1 
ATOM   313  C  C   . GLY A 1 44  ? -6.227  1.312   -5.896  1.00 11.97 ? 45   GLY A C   1 
ATOM   314  O  O   . GLY A 1 44  ? -5.314  0.486   -5.874  1.00 12.55 ? 45   GLY A O   1 
ATOM   315  N  N   . HIS A 1 45  ? -6.543  2.013   -6.981  1.00 11.90 ? 46   HIS A N   1 
ATOM   316  C  CA  . HIS A 1 45  ? -5.797  1.890   -8.228  1.00 11.79 ? 46   HIS A CA  1 
ATOM   317  C  C   . HIS A 1 45  ? -5.688  0.480   -8.802  1.00 13.75 ? 46   HIS A C   1 
ATOM   318  O  O   . HIS A 1 45  ? -4.763  0.202   -9.565  1.00 14.11 ? 46   HIS A O   1 
ATOM   319  C  CB  . HIS A 1 45  ? -4.387  2.442   -8.032  1.00 9.81  ? 46   HIS A CB  1 
ATOM   320  C  CG  . HIS A 1 45  ? -4.360  3.829   -7.471  1.00 8.65  ? 46   HIS A CG  1 
ATOM   321  N  ND1 . HIS A 1 45  ? -3.418  4.240   -6.559  1.00 10.02 ? 46   HIS A ND1 1 
ATOM   322  C  CD2 . HIS A 1 45  ? -5.182  4.886   -7.670  1.00 10.13 ? 46   HIS A CD2 1 
ATOM   323  C  CE1 . HIS A 1 45  ? -3.660  5.492   -6.210  1.00 9.26  ? 46   HIS A CE1 1 
ATOM   324  N  NE2 . HIS A 1 45  ? -4.724  5.906   -6.869  1.00 12.37 ? 46   HIS A NE2 1 
ATOM   325  N  N   . MET A 1 46  ? -6.619  -0.404  -8.451  1.00 12.76 ? 47   MET A N   1 
ATOM   326  C  CA  . MET A 1 46  ? -6.588  -1.776  -8.957  1.00 13.01 ? 47   MET A CA  1 
ATOM   327  C  C   . MET A 1 46  ? -7.042  -1.878  -10.417 1.00 12.90 ? 47   MET A C   1 
ATOM   328  O  O   . MET A 1 46  ? -8.051  -1.289  -10.811 1.00 11.66 ? 47   MET A O   1 
ATOM   329  C  CB  . MET A 1 46  ? -7.478  -2.680  -8.097  1.00 13.17 ? 47   MET A CB  1 
ATOM   330  C  CG  . MET A 1 46  ? -6.953  -2.951  -6.713  1.00 11.12 ? 47   MET A CG  1 
ATOM   331  S  SD  . MET A 1 46  ? -5.343  -3.772  -6.733  1.00 15.32 ? 47   MET A SD  1 
ATOM   332  C  CE  . MET A 1 46  ? -4.870  -3.624  -5.013  1.00 8.33  ? 47   MET A CE  1 
ATOM   333  N  N   . PRO A 1 47  ? -6.298  -2.635  -11.240 1.00 12.94 ? 48   PRO A N   1 
ATOM   334  C  CA  . PRO A 1 47  ? -6.642  -2.806  -12.656 1.00 14.36 ? 48   PRO A CA  1 
ATOM   335  C  C   . PRO A 1 47  ? -7.927  -3.606  -12.804 1.00 14.86 ? 48   PRO A C   1 
ATOM   336  O  O   . PRO A 1 47  ? -8.322  -4.354  -11.900 1.00 13.87 ? 48   PRO A O   1 
ATOM   337  C  CB  . PRO A 1 47  ? -5.416  -3.522  -13.233 1.00 13.56 ? 48   PRO A CB  1 
ATOM   338  C  CG  . PRO A 1 47  ? -4.890  -4.287  -12.069 1.00 13.11 ? 48   PRO A CG  1 
ATOM   339  C  CD  . PRO A 1 47  ? -5.029  -3.305  -10.924 1.00 11.50 ? 48   PRO A CD  1 
ATOM   340  N  N   . GLU A 1 48  ? -8.578  -3.444  -13.948 1.00 16.63 ? 49   GLU A N   1 
ATOM   341  C  CA  . GLU A 1 48  ? -9.848  -4.110  -14.220 1.00 18.82 ? 49   GLU A CA  1 
ATOM   342  C  C   . GLU A 1 48  ? -9.909  -5.622  -13.964 1.00 19.08 ? 49   GLU A C   1 
ATOM   343  O  O   . GLU A 1 48  ? -10.939 -6.118  -13.521 1.00 18.80 ? 49   GLU A O   1 
ATOM   344  C  CB  . GLU A 1 48  ? -10.284 -3.793  -15.658 1.00 21.69 ? 49   GLU A CB  1 
ATOM   345  C  CG  . GLU A 1 48  ? -11.561 -4.499  -16.128 1.00 27.70 ? 49   GLU A CG  1 
ATOM   346  C  CD  . GLU A 1 48  ? -12.760 -4.262  -15.214 1.00 30.53 ? 49   GLU A CD  1 
ATOM   347  O  OE1 . GLU A 1 48  ? -13.097 -3.086  -14.939 1.00 29.81 ? 49   GLU A OE1 1 
ATOM   348  O  OE2 . GLU A 1 48  ? -13.369 -5.266  -14.781 1.00 33.91 ? 49   GLU A OE2 1 
ATOM   349  N  N   . PHE A 1 49  ? -8.831  -6.359  -14.218 1.00 17.49 ? 50   PHE A N   1 
ATOM   350  C  CA  . PHE A 1 49  ? -8.889  -7.804  -13.995 1.00 18.18 ? 50   PHE A CA  1 
ATOM   351  C  C   . PHE A 1 49  ? -9.090  -8.190  -12.522 1.00 18.86 ? 50   PHE A C   1 
ATOM   352  O  O   . PHE A 1 49  ? -9.451  -9.324  -12.217 1.00 20.33 ? 50   PHE A O   1 
ATOM   353  C  CB  . PHE A 1 49  ? -7.636  -8.489  -14.564 1.00 17.11 ? 50   PHE A CB  1 
ATOM   354  C  CG  . PHE A 1 49  ? -6.419  -8.385  -13.682 1.00 18.56 ? 50   PHE A CG  1 
ATOM   355  C  CD1 . PHE A 1 49  ? -6.313  -9.153  -12.526 1.00 17.73 ? 50   PHE A CD1 1 
ATOM   356  C  CD2 . PHE A 1 49  ? -5.378  -7.524  -14.011 1.00 18.91 ? 50   PHE A CD2 1 
ATOM   357  C  CE1 . PHE A 1 49  ? -5.186  -9.066  -11.710 1.00 18.95 ? 50   PHE A CE1 1 
ATOM   358  C  CE2 . PHE A 1 49  ? -4.245  -7.429  -13.201 1.00 17.74 ? 50   PHE A CE2 1 
ATOM   359  C  CZ  . PHE A 1 49  ? -4.150  -8.202  -12.049 1.00 16.62 ? 50   PHE A CZ  1 
ATOM   360  N  N   . VAL A 1 50  ? -8.866  -7.245  -11.615 1.00 19.21 ? 51   VAL A N   1 
ATOM   361  C  CA  . VAL A 1 50  ? -9.010  -7.483  -10.177 1.00 19.89 ? 51   VAL A CA  1 
ATOM   362  C  C   . VAL A 1 50  ? -10.454 -7.343  -9.675  1.00 19.73 ? 51   VAL A C   1 
ATOM   363  O  O   . VAL A 1 50  ? -11.031 -6.263  -9.759  1.00 21.51 ? 51   VAL A O   1 
ATOM   364  C  CB  . VAL A 1 50  ? -8.112  -6.489  -9.375  1.00 20.98 ? 51   VAL A CB  1 
ATOM   365  C  CG1 . VAL A 1 50  ? -8.420  -6.570  -7.887  1.00 22.55 ? 51   VAL A CG1 1 
ATOM   366  C  CG2 . VAL A 1 50  ? -6.635  -6.803  -9.624  1.00 20.26 ? 51   VAL A CG2 1 
ATOM   367  N  N   . GLU A 1 51  ? -11.037 -8.425  -9.155  1.00 17.71 ? 52   GLU A N   1 
ATOM   368  C  CA  . GLU A 1 51  ? -12.403 -8.369  -8.624  1.00 17.39 ? 52   GLU A CA  1 
ATOM   369  C  C   . GLU A 1 51  ? -12.332 -8.093  -7.120  1.00 16.32 ? 52   GLU A C   1 
ATOM   370  O  O   . GLU A 1 51  ? -13.232 -7.468  -6.551  1.00 16.34 ? 52   GLU A O   1 
ATOM   371  C  CB  . GLU A 1 51  ? -13.160 -9.681  -8.868  1.00 15.75 ? 52   GLU A CB  1 
ATOM   372  C  CG  . GLU A 1 51  ? -13.346 -10.068 -10.330 1.00 20.48 ? 52   GLU A CG  1 
ATOM   373  C  CD  . GLU A 1 51  ? -14.124 -9.038  -11.135 1.00 22.21 ? 52   GLU A CD  1 
ATOM   374  O  OE1 . GLU A 1 51  ? -15.004 -8.370  -10.558 1.00 24.24 ? 52   GLU A OE1 1 
ATOM   375  O  OE2 . GLU A 1 51  ? -13.861 -8.915  -12.351 1.00 27.00 ? 52   GLU A OE2 1 
ATOM   376  N  N   . ARG A 1 52  ? -11.257 -8.574  -6.497  1.00 15.80 ? 53   ARG A N   1 
ATOM   377  C  CA  . ARG A 1 52  ? -10.978 -8.387  -5.063  1.00 17.55 ? 53   ARG A CA  1 
ATOM   378  C  C   . ARG A 1 52  ? -9.512  -8.021  -4.954  1.00 15.84 ? 53   ARG A C   1 
ATOM   379  O  O   . ARG A 1 52  ? -8.689  -8.553  -5.692  1.00 13.90 ? 53   ARG A O   1 
ATOM   380  C  CB  . ARG A 1 52  ? -11.141 -9.678  -4.259  1.00 19.59 ? 53   ARG A CB  1 
ATOM   381  C  CG  . ARG A 1 52  ? -12.532 -10.112 -3.979  1.00 23.16 ? 53   ARG A CG  1 
ATOM   382  C  CD  . ARG A 1 52  ? -12.458 -11.363 -3.136  1.00 22.22 ? 53   ARG A CD  1 
ATOM   383  N  NE  . ARG A 1 52  ? -11.968 -11.094 -1.784  1.00 21.29 ? 53   ARG A NE  1 
ATOM   384  C  CZ  . ARG A 1 52  ? -12.733 -11.140 -0.698  1.00 23.29 ? 53   ARG A CZ  1 
ATOM   385  N  NH1 . ARG A 1 52  ? -14.022 -11.443 -0.810  1.00 22.13 ? 53   ARG A NH1 1 
ATOM   386  N  NH2 . ARG A 1 52  ? -12.211 -10.895 0.497   1.00 21.70 ? 53   ARG A NH2 1 
ATOM   387  N  N   . PRO A 1 53  ? -9.163  -7.140  -4.007  1.00 15.58 ? 54   PRO A N   1 
ATOM   388  C  CA  . PRO A 1 53  ? -7.767  -6.730  -3.829  1.00 15.42 ? 54   PRO A CA  1 
ATOM   389  C  C   . PRO A 1 53  ? -6.810  -7.930  -3.808  1.00 15.20 ? 54   PRO A C   1 
ATOM   390  O  O   . PRO A 1 53  ? -5.751  -7.906  -4.441  1.00 14.21 ? 54   PRO A O   1 
ATOM   391  C  CB  . PRO A 1 53  ? -7.801  -5.977  -2.503  1.00 15.95 ? 54   PRO A CB  1 
ATOM   392  C  CG  . PRO A 1 53  ? -9.189  -5.368  -2.510  1.00 19.24 ? 54   PRO A CG  1 
ATOM   393  C  CD  . PRO A 1 53  ? -10.041 -6.506  -3.006  1.00 17.48 ? 54   PRO A CD  1 
ATOM   394  N  N   . ALA A 1 54  ? -7.198  -8.983  -3.092  1.00 14.57 ? 55   ALA A N   1 
ATOM   395  C  CA  . ALA A 1 54  ? -6.388  -10.191 -2.999  1.00 14.05 ? 55   ALA A CA  1 
ATOM   396  C  C   . ALA A 1 54  ? -6.059  -10.753 -4.377  1.00 14.24 ? 55   ALA A C   1 
ATOM   397  O  O   . ALA A 1 54  ? -4.990  -11.339 -4.580  1.00 12.68 ? 55   ALA A O   1 
ATOM   398  C  CB  . ALA A 1 54  ? -7.115  -11.250 -2.167  1.00 16.47 ? 55   ALA A CB  1 
ATOM   399  N  N   . ASP A 1 55  ? -6.966  -10.574 -5.332  1.00 13.32 ? 56   ASP A N   1 
ATOM   400  C  CA  . ASP A 1 55  ? -6.706  -11.087 -6.675  1.00 13.83 ? 56   ASP A CA  1 
ATOM   401  C  C   . ASP A 1 55  ? -5.432  -10.468 -7.251  1.00 12.85 ? 56   ASP A C   1 
ATOM   402  O  O   . ASP A 1 55  ? -4.690  -11.127 -7.975  1.00 15.32 ? 56   ASP A O   1 
ATOM   403  C  CB  . ASP A 1 55  ? -7.895  -10.815 -7.616  1.00 12.41 ? 56   ASP A CB  1 
ATOM   404  C  CG  . ASP A 1 55  ? -9.199  -11.411 -7.105  1.00 13.70 ? 56   ASP A CG  1 
ATOM   405  O  OD1 . ASP A 1 55  ? -9.170  -12.432 -6.383  1.00 13.50 ? 56   ASP A OD1 1 
ATOM   406  O  OD2 . ASP A 1 55  ? -10.270 -10.861 -7.440  1.00 14.15 ? 56   ASP A OD2 1 
ATOM   407  N  N   . TYR A 1 56  ? -5.162  -9.208  -6.918  1.00 12.58 ? 57   TYR A N   1 
ATOM   408  C  CA  . TYR A 1 56  ? -3.966  -8.547  -7.429  1.00 11.49 ? 57   TYR A CA  1 
ATOM   409  C  C   . TYR A 1 56  ? -2.704  -9.150  -6.809  1.00 13.82 ? 57   TYR A C   1 
ATOM   410  O  O   . TYR A 1 56  ? -1.712  -9.402  -7.498  1.00 16.68 ? 57   TYR A O   1 
ATOM   411  C  CB  . TYR A 1 56  ? -4.014  -7.044  -7.126  1.00 11.00 ? 57   TYR A CB  1 
ATOM   412  C  CG  . TYR A 1 56  ? -2.883  -6.258  -7.749  1.00 9.79  ? 57   TYR A CG  1 
ATOM   413  C  CD1 . TYR A 1 56  ? -2.981  -5.777  -9.054  1.00 10.47 ? 57   TYR A CD1 1 
ATOM   414  C  CD2 . TYR A 1 56  ? -1.702  -6.024  -7.048  1.00 9.29  ? 57   TYR A CD2 1 
ATOM   415  C  CE1 . TYR A 1 56  ? -1.937  -5.088  -9.648  1.00 11.50 ? 57   TYR A CE1 1 
ATOM   416  C  CE2 . TYR A 1 56  ? -0.644  -5.333  -7.633  1.00 10.91 ? 57   TYR A CE2 1 
ATOM   417  C  CZ  . TYR A 1 56  ? -0.768  -4.870  -8.935  1.00 12.33 ? 57   TYR A CZ  1 
ATOM   418  O  OH  . TYR A 1 56  ? 0.269   -4.192  -9.534  1.00 13.50 ? 57   TYR A OH  1 
ATOM   419  N  N   . TRP A 1 57  ? -2.739  -9.380  -5.504  1.00 13.95 ? 58   TRP A N   1 
ATOM   420  C  CA  . TRP A 1 57  ? -1.589  -9.938  -4.817  1.00 13.03 ? 58   TRP A CA  1 
ATOM   421  C  C   . TRP A 1 57  ? -1.349  -11.395 -5.195  1.00 13.11 ? 58   TRP A C   1 
ATOM   422  O  O   . TRP A 1 57  ? -0.202  -11.857 -5.211  1.00 12.18 ? 58   TRP A O   1 
ATOM   423  C  CB  . TRP A 1 57  ? -1.769  -9.768  -3.311  1.00 11.63 ? 58   TRP A CB  1 
ATOM   424  C  CG  . TRP A 1 57  ? -2.010  -8.326  -2.970  1.00 11.38 ? 58   TRP A CG  1 
ATOM   425  C  CD1 . TRP A 1 57  ? -3.135  -7.789  -2.422  1.00 9.13  ? 58   TRP A CD1 1 
ATOM   426  C  CD2 . TRP A 1 57  ? -1.115  -7.232  -3.211  1.00 10.31 ? 58   TRP A CD2 1 
ATOM   427  N  NE1 . TRP A 1 57  ? -2.999  -6.424  -2.302  1.00 12.13 ? 58   TRP A NE1 1 
ATOM   428  C  CE2 . TRP A 1 57  ? -1.764  -6.058  -2.774  1.00 10.50 ? 58   TRP A CE2 1 
ATOM   429  C  CE3 . TRP A 1 57  ? 0.185   -7.133  -3.744  1.00 11.20 ? 58   TRP A CE3 1 
ATOM   430  C  CZ2 . TRP A 1 57  ? -1.168  -4.789  -2.867  1.00 10.10 ? 58   TRP A CZ2 1 
ATOM   431  C  CZ3 . TRP A 1 57  ? 0.777   -5.877  -3.834  1.00 8.97  ? 58   TRP A CZ3 1 
ATOM   432  C  CH2 . TRP A 1 57  ? 0.097   -4.720  -3.390  1.00 11.11 ? 58   TRP A CH2 1 
ATOM   433  N  N   . ASP A 1 58  ? -2.428  -12.109 -5.510  1.00 15.69 ? 59   ASP A N   1 
ATOM   434  C  CA  . ASP A 1 58  ? -2.317  -13.508 -5.934  1.00 18.41 ? 59   ASP A CA  1 
ATOM   435  C  C   . ASP A 1 58  ? -1.510  -13.538 -7.236  1.00 18.11 ? 59   ASP A C   1 
ATOM   436  O  O   . ASP A 1 58  ? -0.584  -14.333 -7.382  1.00 20.25 ? 59   ASP A O   1 
ATOM   437  C  CB  . ASP A 1 58  ? -3.700  -14.128 -6.214  1.00 18.62 ? 59   ASP A CB  1 
ATOM   438  C  CG  . ASP A 1 58  ? -4.471  -14.503 -4.946  1.00 21.87 ? 59   ASP A CG  1 
ATOM   439  O  OD1 . ASP A 1 58  ? -3.852  -14.894 -3.932  1.00 23.82 ? 59   ASP A OD1 1 
ATOM   440  O  OD2 . ASP A 1 58  ? -5.725  -14.431 -4.983  1.00 20.17 ? 59   ASP A OD2 1 
ATOM   441  N  N   . ALA A 1 59  ? -1.881  -12.673 -8.180  1.00 18.29 ? 60   ALA A N   1 
ATOM   442  C  CA  . ALA A 1 59  ? -1.203  -12.599 -9.476  1.00 19.70 ? 60   ALA A CA  1 
ATOM   443  C  C   . ALA A 1 59  ? 0.255   -12.220 -9.273  1.00 19.97 ? 60   ALA A C   1 
ATOM   444  O  O   . ALA A 1 59  ? 1.157   -12.857 -9.820  1.00 20.51 ? 60   ALA A O   1 
ATOM   445  C  CB  . ALA A 1 59  ? -1.894  -11.571 -10.382 1.00 17.92 ? 60   ALA A CB  1 
ATOM   446  N  N   . ALA A 1 60  ? 0.486   -11.173 -8.490  1.00 18.50 ? 61   ALA A N   1 
ATOM   447  C  CA  . ALA A 1 60  ? 1.847   -10.742 -8.221  1.00 16.31 ? 61   ALA A CA  1 
ATOM   448  C  C   . ALA A 1 60  ? 2.686   -11.946 -7.772  1.00 16.29 ? 61   ALA A C   1 
ATOM   449  O  O   . ALA A 1 60  ? 3.785   -12.146 -8.269  1.00 15.83 ? 61   ALA A O   1 
ATOM   450  C  CB  . ALA A 1 60  ? 1.845   -9.661  -7.145  1.00 13.63 ? 61   ALA A CB  1 
ATOM   451  N  N   . ASP A 1 61  ? 2.158   -12.747 -6.843  1.00 16.26 ? 62   ASP A N   1 
ATOM   452  C  CA  . ASP A 1 61  ? 2.872   -13.930 -6.345  1.00 18.32 ? 62   ASP A CA  1 
ATOM   453  C  C   . ASP A 1 61  ? 3.029   -15.003 -7.432  1.00 19.71 ? 62   ASP A C   1 
ATOM   454  O  O   . ASP A 1 61  ? 4.054   -15.676 -7.507  1.00 19.64 ? 62   ASP A O   1 
ATOM   455  C  CB  . ASP A 1 61  ? 2.136   -14.566 -5.153  1.00 15.88 ? 62   ASP A CB  1 
ATOM   456  C  CG  . ASP A 1 61  ? 2.320   -13.790 -3.841  1.00 18.71 ? 62   ASP A CG  1 
ATOM   457  O  OD1 . ASP A 1 61  ? 1.524   -14.029 -2.909  1.00 19.91 ? 62   ASP A OD1 1 
ATOM   458  O  OD2 . ASP A 1 61  ? 3.259   -12.968 -3.734  1.00 14.70 ? 62   ASP A OD2 1 
ATOM   459  N  N   . LEU A 1 62  ? 2.013   -15.159 -8.271  1.00 19.57 ? 63   LEU A N   1 
ATOM   460  C  CA  . LEU A 1 62  ? 2.052   -16.169 -9.314  1.00 22.67 ? 63   LEU A CA  1 
ATOM   461  C  C   . LEU A 1 62  ? 2.757   -15.748 -10.600 1.00 24.57 ? 63   LEU A C   1 
ATOM   462  O  O   . LEU A 1 62  ? 3.212   -16.602 -11.362 1.00 28.08 ? 63   LEU A O   1 
ATOM   463  C  CB  . LEU A 1 62  ? 0.625   -16.615 -9.636  1.00 22.36 ? 63   LEU A CB  1 
ATOM   464  C  CG  . LEU A 1 62  ? 0.446   -17.658 -10.746 1.00 24.91 ? 63   LEU A CG  1 
ATOM   465  C  CD1 . LEU A 1 62  ? 1.140   -18.965 -10.364 1.00 24.00 ? 63   LEU A CD1 1 
ATOM   466  C  CD2 . LEU A 1 62  ? -1.035  -17.885 -10.963 1.00 23.60 ? 63   LEU A CD2 1 
ATOM   467  N  N   . TYR A 1 63  ? 2.867   -14.443 -10.846 1.00 25.31 ? 64   TYR A N   1 
ATOM   468  C  CA  . TYR A 1 63  ? 3.492   -13.968 -12.079 1.00 24.04 ? 64   TYR A CA  1 
ATOM   469  C  C   . TYR A 1 63  ? 4.751   -13.104 -12.004 1.00 24.77 ? 64   TYR A C   1 
ATOM   470  O  O   . TYR A 1 63  ? 5.505   -13.060 -12.971 1.00 24.64 ? 64   TYR A O   1 
ATOM   471  C  CB  . TYR A 1 63  ? 2.447   -13.245 -12.935 1.00 23.37 ? 64   TYR A CB  1 
ATOM   472  C  CG  . TYR A 1 63  ? 1.276   -14.127 -13.325 1.00 24.91 ? 64   TYR A CG  1 
ATOM   473  C  CD1 . TYR A 1 63  ? -0.003  -13.872 -12.850 1.00 23.99 ? 64   TYR A CD1 1 
ATOM   474  C  CD2 . TYR A 1 63  ? 1.462   -15.244 -14.137 1.00 25.24 ? 64   TYR A CD2 1 
ATOM   475  C  CE1 . TYR A 1 63  ? -1.073  -14.714 -13.167 1.00 26.33 ? 64   TYR A CE1 1 
ATOM   476  C  CE2 . TYR A 1 63  ? 0.403   -16.089 -14.456 1.00 24.83 ? 64   TYR A CE2 1 
ATOM   477  C  CZ  . TYR A 1 63  ? -0.856  -15.820 -13.966 1.00 22.99 ? 64   TYR A CZ  1 
ATOM   478  O  OH  . TYR A 1 63  ? -1.887  -16.673 -14.249 1.00 23.72 ? 64   TYR A OH  1 
ATOM   479  N  N   . GLU A 1 64  ? 4.991   -12.401 -10.899 1.00 25.02 ? 65   GLU A N   1 
ATOM   480  C  CA  . GLU A 1 64  ? 6.201   -11.574 -10.833 1.00 28.17 ? 65   GLU A CA  1 
ATOM   481  C  C   . GLU A 1 64  ? 7.428   -12.471 -10.807 1.00 28.82 ? 65   GLU A C   1 
ATOM   482  O  O   . GLU A 1 64  ? 7.418   -13.520 -10.171 1.00 30.27 ? 65   GLU A O   1 
ATOM   483  C  CB  . GLU A 1 64  ? 6.203   -10.681 -9.589  1.00 28.39 ? 65   GLU A CB  1 
ATOM   484  C  CG  . GLU A 1 64  ? 6.171   -9.192  -9.905  1.00 30.46 ? 65   GLU A CG  1 
ATOM   485  C  CD  . GLU A 1 64  ? 7.510   -8.641  -10.379 1.00 29.71 ? 65   GLU A CD  1 
ATOM   486  O  OE1 . GLU A 1 64  ? 8.232   -9.324  -11.136 1.00 33.19 ? 65   GLU A OE1 1 
ATOM   487  O  OE2 . GLU A 1 64  ? 7.838   -7.504  -9.998  1.00 31.96 ? 65   GLU A OE2 1 
ATOM   488  N  N   . ARG A 1 65  ? 8.483   -12.060 -11.499 1.00 29.67 ? 66   ARG A N   1 
ATOM   489  C  CA  . ARG A 1 65  ? 9.703   -12.857 -11.533 1.00 31.58 ? 66   ARG A CA  1 
ATOM   490  C  C   . ARG A 1 65  ? 10.315  -12.938 -10.135 1.00 31.02 ? 66   ARG A C   1 
ATOM   491  O  O   . ARG A 1 65  ? 10.101  -12.053 -9.304  1.00 30.31 ? 66   ARG A O   1 
ATOM   492  C  CB  . ARG A 1 65  ? 10.704  -12.243 -12.514 1.00 32.25 ? 66   ARG A CB  1 
ATOM   493  C  CG  . ARG A 1 65  ? 11.119  -10.837 -12.141 1.00 34.20 ? 66   ARG A CG  1 
ATOM   494  C  CD  . ARG A 1 65  ? 12.200  -10.331 -13.060 1.00 35.47 ? 66   ARG A CD  1 
ATOM   495  N  NE  . ARG A 1 65  ? 12.779  -9.074  -12.586 1.00 35.61 ? 66   ARG A NE  1 
ATOM   496  C  CZ  . ARG A 1 65  ? 13.826  -8.492  -13.154 1.00 36.37 ? 66   ARG A CZ  1 
ATOM   497  N  NH1 . ARG A 1 65  ? 14.400  -9.060  -14.210 1.00 35.42 ? 66   ARG A NH1 1 
ATOM   498  N  NH2 . ARG A 1 65  ? 14.299  -7.349  -12.674 1.00 39.11 ? 66   ARG A NH2 1 
ATOM   499  N  N   . ALA A 1 66  ? 11.076  -14.000 -9.889  1.00 31.38 ? 67   ALA A N   1 
ATOM   500  C  CA  . ALA A 1 66  ? 11.712  -14.237 -8.591  1.00 32.53 ? 67   ALA A CA  1 
ATOM   501  C  C   . ALA A 1 66  ? 12.469  -13.039 -8.032  1.00 32.75 ? 67   ALA A C   1 
ATOM   502  O  O   . ALA A 1 66  ? 12.307  -12.684 -6.863  1.00 34.51 ? 67   ALA A O   1 
ATOM   503  C  CB  . ALA A 1 66  ? 12.651  -15.442 -8.689  1.00 32.15 ? 67   ALA A CB  1 
ATOM   504  N  N   . ASN A 1 67  ? 13.306  -12.427 -8.863  1.00 33.80 ? 68   ASN A N   1 
ATOM   505  C  CA  . ASN A 1 67  ? 14.084  -11.273 -8.439  1.00 33.29 ? 68   ASN A CA  1 
ATOM   506  C  C   . ASN A 1 67  ? 13.310  -9.977  -8.661  1.00 33.95 ? 68   ASN A C   1 
ATOM   507  O  O   . ASN A 1 67  ? 13.898  -8.926  -8.928  1.00 34.60 ? 68   ASN A O   1 
ATOM   508  C  CB  . ASN A 1 67  ? 15.414  -11.228 -9.196  1.00 36.55 ? 68   ASN A CB  1 
ATOM   509  C  CG  . ASN A 1 67  ? 16.380  -12.318 -8.751  1.00 39.85 ? 68   ASN A CG  1 
ATOM   510  O  OD1 . ASN A 1 67  ? 16.812  -12.352 -7.591  1.00 41.38 ? 68   ASN A OD1 1 
ATOM   511  N  ND2 . ASN A 1 67  ? 16.723  -13.216 -9.670  1.00 42.51 ? 68   ASN A ND2 1 
ATOM   512  N  N   . GLY A 1 68  ? 11.990  -10.055 -8.558  1.00 31.39 ? 69   GLY A N   1 
ATOM   513  C  CA  . GLY A 1 68  ? 11.172  -8.872  -8.739  1.00 30.05 ? 69   GLY A CA  1 
ATOM   514  C  C   . GLY A 1 68  ? 10.645  -8.373  -7.409  1.00 28.10 ? 69   GLY A C   1 
ATOM   515  O  O   . GLY A 1 68  ? 10.603  -9.125  -6.435  1.00 29.17 ? 69   GLY A O   1 
ATOM   516  N  N   . ARG A 1 69  ? 10.243  -7.107  -7.366  1.00 28.03 ? 70   ARG A N   1 
ATOM   517  C  CA  . ARG A 1 69  ? 9.711   -6.494  -6.148  1.00 24.39 ? 70   ARG A CA  1 
ATOM   518  C  C   . ARG A 1 69  ? 8.191   -6.643  -6.098  1.00 22.44 ? 70   ARG A C   1 
ATOM   519  O  O   . ARG A 1 69  ? 7.464   -5.943  -6.808  1.00 23.32 ? 70   ARG A O   1 
ATOM   520  C  CB  . ARG A 1 69  ? 10.091  -5.007  -6.115  1.00 25.75 ? 70   ARG A CB  1 
ATOM   521  C  CG  . ARG A 1 69  ? 11.594  -4.736  -6.229  1.00 27.32 ? 70   ARG A CG  1 
ATOM   522  C  CD  . ARG A 1 69  ? 11.878  -3.330  -6.776  1.00 28.95 ? 70   ARG A CD  1 
ATOM   523  N  NE  . ARG A 1 69  ? 11.437  -2.258  -5.878  1.00 34.06 ? 70   ARG A NE  1 
ATOM   524  C  CZ  . ARG A 1 69  ? 12.071  -1.899  -4.762  1.00 35.70 ? 70   ARG A CZ  1 
ATOM   525  N  NH1 . ARG A 1 69  ? 13.184  -2.528  -4.393  1.00 34.70 ? 70   ARG A NH1 1 
ATOM   526  N  NH2 . ARG A 1 69  ? 11.600  -0.900  -4.023  1.00 32.49 ? 70   ARG A NH2 1 
ATOM   527  N  N   . LEU A 1 70  ? 7.715   -7.558  -5.260  1.00 21.01 ? 71   LEU A N   1 
ATOM   528  C  CA  . LEU A 1 70  ? 6.282   -7.799  -5.118  1.00 19.16 ? 71   LEU A CA  1 
ATOM   529  C  C   . LEU A 1 70  ? 5.541   -6.577  -4.574  1.00 18.97 ? 71   LEU A C   1 
ATOM   530  O  O   . LEU A 1 70  ? 4.422   -6.276  -5.001  1.00 15.83 ? 71   LEU A O   1 
ATOM   531  C  CB  . LEU A 1 70  ? 6.039   -9.000  -4.198  1.00 20.13 ? 71   LEU A CB  1 
ATOM   532  C  CG  . LEU A 1 70  ? 6.535   -10.357 -4.723  1.00 21.49 ? 71   LEU A CG  1 
ATOM   533  C  CD1 . LEU A 1 70  ? 6.535   -11.358 -3.590  1.00 20.18 ? 71   LEU A CD1 1 
ATOM   534  C  CD2 . LEU A 1 70  ? 5.639   -10.841 -5.877  1.00 16.95 ? 71   LEU A CD2 1 
ATOM   535  N  N   . PHE A 1 71  ? 6.169   -5.873  -3.636  1.00 16.18 ? 72   PHE A N   1 
ATOM   536  C  CA  . PHE A 1 71  ? 5.559   -4.686  -3.052  1.00 17.92 ? 72   PHE A CA  1 
ATOM   537  C  C   . PHE A 1 71  ? 6.499   -4.000  -2.065  1.00 19.04 ? 72   PHE A C   1 
ATOM   538  O  O   . PHE A 1 71  ? 7.470   -4.589  -1.600  1.00 20.23 ? 72   PHE A O   1 
ATOM   539  C  CB  . PHE A 1 71  ? 4.249   -5.062  -2.344  1.00 16.23 ? 72   PHE A CB  1 
ATOM   540  C  CG  . PHE A 1 71  ? 4.436   -6.017  -1.209  1.00 15.95 ? 72   PHE A CG  1 
ATOM   541  C  CD1 . PHE A 1 71  ? 4.803   -5.556  0.053   1.00 16.39 ? 72   PHE A CD1 1 
ATOM   542  C  CD2 . PHE A 1 71  ? 4.303   -7.385  -1.409  1.00 14.66 ? 72   PHE A CD2 1 
ATOM   543  C  CE1 . PHE A 1 71  ? 5.036   -6.442  1.096   1.00 16.38 ? 72   PHE A CE1 1 
ATOM   544  C  CE2 . PHE A 1 71  ? 4.533   -8.284  -0.373  1.00 15.72 ? 72   PHE A CE2 1 
ATOM   545  C  CZ  . PHE A 1 71  ? 4.902   -7.814  0.882   1.00 17.56 ? 72   PHE A CZ  1 
ATOM   546  N  N   . LYS A 1 72  ? 6.195   -2.742  -1.770  1.00 20.78 ? 73   LYS A N   1 
ATOM   547  C  CA  . LYS A 1 72  ? 6.950   -1.930  -0.828  1.00 20.76 ? 73   LYS A CA  1 
ATOM   548  C  C   . LYS A 1 72  ? 6.007   -1.734  0.357   1.00 21.82 ? 73   LYS A C   1 
ATOM   549  O  O   . LYS A 1 72  ? 4.962   -1.084  0.237   1.00 21.64 ? 73   LYS A O   1 
ATOM   550  C  CB  . LYS A 1 72  ? 7.284   -0.576  -1.457  1.00 19.16 ? 73   LYS A CB  1 
ATOM   551  C  CG  . LYS A 1 72  ? 8.112   0.372   -0.582  1.00 21.34 ? 73   LYS A CG  1 
ATOM   552  C  CD  . LYS A 1 72  ? 9.528   -0.134  -0.386  1.00 20.67 ? 73   LYS A CD  1 
ATOM   553  C  CE  . LYS A 1 72  ? 10.396  0.875   0.350   1.00 25.45 ? 73   LYS A CE  1 
ATOM   554  N  NZ  . LYS A 1 72  ? 10.726  2.057   -0.503  1.00 25.85 ? 73   LYS A NZ  1 
ATOM   555  N  N   . GLU A 1 73  ? 6.372   -2.310  1.493   1.00 20.93 ? 74   GLU A N   1 
ATOM   556  C  CA  . GLU A 1 73  ? 5.564   -2.216  2.701   1.00 21.26 ? 74   GLU A CA  1 
ATOM   557  C  C   . GLU A 1 73  ? 5.979   -1.025  3.546   1.00 20.06 ? 74   GLU A C   1 
ATOM   558  O  O   . GLU A 1 73  ? 7.149   -0.872  3.893   1.00 19.63 ? 74   GLU A O   1 
ATOM   559  C  CB  . GLU A 1 73  ? 5.712   -3.495  3.520   1.00 23.67 ? 74   GLU A CB  1 
ATOM   560  C  CG  . GLU A 1 73  ? 5.081   -3.436  4.906   1.00 28.40 ? 74   GLU A CG  1 
ATOM   561  C  CD  . GLU A 1 73  ? 5.063   -4.795  5.574   1.00 30.83 ? 74   GLU A CD  1 
ATOM   562  O  OE1 . GLU A 1 73  ? 6.135   -5.431  5.649   1.00 31.76 ? 74   GLU A OE1 1 
ATOM   563  O  OE2 . GLU A 1 73  ? 3.974   -5.223  6.021   1.00 35.91 ? 74   GLU A OE2 1 
ATOM   564  N  N   . VAL A 1 74  ? 5.015   -0.182  3.879   1.00 18.17 ? 75   VAL A N   1 
ATOM   565  C  CA  . VAL A 1 74  ? 5.288   0.989   4.694   1.00 18.50 ? 75   VAL A CA  1 
ATOM   566  C  C   . VAL A 1 74  ? 4.470   0.887   5.980   1.00 18.64 ? 75   VAL A C   1 
ATOM   567  O  O   . VAL A 1 74  ? 3.316   0.451   5.952   1.00 17.80 ? 75   VAL A O   1 
ATOM   568  C  CB  . VAL A 1 74  ? 4.906   2.288   3.952   1.00 19.17 ? 75   VAL A CB  1 
ATOM   569  C  CG1 . VAL A 1 74  ? 5.280   3.496   4.795   1.00 22.54 ? 75   VAL A CG1 1 
ATOM   570  C  CG2 . VAL A 1 74  ? 5.612   2.351   2.604   1.00 19.71 ? 75   VAL A CG2 1 
ATOM   571  N  N   . GLU A 1 75  ? 5.076   1.273   7.101   1.00 17.87 ? 76   GLU A N   1 
ATOM   572  C  CA  . GLU A 1 75  ? 4.391   1.232   8.395   1.00 19.17 ? 76   GLU A CA  1 
ATOM   573  C  C   . GLU A 1 75  ? 4.564   2.549   9.136   1.00 19.37 ? 76   GLU A C   1 
ATOM   574  O  O   . GLU A 1 75  ? 5.680   3.056   9.269   1.00 18.33 ? 76   GLU A O   1 
ATOM   575  C  CB  . GLU A 1 75  ? 4.927   0.100   9.275   1.00 20.92 ? 76   GLU A CB  1 
ATOM   576  C  CG  . GLU A 1 75  ? 4.017   -0.195  10.467  1.00 24.16 ? 76   GLU A CG  1 
ATOM   577  C  CD  . GLU A 1 75  ? 4.498   -1.359  11.317  1.00 27.59 ? 76   GLU A CD  1 
ATOM   578  O  OE1 . GLU A 1 75  ? 4.994   -2.354  10.748  1.00 28.54 ? 76   GLU A OE1 1 
ATOM   579  O  OE2 . GLU A 1 75  ? 4.358   -1.283  12.555  1.00 31.07 ? 76   GLU A OE2 1 
ATOM   580  N  N   . PHE A 1 76  ? 3.460   3.100   9.624   1.00 18.24 ? 77   PHE A N   1 
ATOM   581  C  CA  . PHE A 1 76  ? 3.522   4.362   10.350  1.00 18.11 ? 77   PHE A CA  1 
ATOM   582  C  C   . PHE A 1 76  ? 2.511   4.439   11.489  1.00 16.80 ? 77   PHE A C   1 
ATOM   583  O  O   . PHE A 1 76  ? 1.384   3.965   11.368  1.00 15.51 ? 77   PHE A O   1 
ATOM   584  C  CB  . PHE A 1 76  ? 3.328   5.541   9.384   1.00 17.51 ? 77   PHE A CB  1 
ATOM   585  C  CG  . PHE A 1 76  ? 2.198   5.364   8.403   1.00 19.46 ? 77   PHE A CG  1 
ATOM   586  C  CD1 . PHE A 1 76  ? 2.337   4.530   7.297   1.00 19.32 ? 77   PHE A CD1 1 
ATOM   587  C  CD2 . PHE A 1 76  ? 0.989   6.021   8.594   1.00 19.09 ? 77   PHE A CD2 1 
ATOM   588  C  CE1 . PHE A 1 76  ? 1.291   4.363   6.393   1.00 19.07 ? 77   PHE A CE1 1 
ATOM   589  C  CE2 . PHE A 1 76  ? -0.064  5.860   7.694   1.00 20.86 ? 77   PHE A CE2 1 
ATOM   590  C  CZ  . PHE A 1 76  ? 0.086   5.025   6.596   1.00 18.74 ? 77   PHE A CZ  1 
ATOM   591  N  N   . ALA A 1 77  ? 2.931   5.025   12.606  1.00 15.94 ? 78   ALA A N   1 
ATOM   592  C  CA  . ALA A 1 77  ? 2.063   5.168   13.766  1.00 15.80 ? 78   ALA A CA  1 
ATOM   593  C  C   . ALA A 1 77  ? 1.045   6.274   13.504  1.00 16.80 ? 78   ALA A C   1 
ATOM   594  O  O   . ALA A 1 77  ? 1.335   7.233   12.785  1.00 18.79 ? 78   ALA A O   1 
ATOM   595  C  CB  . ALA A 1 77  ? 2.900   5.506   15.009  1.00 16.65 ? 78   ALA A CB  1 
ATOM   596  N  N   . LEU A 1 78  ? -0.141  6.133   14.087  1.00 16.87 ? 79   LEU A N   1 
ATOM   597  C  CA  . LEU A 1 78  ? -1.218  7.118   13.932  1.00 17.48 ? 79   LEU A CA  1 
ATOM   598  C  C   . LEU A 1 78  ? -1.420  7.911   15.235  1.00 17.27 ? 79   LEU A C   1 
ATOM   599  O  O   . LEU A 1 78  ? -1.302  7.359   16.325  1.00 15.66 ? 79   LEU A O   1 
ATOM   600  C  CB  . LEU A 1 78  ? -2.525  6.407   13.560  1.00 15.50 ? 79   LEU A CB  1 
ATOM   601  C  CG  . LEU A 1 78  ? -2.592  5.731   12.184  1.00 18.30 ? 79   LEU A CG  1 
ATOM   602  C  CD1 . LEU A 1 78  ? -3.824  4.854   12.099  1.00 13.64 ? 79   LEU A CD1 1 
ATOM   603  C  CD2 . LEU A 1 78  ? -2.611  6.800   11.085  1.00 20.12 ? 79   LEU A CD2 1 
ATOM   604  N  N   . PRO A 1 79  ? -1.722  9.218   15.136  1.00 19.09 ? 80   PRO A N   1 
ATOM   605  C  CA  . PRO A 1 79  ? -1.930  10.025  16.345  1.00 19.10 ? 80   PRO A CA  1 
ATOM   606  C  C   . PRO A 1 79  ? -3.099  9.478   17.169  1.00 21.31 ? 80   PRO A C   1 
ATOM   607  O  O   . PRO A 1 79  ? -4.203  9.301   16.642  1.00 20.96 ? 80   PRO A O   1 
ATOM   608  C  CB  . PRO A 1 79  ? -2.224  11.415  15.787  1.00 20.79 ? 80   PRO A CB  1 
ATOM   609  C  CG  . PRO A 1 79  ? -1.469  11.433  14.491  1.00 21.24 ? 80   PRO A CG  1 
ATOM   610  C  CD  . PRO A 1 79  ? -1.771  10.063  13.929  1.00 19.45 ? 80   PRO A CD  1 
ATOM   611  N  N   . VAL A 1 80  ? -2.864  9.213   18.455  1.00 21.27 ? 81   VAL A N   1 
ATOM   612  C  CA  . VAL A 1 80  ? -3.916  8.675   19.325  1.00 22.88 ? 81   VAL A CA  1 
ATOM   613  C  C   . VAL A 1 80  ? -5.046  9.642   19.645  1.00 21.48 ? 81   VAL A C   1 
ATOM   614  O  O   . VAL A 1 80  ? -6.152  9.211   19.968  1.00 20.76 ? 81   VAL A O   1 
ATOM   615  C  CB  . VAL A 1 80  ? -3.352  8.175   20.682  1.00 24.88 ? 81   VAL A CB  1 
ATOM   616  C  CG1 . VAL A 1 80  ? -2.808  6.758   20.540  1.00 27.08 ? 81   VAL A CG1 1 
ATOM   617  C  CG2 . VAL A 1 80  ? -2.266  9.114   21.173  1.00 26.09 ? 81   VAL A CG2 1 
ATOM   618  N  N   . GLU A 1 81  ? -4.771  10.941  19.560  1.00 20.97 ? 82   GLU A N   1 
ATOM   619  C  CA  . GLU A 1 81  ? -5.779  11.956  19.858  1.00 21.72 ? 82   GLU A CA  1 
ATOM   620  C  C   . GLU A 1 81  ? -6.887  11.977  18.810  1.00 21.84 ? 82   GLU A C   1 
ATOM   621  O  O   . GLU A 1 81  ? -8.036  12.293  19.111  1.00 20.00 ? 82   GLU A O   1 
ATOM   622  C  CB  . GLU A 1 81  ? -5.138  13.347  19.918  1.00 24.73 ? 82   GLU A CB  1 
ATOM   623  C  CG  . GLU A 1 81  ? -3.887  13.462  20.791  1.00 28.32 ? 82   GLU A CG  1 
ATOM   624  C  CD  . GLU A 1 81  ? -2.609  13.597  19.970  1.00 31.64 ? 82   GLU A CD  1 
ATOM   625  O  OE1 . GLU A 1 81  ? -2.264  12.649  19.227  1.00 32.44 ? 82   GLU A OE1 1 
ATOM   626  O  OE2 . GLU A 1 81  ? -1.949  14.657  20.057  1.00 32.68 ? 82   GLU A OE2 1 
ATOM   627  N  N   . LEU A 1 82  ? -6.523  11.655  17.572  1.00 22.06 ? 83   LEU A N   1 
ATOM   628  C  CA  . LEU A 1 82  ? -7.464  11.653  16.457  1.00 21.52 ? 83   LEU A CA  1 
ATOM   629  C  C   . LEU A 1 82  ? -8.561  10.600  16.614  1.00 20.38 ? 83   LEU A C   1 
ATOM   630  O  O   . LEU A 1 82  ? -8.341  9.546   17.203  1.00 20.31 ? 83   LEU A O   1 
ATOM   631  C  CB  . LEU A 1 82  ? -6.692  11.433  15.143  1.00 20.34 ? 83   LEU A CB  1 
ATOM   632  C  CG  . LEU A 1 82  ? -6.450  12.607  14.176  1.00 21.44 ? 83   LEU A CG  1 
ATOM   633  C  CD1 . LEU A 1 82  ? -6.169  13.896  14.917  1.00 20.21 ? 83   LEU A CD1 1 
ATOM   634  C  CD2 . LEU A 1 82  ? -5.299  12.252  13.238  1.00 16.19 ? 83   LEU A CD2 1 
ATOM   635  N  N   . THR A 1 83  ? -9.754  10.899  16.111  1.00 20.11 ? 84   THR A N   1 
ATOM   636  C  CA  . THR A 1 83  ? -10.844 9.937   16.189  1.00 19.32 ? 84   THR A CA  1 
ATOM   637  C  C   . THR A 1 83  ? -10.602 8.933   15.074  1.00 19.58 ? 84   THR A C   1 
ATOM   638  O  O   . THR A 1 83  ? -9.765  9.160   14.200  1.00 19.05 ? 84   THR A O   1 
ATOM   639  C  CB  . THR A 1 83  ? -12.221 10.594  15.954  1.00 21.21 ? 84   THR A CB  1 
ATOM   640  O  OG1 . THR A 1 83  ? -12.316 11.040  14.593  1.00 18.77 ? 84   THR A OG1 1 
ATOM   641  C  CG2 . THR A 1 83  ? -12.411 11.780  16.892  1.00 20.28 ? 84   THR A CG2 1 
ATOM   642  N  N   . LEU A 1 84  ? -11.334 7.827   15.098  1.00 20.58 ? 85   LEU A N   1 
ATOM   643  C  CA  . LEU A 1 84  ? -11.167 6.806   14.078  1.00 21.39 ? 85   LEU A CA  1 
ATOM   644  C  C   . LEU A 1 84  ? -11.433 7.368   12.679  1.00 22.04 ? 85   LEU A C   1 
ATOM   645  O  O   . LEU A 1 84  ? -10.671 7.100   11.746  1.00 22.74 ? 85   LEU A O   1 
ATOM   646  C  CB  . LEU A 1 84  ? -12.080 5.612   14.367  1.00 21.28 ? 85   LEU A CB  1 
ATOM   647  C  CG  . LEU A 1 84  ? -12.135 4.534   13.282  1.00 22.71 ? 85   LEU A CG  1 
ATOM   648  C  CD1 . LEU A 1 84  ? -10.730 4.015   13.000  1.00 22.35 ? 85   LEU A CD1 1 
ATOM   649  C  CD2 . LEU A 1 84  ? -13.052 3.404   13.718  1.00 22.41 ? 85   LEU A CD2 1 
ATOM   650  N  N   . ASP A 1 85  ? -12.499 8.150   12.524  1.00 21.23 ? 86   ASP A N   1 
ATOM   651  C  CA  . ASP A 1 85  ? -12.802 8.734   11.217  1.00 21.48 ? 86   ASP A CA  1 
ATOM   652  C  C   . ASP A 1 85  ? -11.655 9.626   10.753  1.00 20.52 ? 86   ASP A C   1 
ATOM   653  O  O   . ASP A 1 85  ? -11.287 9.621   9.575   1.00 19.66 ? 86   ASP A O   1 
ATOM   654  C  CB  . ASP A 1 85  ? -14.094 9.557   11.265  1.00 23.95 ? 86   ASP A CB  1 
ATOM   655  C  CG  . ASP A 1 85  ? -15.321 8.703   11.500  1.00 27.80 ? 86   ASP A CG  1 
ATOM   656  O  OD1 . ASP A 1 85  ? -15.248 7.475   11.262  1.00 27.85 ? 86   ASP A OD1 1 
ATOM   657  O  OD2 . ASP A 1 85  ? -16.367 9.260   11.916  1.00 32.36 ? 86   ASP A OD2 1 
ATOM   658  N  N   . GLN A 1 86  ? -11.102 10.402  11.680  1.00 17.66 ? 87   GLN A N   1 
ATOM   659  C  CA  . GLN A 1 86  ? -9.987  11.279  11.362  1.00 18.08 ? 87   GLN A CA  1 
ATOM   660  C  C   . GLN A 1 86  ? -8.747  10.445  11.011  1.00 17.30 ? 87   GLN A C   1 
ATOM   661  O  O   . GLN A 1 86  ? -7.962  10.825  10.143  1.00 17.32 ? 87   GLN A O   1 
ATOM   662  C  CB  . GLN A 1 86  ? -9.709  12.232  12.537  1.00 19.14 ? 87   GLN A CB  1 
ATOM   663  C  CG  . GLN A 1 86  ? -10.772 13.346  12.664  1.00 22.32 ? 87   GLN A CG  1 
ATOM   664  C  CD  . GLN A 1 86  ? -10.693 14.141  13.966  1.00 24.50 ? 87   GLN A CD  1 
ATOM   665  O  OE1 . GLN A 1 86  ? -11.345 15.183  14.104  1.00 27.49 ? 87   GLN A OE1 1 
ATOM   666  N  NE2 . GLN A 1 86  ? -9.909  13.651  14.927  1.00 19.40 ? 87   GLN A NE2 1 
ATOM   667  N  N   . GLN A 1 87  ? -8.581  9.300   11.668  1.00 15.13 ? 88   GLN A N   1 
ATOM   668  C  CA  . GLN A 1 87  ? -7.444  8.447   11.367  1.00 15.27 ? 88   GLN A CA  1 
ATOM   669  C  C   . GLN A 1 87  ? -7.643  7.835   9.977   1.00 15.63 ? 88   GLN A C   1 
ATOM   670  O  O   . GLN A 1 87  ? -6.694  7.739   9.190   1.00 13.95 ? 88   GLN A O   1 
ATOM   671  C  CB  . GLN A 1 87  ? -7.298  7.359   12.432  1.00 15.30 ? 88   GLN A CB  1 
ATOM   672  C  CG  . GLN A 1 87  ? -6.817  7.906   13.775  1.00 17.56 ? 88   GLN A CG  1 
ATOM   673  C  CD  . GLN A 1 87  ? -6.763  6.857   14.867  1.00 16.71 ? 88   GLN A CD  1 
ATOM   674  O  OE1 . GLN A 1 87  ? -6.292  7.123   15.970  1.00 19.85 ? 88   GLN A OE1 1 
ATOM   675  N  NE2 . GLN A 1 87  ? -7.247  5.664   14.567  1.00 15.34 ? 88   GLN A NE2 1 
ATOM   676  N  N   . LYS A 1 88  ? -8.877  7.435   9.673   1.00 15.00 ? 89   LYS A N   1 
ATOM   677  C  CA  . LYS A 1 88  ? -9.186  6.864   8.362   1.00 17.30 ? 89   LYS A CA  1 
ATOM   678  C  C   . LYS A 1 88  ? -8.898  7.862   7.244   1.00 16.43 ? 89   LYS A C   1 
ATOM   679  O  O   . LYS A 1 88  ? -8.275  7.510   6.250   1.00 17.61 ? 89   LYS A O   1 
ATOM   680  C  CB  . LYS A 1 88  ? -10.658 6.448   8.275   1.00 17.00 ? 89   LYS A CB  1 
ATOM   681  C  CG  . LYS A 1 88  ? -11.043 5.275   9.158   1.00 19.05 ? 89   LYS A CG  1 
ATOM   682  C  CD  . LYS A 1 88  ? -12.531 4.993   9.030   1.00 18.06 ? 89   LYS A CD  1 
ATOM   683  C  CE  . LYS A 1 88  ? -12.931 3.819   9.889   1.00 19.62 ? 89   LYS A CE  1 
ATOM   684  N  NZ  . LYS A 1 88  ? -14.345 3.423   9.674   1.00 20.51 ? 89   LYS A NZ  1 
ATOM   685  N  N   . ALA A 1 89  ? -9.357  9.099   7.402   1.00 14.58 ? 90   ALA A N   1 
ATOM   686  C  CA  . ALA A 1 89  ? -9.122  10.108  6.376   1.00 14.41 ? 90   ALA A CA  1 
ATOM   687  C  C   . ALA A 1 89  ? -7.632  10.361  6.206   1.00 12.93 ? 90   ALA A C   1 
ATOM   688  O  O   . ALA A 1 89  ? -7.137  10.443  5.081   1.00 14.73 ? 90   ALA A O   1 
ATOM   689  C  CB  . ALA A 1 89  ? -9.851  11.415  6.734   1.00 13.80 ? 90   ALA A CB  1 
ATOM   690  N  N   . LEU A 1 90  ? -6.914  10.485  7.319   1.00 13.72 ? 91   LEU A N   1 
ATOM   691  C  CA  . LEU A 1 90  ? -5.470  10.740  7.274   1.00 12.51 ? 91   LEU A CA  1 
ATOM   692  C  C   . LEU A 1 90  ? -4.678  9.643   6.553   1.00 13.45 ? 91   LEU A C   1 
ATOM   693  O  O   . LEU A 1 90  ? -3.843  9.940   5.695   1.00 14.07 ? 91   LEU A O   1 
ATOM   694  C  CB  . LEU A 1 90  ? -4.919  10.918  8.698   1.00 13.24 ? 91   LEU A CB  1 
ATOM   695  C  CG  . LEU A 1 90  ? -3.399  11.028  8.848   1.00 11.12 ? 91   LEU A CG  1 
ATOM   696  C  CD1 . LEU A 1 90  ? -2.878  12.220  8.060   1.00 11.12 ? 91   LEU A CD1 1 
ATOM   697  C  CD2 . LEU A 1 90  ? -3.035  11.169  10.320  1.00 13.35 ? 91   LEU A CD2 1 
ATOM   698  N  N   . ALA A 1 91  ? -4.943  8.385   6.906   1.00 13.10 ? 92   ALA A N   1 
ATOM   699  C  CA  . ALA A 1 91  ? -4.260  7.244   6.296   1.00 14.43 ? 92   ALA A CA  1 
ATOM   700  C  C   . ALA A 1 91  ? -4.527  7.179   4.793   1.00 14.92 ? 92   ALA A C   1 
ATOM   701  O  O   . ALA A 1 91  ? -3.599  7.000   3.997   1.00 13.74 ? 92   ALA A O   1 
ATOM   702  C  CB  . ALA A 1 91  ? -4.714  5.936   6.962   1.00 14.18 ? 92   ALA A CB  1 
ATOM   703  N  N   . SER A 1 92  ? -5.798  7.327   4.418   1.00 16.57 ? 93   SER A N   1 
ATOM   704  C  CA  . SER A 1 92  ? -6.192  7.301   3.009   1.00 17.29 ? 93   SER A CA  1 
ATOM   705  C  C   . SER A 1 92  ? -5.469  8.430   2.301   1.00 16.86 ? 93   SER A C   1 
ATOM   706  O  O   . SER A 1 92  ? -4.884  8.249   1.229   1.00 17.04 ? 93   SER A O   1 
ATOM   707  C  CB  . SER A 1 92  ? -7.696  7.528   2.858   1.00 17.85 ? 93   SER A CB  1 
ATOM   708  O  OG  . SER A 1 92  ? -8.439  6.610   3.634   1.00 20.07 ? 93   SER A OG  1 
ATOM   709  N  N   . GLU A 1 93  ? -5.523  9.603   2.918   1.00 17.46 ? 94   GLU A N   1 
ATOM   710  C  CA  . GLU A 1 93  ? -4.886  10.787  2.369   1.00 17.91 ? 94   GLU A CA  1 
ATOM   711  C  C   . GLU A 1 93  ? -3.405  10.541  2.114   1.00 16.78 ? 94   GLU A C   1 
ATOM   712  O  O   . GLU A 1 93  ? -2.894  10.862  1.038   1.00 16.28 ? 94   GLU A O   1 
ATOM   713  C  CB  . GLU A 1 93  ? -5.062  11.965  3.331   1.00 22.56 ? 94   GLU A CB  1 
ATOM   714  C  CG  . GLU A 1 93  ? -4.583  13.304  2.787   1.00 25.85 ? 94   GLU A CG  1 
ATOM   715  C  CD  . GLU A 1 93  ? -4.455  14.355  3.881   1.00 28.33 ? 94   GLU A CD  1 
ATOM   716  O  OE1 . GLU A 1 93  ? -3.635  14.150  4.802   1.00 31.82 ? 94   GLU A OE1 1 
ATOM   717  O  OE2 . GLU A 1 93  ? -5.167  15.374  3.822   1.00 28.70 ? 94   GLU A OE2 1 
ATOM   718  N  N   . PHE A 1 94  ? -2.708  9.963   3.090   1.00 14.13 ? 95   PHE A N   1 
ATOM   719  C  CA  . PHE A 1 94  ? -1.284  9.723   2.910   1.00 13.36 ? 95   PHE A CA  1 
ATOM   720  C  C   . PHE A 1 94  ? -1.023  8.632   1.852   1.00 14.28 ? 95   PHE A C   1 
ATOM   721  O  O   . PHE A 1 94  ? -0.049  8.710   1.108   1.00 16.04 ? 95   PHE A O   1 
ATOM   722  C  CB  . PHE A 1 94  ? -0.628  9.373   4.255   1.00 13.77 ? 95   PHE A CB  1 
ATOM   723  C  CG  . PHE A 1 94  ? 0.880   9.287   4.205   1.00 14.17 ? 95   PHE A CG  1 
ATOM   724  C  CD1 . PHE A 1 94  ? 1.659   10.382  3.817   1.00 16.46 ? 95   PHE A CD1 1 
ATOM   725  C  CD2 . PHE A 1 94  ? 1.521   8.105   4.544   1.00 15.24 ? 95   PHE A CD2 1 
ATOM   726  C  CE1 . PHE A 1 94  ? 3.055   10.288  3.778   1.00 15.91 ? 95   PHE A CE1 1 
ATOM   727  C  CE2 . PHE A 1 94  ? 2.913   8.003   4.508   1.00 17.19 ? 95   PHE A CE2 1 
ATOM   728  C  CZ  . PHE A 1 94  ? 3.679   9.095   4.123   1.00 14.37 ? 95   PHE A CZ  1 
ATOM   729  N  N   . ALA A 1 95  ? -1.896  7.629   1.766   1.00 14.04 ? 96   ALA A N   1 
ATOM   730  C  CA  . ALA A 1 95  ? -1.718  6.581   0.764   1.00 12.99 ? 96   ALA A CA  1 
ATOM   731  C  C   . ALA A 1 95  ? -1.768  7.197   -0.639  1.00 14.28 ? 96   ALA A C   1 
ATOM   732  O  O   . ALA A 1 95  ? -0.970  6.857   -1.518  1.00 13.22 ? 96   ALA A O   1 
ATOM   733  C  CB  . ALA A 1 95  ? -2.800  5.519   0.908   1.00 10.88 ? 96   ALA A CB  1 
ATOM   734  N  N   . GLN A 1 96  ? -2.723  8.097   -0.843  1.00 14.18 ? 97   GLN A N   1 
ATOM   735  C  CA  . GLN A 1 96  ? -2.872  8.773   -2.124  1.00 15.58 ? 97   GLN A CA  1 
ATOM   736  C  C   . GLN A 1 96  ? -1.612  9.573   -2.410  1.00 16.09 ? 97   GLN A C   1 
ATOM   737  O  O   . GLN A 1 96  ? -1.132  9.615   -3.540  1.00 17.04 ? 97   GLN A O   1 
ATOM   738  C  CB  . GLN A 1 96  ? -4.071  9.727   -2.088  1.00 16.54 ? 97   GLN A CB  1 
ATOM   739  C  CG  . GLN A 1 96  ? -5.389  9.028   -2.249  1.00 19.09 ? 97   GLN A CG  1 
ATOM   740  C  CD  . GLN A 1 96  ? -5.360  8.090   -3.441  1.00 21.83 ? 97   GLN A CD  1 
ATOM   741  O  OE1 . GLN A 1 96  ? -5.037  8.500   -4.569  1.00 20.86 ? 97   GLN A OE1 1 
ATOM   742  N  NE2 . GLN A 1 96  ? -5.674  6.826   -3.201  1.00 16.68 ? 97   GLN A NE2 1 
ATOM   743  N  N   . HIS A 1 97  ? -1.082  10.213  -1.377  1.00 14.62 ? 98   HIS A N   1 
ATOM   744  C  CA  . HIS A 1 97  ? 0.114   11.010  -1.532  1.00 15.84 ? 98   HIS A CA  1 
ATOM   745  C  C   . HIS A 1 97  ? 1.256   10.202  -2.131  1.00 16.09 ? 98   HIS A C   1 
ATOM   746  O  O   . HIS A 1 97  ? 2.004   10.708  -2.952  1.00 17.40 ? 98   HIS A O   1 
ATOM   747  C  CB  . HIS A 1 97  ? 0.559   11.584  -0.189  1.00 15.77 ? 98   HIS A CB  1 
ATOM   748  C  CG  . HIS A 1 97  ? 1.762   12.471  -0.293  1.00 17.15 ? 98   HIS A CG  1 
ATOM   749  N  ND1 . HIS A 1 97  ? 1.695   13.763  -0.766  1.00 17.89 ? 98   HIS A ND1 1 
ATOM   750  C  CD2 . HIS A 1 97  ? 3.070   12.226  -0.052  1.00 17.18 ? 98   HIS A CD2 1 
ATOM   751  C  CE1 . HIS A 1 97  ? 2.911   14.276  -0.816  1.00 19.37 ? 98   HIS A CE1 1 
ATOM   752  N  NE2 . HIS A 1 97  ? 3.763   13.362  -0.390  1.00 21.85 ? 98   HIS A NE2 1 
ATOM   753  N  N   . LEU A 1 98  ? 1.384   8.944   -1.727  1.00 16.35 ? 99   LEU A N   1 
ATOM   754  C  CA  . LEU A 1 98  ? 2.457   8.096   -2.224  1.00 14.83 ? 99   LEU A CA  1 
ATOM   755  C  C   . LEU A 1 98  ? 2.152   7.300   -3.505  1.00 14.39 ? 99   LEU A C   1 
ATOM   756  O  O   . LEU A 1 98  ? 3.074   6.905   -4.211  1.00 18.09 ? 99   LEU A O   1 
ATOM   757  C  CB  . LEU A 1 98  ? 2.887   7.119   -1.117  1.00 15.35 ? 99   LEU A CB  1 
ATOM   758  C  CG  . LEU A 1 98  ? 3.423   7.706   0.201   1.00 16.96 ? 99   LEU A CG  1 
ATOM   759  C  CD1 . LEU A 1 98  ? 3.761   6.582   1.188   1.00 16.28 ? 99   LEU A CD1 1 
ATOM   760  C  CD2 . LEU A 1 98  ? 4.660   8.540   -0.080  1.00 17.82 ? 99   LEU A CD2 1 
ATOM   761  N  N   . THR A 1 99  ? 0.875   7.093   -3.821  1.00 10.93 ? 100  THR A N   1 
ATOM   762  C  CA  . THR A 1 99  ? 0.476   6.275   -4.975  1.00 10.07 ? 100  THR A CA  1 
ATOM   763  C  C   . THR A 1 99  ? -0.448  6.958   -5.988  1.00 12.15 ? 100  THR A C   1 
ATOM   764  O  O   . THR A 1 99  ? -0.753  6.389   -7.043  1.00 10.01 ? 100  THR A O   1 
ATOM   765  C  CB  . THR A 1 99  ? -0.306  5.063   -4.496  1.00 10.58 ? 100  THR A CB  1 
ATOM   766  O  OG1 . THR A 1 99  ? -1.572  5.509   -4.000  1.00 11.81 ? 100  THR A OG1 1 
ATOM   767  C  CG2 . THR A 1 99  ? 0.446   4.345   -3.365  1.00 11.92 ? 100  THR A CG2 1 
ATOM   768  N  N   . GLY A 1 100 ? -0.895  8.164   -5.655  1.00 9.66  ? 101  GLY A N   1 
ATOM   769  C  CA  . GLY A 1 100 ? -1.831  8.886   -6.498  1.00 12.72 ? 101  GLY A CA  1 
ATOM   770  C  C   . GLY A 1 100 ? -1.384  9.433   -7.836  1.00 15.46 ? 101  GLY A C   1 
ATOM   771  O  O   . GLY A 1 100 ? -2.171  9.471   -8.790  1.00 17.61 ? 101  GLY A O   1 
ATOM   772  N  N   . ALA A 1 101 ? -0.135  9.865   -7.917  1.00 16.28 ? 102  ALA A N   1 
ATOM   773  C  CA  . ALA A 1 101 ? 0.398   10.415  -9.152  1.00 15.00 ? 102  ALA A CA  1 
ATOM   774  C  C   . ALA A 1 101 ? 0.421   9.352   -10.249 1.00 15.93 ? 102  ALA A C   1 
ATOM   775  O  O   . ALA A 1 101 ? -0.157  9.531   -11.316 1.00 14.94 ? 102  ALA A O   1 
ATOM   776  C  CB  . ALA A 1 101 ? 1.804   10.936  -8.908  1.00 14.44 ? 102  ALA A CB  1 
ATOM   777  N  N   . GLU A 1 102 ? 1.079   8.232   -9.959  1.00 16.04 ? 103  GLU A N   1 
ATOM   778  C  CA  . GLU A 1 102 ? 1.227   7.140   -10.917 1.00 14.71 ? 103  GLU A CA  1 
ATOM   779  C  C   . GLU A 1 102 ? 0.229   6.001   -10.772 1.00 15.02 ? 103  GLU A C   1 
ATOM   780  O  O   . GLU A 1 102 ? 0.396   4.948   -11.393 1.00 14.98 ? 103  GLU A O   1 
ATOM   781  C  CB  . GLU A 1 102 ? 2.644   6.567   -10.814 1.00 15.13 ? 103  GLU A CB  1 
ATOM   782  C  CG  . GLU A 1 102 ? 3.734   7.606   -11.006 1.00 17.15 ? 103  GLU A CG  1 
ATOM   783  C  CD  . GLU A 1 102 ? 5.113   7.000   -11.070 1.00 18.18 ? 103  GLU A CD  1 
ATOM   784  O  OE1 . GLU A 1 102 ? 5.668   6.637   -10.015 1.00 19.80 ? 103  GLU A OE1 1 
ATOM   785  O  OE2 . GLU A 1 102 ? 5.640   6.871   -12.187 1.00 23.58 ? 103  GLU A OE2 1 
ATOM   786  N  N   . ARG A 1 103 ? -0.805  6.216   -9.962  1.00 14.53 ? 104  ARG A N   1 
ATOM   787  C  CA  . ARG A 1 103 ? -1.830  5.209   -9.699  1.00 12.16 ? 104  ARG A CA  1 
ATOM   788  C  C   . ARG A 1 103 ? -1.262  3.824   -9.453  1.00 12.54 ? 104  ARG A C   1 
ATOM   789  O  O   . ARG A 1 103 ? -1.548  2.867   -10.182 1.00 11.33 ? 104  ARG A O   1 
ATOM   790  C  CB  . ARG A 1 103 ? -2.851  5.168   -10.825 1.00 11.44 ? 104  ARG A CB  1 
ATOM   791  C  CG  . ARG A 1 103 ? -3.715  6.392   -10.824 1.00 15.68 ? 104  ARG A CG  1 
ATOM   792  C  CD  . ARG A 1 103 ? -4.867  6.252   -11.767 1.00 15.99 ? 104  ARG A CD  1 
ATOM   793  N  NE  . ARG A 1 103 ? -5.774  7.385   -11.663 1.00 14.90 ? 104  ARG A NE  1 
ATOM   794  C  CZ  . ARG A 1 103 ? -6.389  7.926   -12.703 1.00 17.27 ? 104  ARG A CZ  1 
ATOM   795  N  NH1 . ARG A 1 103 ? -6.180  7.428   -13.920 1.00 15.64 ? 104  ARG A NH1 1 
ATOM   796  N  NH2 . ARG A 1 103 ? -7.203  8.958   -12.528 1.00 14.85 ? 104  ARG A NH2 1 
ATOM   797  N  N   . LEU A 1 104 ? -0.452  3.734   -8.405  1.00 11.94 ? 105  LEU A N   1 
ATOM   798  C  CA  . LEU A 1 104 ? 0.168   2.483   -7.998  1.00 11.48 ? 105  LEU A CA  1 
ATOM   799  C  C   . LEU A 1 104 ? -0.856  1.707   -7.174  1.00 10.75 ? 105  LEU A C   1 
ATOM   800  O  O   . LEU A 1 104 ? -1.403  2.231   -6.198  1.00 12.61 ? 105  LEU A O   1 
ATOM   801  C  CB  . LEU A 1 104 ? 1.409   2.769   -7.142  1.00 10.78 ? 105  LEU A CB  1 
ATOM   802  C  CG  . LEU A 1 104 ? 2.455   3.717   -7.740  1.00 9.67  ? 105  LEU A CG  1 
ATOM   803  C  CD1 . LEU A 1 104 ? 3.536   4.018   -6.712  1.00 11.32 ? 105  LEU A CD1 1 
ATOM   804  C  CD2 . LEU A 1 104 ? 3.058   3.102   -8.981  1.00 9.02  ? 105  LEU A CD2 1 
ATOM   805  N  N   . PRO A 1 105 ? -1.148  0.458   -7.563  1.00 10.38 ? 106  PRO A N   1 
ATOM   806  C  CA  . PRO A 1 105 ? -2.124  -0.299  -6.775  1.00 9.52  ? 106  PRO A CA  1 
ATOM   807  C  C   . PRO A 1 105 ? -1.600  -0.409  -5.348  1.00 10.86 ? 106  PRO A C   1 
ATOM   808  O  O   . PRO A 1 105 ? -0.390  -0.486  -5.131  1.00 9.94  ? 106  PRO A O   1 
ATOM   809  C  CB  . PRO A 1 105 ? -2.167  -1.653  -7.480  1.00 9.37  ? 106  PRO A CB  1 
ATOM   810  C  CG  . PRO A 1 105 ? -1.861  -1.286  -8.929  1.00 7.85  ? 106  PRO A CG  1 
ATOM   811  C  CD  . PRO A 1 105 ? -0.734  -0.295  -8.765  1.00 10.62 ? 106  PRO A CD  1 
ATOM   812  N  N   . TYR A 1 106 ? -2.504  -0.402  -4.374  1.00 11.64 ? 107  TYR A N   1 
ATOM   813  C  CA  . TYR A 1 106 ? -2.097  -0.502  -2.983  1.00 11.65 ? 107  TYR A CA  1 
ATOM   814  C  C   . TYR A 1 106 ? -3.224  -1.059  -2.153  1.00 12.04 ? 107  TYR A C   1 
ATOM   815  O  O   . TYR A 1 106 ? -4.372  -1.075  -2.584  1.00 11.63 ? 107  TYR A O   1 
ATOM   816  C  CB  . TYR A 1 106 ? -1.719  0.879   -2.427  1.00 10.18 ? 107  TYR A CB  1 
ATOM   817  C  CG  . TYR A 1 106 ? -2.910  1.772   -2.131  1.00 11.25 ? 107  TYR A CG  1 
ATOM   818  C  CD1 . TYR A 1 106 ? -3.602  1.677   -0.919  1.00 10.44 ? 107  TYR A CD1 1 
ATOM   819  C  CD2 . TYR A 1 106 ? -3.373  2.677   -3.078  1.00 9.75  ? 107  TYR A CD2 1 
ATOM   820  C  CE1 . TYR A 1 106 ? -4.731  2.469   -0.668  1.00 11.99 ? 107  TYR A CE1 1 
ATOM   821  C  CE2 . TYR A 1 106 ? -4.494  3.467   -2.840  1.00 12.43 ? 107  TYR A CE2 1 
ATOM   822  C  CZ  . TYR A 1 106 ? -5.168  3.359   -1.641  1.00 14.33 ? 107  TYR A CZ  1 
ATOM   823  O  OH  . TYR A 1 106 ? -6.293  4.127   -1.433  1.00 17.98 ? 107  TYR A OH  1 
ATOM   824  N  N   . THR A 1 107 ? -2.863  -1.518  -0.957  1.00 13.13 ? 108  THR A N   1 
ATOM   825  C  CA  . THR A 1 107 ? -3.805  -2.036  0.016   1.00 11.91 ? 108  THR A CA  1 
ATOM   826  C  C   . THR A 1 107 ? -3.267  -1.543  1.352   1.00 14.12 ? 108  THR A C   1 
ATOM   827  O  O   . THR A 1 107 ? -2.064  -1.639  1.626   1.00 15.21 ? 108  THR A O   1 
ATOM   828  C  CB  . THR A 1 107 ? -3.858  -3.583  0.026   1.00 12.49 ? 108  THR A CB  1 
ATOM   829  O  OG1 . THR A 1 107 ? -4.420  -4.057  -1.205  1.00 11.86 ? 108  THR A OG1 1 
ATOM   830  C  CG2 . THR A 1 107 ? -4.719  -4.081  1.177   1.00 11.78 ? 108  THR A CG2 1 
ATOM   831  N  N   . LEU A 1 108 ? -4.146  -0.981  2.174   1.00 13.47 ? 109  LEU A N   1 
ATOM   832  C  CA  . LEU A 1 108 ? -3.725  -0.492  3.475   1.00 14.03 ? 109  LEU A CA  1 
ATOM   833  C  C   . LEU A 1 108 ? -4.709  -0.946  4.528   1.00 15.11 ? 109  LEU A C   1 
ATOM   834  O  O   . LEU A 1 108 ? -5.876  -1.200  4.249   1.00 13.13 ? 109  LEU A O   1 
ATOM   835  C  CB  . LEU A 1 108 ? -3.638  1.038   3.480   1.00 18.49 ? 109  LEU A CB  1 
ATOM   836  C  CG  . LEU A 1 108 ? -4.916  1.873   3.478   1.00 19.61 ? 109  LEU A CG  1 
ATOM   837  C  CD1 . LEU A 1 108 ? -5.412  2.066   4.898   1.00 21.15 ? 109  LEU A CD1 1 
ATOM   838  C  CD2 . LEU A 1 108 ? -4.637  3.235   2.850   1.00 24.49 ? 109  LEU A CD2 1 
ATOM   839  N  N   . ALA A 1 109 ? -4.229  -1.049  5.753   1.00 13.05 ? 110  ALA A N   1 
ATOM   840  C  CA  . ALA A 1 109 ? -5.090  -1.457  6.836   1.00 14.03 ? 110  ALA A CA  1 
ATOM   841  C  C   . ALA A 1 109 ? -4.649  -0.679  8.066   1.00 13.21 ? 110  ALA A C   1 
ATOM   842  O  O   . ALA A 1 109 ? -3.459  -0.382  8.234   1.00 14.70 ? 110  ALA A O   1 
ATOM   843  C  CB  . ALA A 1 109 ? -4.948  -2.965  7.061   1.00 10.90 ? 110  ALA A CB  1 
ATOM   844  N  N   . ILE A 1 110 ? -5.608  -0.318  8.903   1.00 14.13 ? 111  ILE A N   1 
ATOM   845  C  CA  . ILE A 1 110 ? -5.321  0.401   10.148  1.00 15.17 ? 111  ILE A CA  1 
ATOM   846  C  C   . ILE A 1 110 ? -5.497  -0.621  11.268  1.00 16.05 ? 111  ILE A C   1 
ATOM   847  O  O   . ILE A 1 110 ? -6.490  -1.345  11.295  1.00 18.51 ? 111  ILE A O   1 
ATOM   848  C  CB  . ILE A 1 110 ? -6.318  1.582   10.376  1.00 16.40 ? 111  ILE A CB  1 
ATOM   849  C  CG1 . ILE A 1 110 ? -5.985  2.744   9.430   1.00 17.66 ? 111  ILE A CG1 1 
ATOM   850  C  CG2 . ILE A 1 110 ? -6.257  2.039   11.844  1.00 16.44 ? 111  ILE A CG2 1 
ATOM   851  C  CD1 . ILE A 1 110 ? -6.999  3.897   9.455   1.00 20.72 ? 111  ILE A CD1 1 
ATOM   852  N  N   . HIS A 1 111 ? -4.532  -0.683  12.181  1.00 16.99 ? 112  HIS A N   1 
ATOM   853  C  CA  . HIS A 1 111 ? -4.582  -1.626  13.295  1.00 18.38 ? 112  HIS A CA  1 
ATOM   854  C  C   . HIS A 1 111 ? -4.709  -0.965  14.669  1.00 22.11 ? 112  HIS A C   1 
ATOM   855  O  O   . HIS A 1 111 ? -4.225  0.150   14.884  1.00 22.30 ? 112  HIS A O   1 
ATOM   856  C  CB  . HIS A 1 111 ? -3.328  -2.508  13.292  1.00 15.83 ? 112  HIS A CB  1 
ATOM   857  C  CG  . HIS A 1 111 ? -3.346  -3.584  12.254  1.00 12.78 ? 112  HIS A CG  1 
ATOM   858  N  ND1 . HIS A 1 111 ? -2.286  -4.439  12.048  1.00 11.70 ? 112  HIS A ND1 1 
ATOM   859  C  CD2 . HIS A 1 111 ? -4.310  -3.959  11.374  1.00 12.83 ? 112  HIS A CD2 1 
ATOM   860  C  CE1 . HIS A 1 111 ? -2.593  -5.295  11.088  1.00 11.98 ? 112  HIS A CE1 1 
ATOM   861  N  NE2 . HIS A 1 111 ? -3.817  -5.025  10.664  1.00 11.88 ? 112  HIS A NE2 1 
ATOM   862  N  N   . ALA A 1 112 ? -5.350  -1.665  15.599  1.00 24.13 ? 113  ALA A N   1 
ATOM   863  C  CA  . ALA A 1 112 ? -5.516  -1.158  16.954  1.00 29.06 ? 113  ALA A CA  1 
ATOM   864  C  C   . ALA A 1 112 ? -4.433  -1.739  17.857  1.00 31.71 ? 113  ALA A C   1 
ATOM   865  O  O   . ALA A 1 112 ? -4.720  -2.592  18.697  1.00 37.89 ? 113  ALA A O   1 
ATOM   866  C  CB  . ALA A 1 112 ? -6.891  -1.542  17.496  1.00 27.28 ? 113  ALA A CB  1 
ATOM   867  N  N   . GLY A 1 113 ? -3.192  -1.297  17.686  1.00 34.28 ? 114  GLY A N   1 
ATOM   868  C  CA  . GLY A 1 113 ? -2.118  -1.807  18.522  1.00 35.01 ? 114  GLY A CA  1 
ATOM   869  C  C   . GLY A 1 113 ? -2.480  -1.609  19.983  1.00 36.99 ? 114  GLY A C   1 
ATOM   870  O  O   . GLY A 1 113 ? -2.221  -0.547  20.560  1.00 39.04 ? 114  GLY A O   1 
ATOM   871  N  N   . GLY A 1 114 ? -3.082  -2.633  20.580  1.00 37.23 ? 115  GLY A N   1 
ATOM   872  C  CA  . GLY A 1 114 ? -3.508  -2.538  21.962  1.00 37.52 ? 115  GLY A CA  1 
ATOM   873  C  C   . GLY A 1 114 ? -4.665  -1.558  22.008  1.00 39.24 ? 115  GLY A C   1 
ATOM   874  O  O   . GLY A 1 114 ? -5.839  -1.944  22.022  1.00 39.30 ? 115  GLY A O   1 
ATOM   875  N  N   . GLY A 1 115 ? -4.319  -0.276  22.007  1.00 37.49 ? 116  GLY A N   1 
ATOM   876  C  CA  . GLY A 1 115 ? -5.312  0.776   22.040  1.00 36.93 ? 116  GLY A CA  1 
ATOM   877  C  C   . GLY A 1 115 ? -4.571  2.076   22.240  1.00 37.36 ? 116  GLY A C   1 
ATOM   878  O  O   . GLY A 1 115 ? -5.130  3.163   22.093  1.00 38.19 ? 116  GLY A O   1 
ATOM   879  N  N   . GLU A 1 116 ? -3.292  1.954   22.579  1.00 36.38 ? 117  GLU A N   1 
ATOM   880  C  CA  . GLU A 1 116 ? -2.444  3.117   22.810  1.00 36.29 ? 117  GLU A CA  1 
ATOM   881  C  C   . GLU A 1 116 ? -1.452  3.276   21.664  1.00 34.70 ? 117  GLU A C   1 
ATOM   882  O  O   . GLU A 1 116 ? -0.656  4.214   21.652  1.00 35.01 ? 117  GLU A O   1 
ATOM   883  C  CB  . GLU A 1 116 ? -1.669  2.954   24.127  1.00 38.82 ? 117  GLU A CB  1 
ATOM   884  C  CG  . GLU A 1 116 ? -2.541  2.794   25.367  1.00 40.95 ? 117  GLU A CG  1 
ATOM   885  C  CD  . GLU A 1 116 ? -3.016  4.123   25.935  1.00 43.67 ? 117  GLU A CD  1 
ATOM   886  O  OE1 . GLU A 1 116 ? -2.176  4.886   26.462  1.00 45.35 ? 117  GLU A OE1 1 
ATOM   887  O  OE2 . GLU A 1 116 ? -4.233  4.404   25.853  1.00 46.78 ? 117  GLU A OE2 1 
ATOM   888  N  N   . ASN A 1 117 ? -1.503  2.362   20.699  1.00 33.01 ? 118  ASN A N   1 
ATOM   889  C  CA  . ASN A 1 117 ? -0.579  2.422   19.575  1.00 31.00 ? 118  ASN A CA  1 
ATOM   890  C  C   . ASN A 1 117 ? -1.217  2.106   18.213  1.00 28.43 ? 118  ASN A C   1 
ATOM   891  O  O   . ASN A 1 117 ? -0.846  1.135   17.552  1.00 27.75 ? 118  ASN A O   1 
ATOM   892  C  CB  . ASN A 1 117 ? 0.609   1.479   19.839  1.00 32.19 ? 118  ASN A CB  1 
ATOM   893  C  CG  . ASN A 1 117 ? 1.326   1.792   21.149  1.00 33.82 ? 118  ASN A CG  1 
ATOM   894  O  OD1 . ASN A 1 117 ? 1.901   2.871   21.319  1.00 34.77 ? 118  ASN A OD1 1 
ATOM   895  N  ND2 . ASN A 1 117 ? 1.289   0.846   22.084  1.00 35.74 ? 118  ASN A ND2 1 
ATOM   896  N  N   . PRO A 1 118 ? -2.203  2.912   17.790  1.00 25.86 ? 119  PRO A N   1 
ATOM   897  C  CA  . PRO A 1 118 ? -2.857  2.684   16.497  1.00 23.24 ? 119  PRO A CA  1 
ATOM   898  C  C   . PRO A 1 118 ? -1.817  2.883   15.400  1.00 19.68 ? 119  PRO A C   1 
ATOM   899  O  O   . PRO A 1 118 ? -1.040  3.835   15.448  1.00 20.09 ? 119  PRO A O   1 
ATOM   900  C  CB  . PRO A 1 118 ? -3.934  3.766   16.456  1.00 24.20 ? 119  PRO A CB  1 
ATOM   901  C  CG  . PRO A 1 118 ? -4.257  3.979   17.896  1.00 27.67 ? 119  PRO A CG  1 
ATOM   902  C  CD  . PRO A 1 118 ? -2.888  3.980   18.536  1.00 26.56 ? 119  PRO A CD  1 
ATOM   903  N  N   . HIS A 1 119 ? -1.786  1.986   14.422  1.00 19.12 ? 120  HIS A N   1 
ATOM   904  C  CA  . HIS A 1 119 ? -0.822  2.103   13.330  1.00 17.95 ? 120  HIS A CA  1 
ATOM   905  C  C   . HIS A 1 119 ? -1.403  1.646   11.995  1.00 16.77 ? 120  HIS A C   1 
ATOM   906  O  O   . HIS A 1 119 ? -2.447  0.986   11.943  1.00 15.73 ? 120  HIS A O   1 
ATOM   907  C  CB  . HIS A 1 119 ? 0.454   1.309   13.652  1.00 19.85 ? 120  HIS A CB  1 
ATOM   908  C  CG  . HIS A 1 119 ? 0.203   -0.123  14.006  1.00 22.61 ? 120  HIS A CG  1 
ATOM   909  N  ND1 . HIS A 1 119 ? -0.319  -0.504  15.221  1.00 22.92 ? 120  HIS A ND1 1 
ATOM   910  C  CD2 . HIS A 1 119 ? 0.381   -1.263  13.295  1.00 21.69 ? 120  HIS A CD2 1 
ATOM   911  C  CE1 . HIS A 1 119 ? -0.455  -1.819  15.245  1.00 24.38 ? 120  HIS A CE1 1 
ATOM   912  N  NE2 . HIS A 1 119 ? -0.037  -2.302  14.088  1.00 23.36 ? 120  HIS A NE2 1 
ATOM   913  N  N   . CYS A 1 120 ? -0.712  1.992   10.914  1.00 15.11 ? 121  CYS A N   1 
ATOM   914  C  CA  . CYS A 1 120 ? -1.168  1.650   9.575   1.00 16.85 ? 121  CYS A CA  1 
ATOM   915  C  C   . CYS A 1 120 ? -0.159  0.847   8.754   1.00 17.63 ? 121  CYS A C   1 
ATOM   916  O  O   . CYS A 1 120 ? 1.016   1.199   8.692   1.00 18.76 ? 121  CYS A O   1 
ATOM   917  C  CB  . CYS A 1 120 ? -1.523  2.936   8.823   1.00 17.18 ? 121  CYS A CB  1 
ATOM   918  S  SG  . CYS A 1 120 ? -2.085  2.667   7.129   1.00 25.05 ? 121  CYS A SG  1 
ATOM   919  N  N   . HIS A 1 121 ? -0.615  -0.240  8.138   1.00 14.73 ? 122  HIS A N   1 
ATOM   920  C  CA  . HIS A 1 121 ? 0.254   -1.057  7.290   1.00 14.67 ? 122  HIS A CA  1 
ATOM   921  C  C   . HIS A 1 121 ? -0.177  -0.724  5.863   1.00 14.00 ? 122  HIS A C   1 
ATOM   922  O  O   . HIS A 1 121 ? -1.363  -0.741  5.556   1.00 11.90 ? 122  HIS A O   1 
ATOM   923  C  CB  . HIS A 1 121 ? 0.046   -2.551  7.556   1.00 12.64 ? 122  HIS A CB  1 
ATOM   924  C  CG  . HIS A 1 121 ? 0.578   -3.013  8.876   1.00 15.28 ? 122  HIS A CG  1 
ATOM   925  N  ND1 . HIS A 1 121 ? 1.865   -3.477  9.041   1.00 15.92 ? 122  HIS A ND1 1 
ATOM   926  C  CD2 . HIS A 1 121 ? -0.005  -3.080  10.098  1.00 13.79 ? 122  HIS A CD2 1 
ATOM   927  C  CE1 . HIS A 1 121 ? 2.051   -3.812  10.307  1.00 15.07 ? 122  HIS A CE1 1 
ATOM   928  N  NE2 . HIS A 1 121 ? 0.932   -3.581  10.967  1.00 12.36 ? 122  HIS A NE2 1 
ATOM   929  N  N   . LEU A 1 122 ? 0.777   -0.411  4.997   1.00 14.50 ? 123  LEU A N   1 
ATOM   930  C  CA  . LEU A 1 122 ? 0.430   -0.059  3.629   1.00 15.69 ? 123  LEU A CA  1 
ATOM   931  C  C   . LEU A 1 122 ? 1.372   -0.717  2.636   1.00 16.12 ? 123  LEU A C   1 
ATOM   932  O  O   . LEU A 1 122 ? 2.582   -0.497  2.676   1.00 18.42 ? 123  LEU A O   1 
ATOM   933  C  CB  . LEU A 1 122 ? 0.451   1.472   3.480   1.00 14.30 ? 123  LEU A CB  1 
ATOM   934  C  CG  . LEU A 1 122 ? 0.151   2.230   2.179   1.00 17.08 ? 123  LEU A CG  1 
ATOM   935  C  CD1 . LEU A 1 122 ? 1.455   2.583   1.533   1.00 18.92 ? 123  LEU A CD1 1 
ATOM   936  C  CD2 . LEU A 1 122 ? -0.753  1.455   1.247   1.00 11.64 ? 123  LEU A CD2 1 
ATOM   937  N  N   . MET A 1 123 ? 0.825   -1.557  1.766   1.00 16.46 ? 124  MET A N   1 
ATOM   938  C  CA  . MET A 1 123 ? 1.657   -2.202  0.768   1.00 15.84 ? 124  MET A CA  1 
ATOM   939  C  C   . MET A 1 123 ? 1.379   -1.574  -0.581  1.00 15.20 ? 124  MET A C   1 
ATOM   940  O  O   . MET A 1 123 ? 0.226   -1.409  -0.991  1.00 15.89 ? 124  MET A O   1 
ATOM   941  C  CB  . MET A 1 123 ? 1.443   -3.725  0.759   1.00 17.11 ? 124  MET A CB  1 
ATOM   942  C  CG  . MET A 1 123 ? 0.027   -4.201  0.943   1.00 18.84 ? 124  MET A CG  1 
ATOM   943  S  SD  . MET A 1 123 ? -0.088  -5.970  1.481   1.00 18.32 ? 124  MET A SD  1 
ATOM   944  C  CE  . MET A 1 123 ? 0.453   -6.857  -0.020  1.00 18.47 ? 124  MET A CE  1 
ATOM   945  N  N   . ILE A 1 124 ? 2.462   -1.190  -1.244  1.00 15.18 ? 125  ILE A N   1 
ATOM   946  C  CA  . ILE A 1 124 ? 2.408   -0.529  -2.540  1.00 13.68 ? 125  ILE A CA  1 
ATOM   947  C  C   . ILE A 1 124 ? 3.057   -1.348  -3.630  1.00 15.34 ? 125  ILE A C   1 
ATOM   948  O  O   . ILE A 1 124 ? 4.205   -1.779  -3.498  1.00 13.96 ? 125  ILE A O   1 
ATOM   949  C  CB  . ILE A 1 124 ? 3.147   0.805   -2.488  1.00 14.92 ? 125  ILE A CB  1 
ATOM   950  C  CG1 . ILE A 1 124 ? 2.690   1.596   -1.264  1.00 13.56 ? 125  ILE A CG1 1 
ATOM   951  C  CG2 . ILE A 1 124 ? 2.913   1.582   -3.771  1.00 12.07 ? 125  ILE A CG2 1 
ATOM   952  C  CD1 . ILE A 1 124 ? 3.370   2.935   -1.138  1.00 16.63 ? 125  ILE A CD1 1 
ATOM   953  N  N   . SER A 1 125 ? 2.313   -1.564  -4.710  1.00 16.66 ? 126  SER A N   1 
ATOM   954  C  CA  . SER A 1 125 ? 2.815   -2.308  -5.860  1.00 16.87 ? 126  SER A CA  1 
ATOM   955  C  C   . SER A 1 125 ? 3.488   -1.283  -6.762  1.00 17.36 ? 126  SER A C   1 
ATOM   956  O  O   . SER A 1 125 ? 2.887   -0.264  -7.110  1.00 16.85 ? 126  SER A O   1 
ATOM   957  C  CB  . SER A 1 125 ? 1.655   -2.964  -6.610  1.00 18.66 ? 126  SER A CB  1 
ATOM   958  O  OG  . SER A 1 125 ? 2.081   -3.446  -7.871  1.00 19.71 ? 126  SER A OG  1 
ATOM   959  N  N   . GLU A 1 126 ? 4.732   -1.550  -7.141  1.00 17.43 ? 127  GLU A N   1 
ATOM   960  C  CA  . GLU A 1 126 ? 5.473   -0.627  -7.988  1.00 16.82 ? 127  GLU A CA  1 
ATOM   961  C  C   . GLU A 1 126 ? 5.202   -0.812  -9.473  1.00 17.45 ? 127  GLU A C   1 
ATOM   962  O  O   . GLU A 1 126 ? 6.128   -0.929  -10.277 1.00 19.61 ? 127  GLU A O   1 
ATOM   963  C  CB  . GLU A 1 126 ? 6.970   -0.746  -7.698  1.00 16.91 ? 127  GLU A CB  1 
ATOM   964  C  CG  . GLU A 1 126 ? 7.361   -0.158  -6.354  1.00 16.30 ? 127  GLU A CG  1 
ATOM   965  C  CD  . GLU A 1 126 ? 8.699   -0.677  -5.874  1.00 17.54 ? 127  GLU A CD  1 
ATOM   966  O  OE1 . GLU A 1 126 ? 9.577   0.145   -5.547  1.00 18.20 ? 127  GLU A OE1 1 
ATOM   967  O  OE2 . GLU A 1 126 ? 8.861   -1.912  -5.824  1.00 20.49 ? 127  GLU A OE2 1 
ATOM   968  N  N   . ARG A 1 127 ? 3.917   -0.828  -9.817  1.00 14.48 ? 128  ARG A N   1 
ATOM   969  C  CA  . ARG A 1 127 ? 3.453   -0.971  -11.192 1.00 14.96 ? 128  ARG A CA  1 
ATOM   970  C  C   . ARG A 1 127 ? 2.530   0.202   -11.455 1.00 16.06 ? 128  ARG A C   1 
ATOM   971  O  O   . ARG A 1 127 ? 1.633   0.487   -10.668 1.00 15.80 ? 128  ARG A O   1 
ATOM   972  C  CB  . ARG A 1 127 ? 2.674   -2.280  -11.371 1.00 15.40 ? 128  ARG A CB  1 
ATOM   973  C  CG  . ARG A 1 127 ? 3.526   -3.532  -11.215 1.00 14.76 ? 128  ARG A CG  1 
ATOM   974  C  CD  . ARG A 1 127 ? 4.295   -3.829  -12.503 1.00 16.73 ? 128  ARG A CD  1 
ATOM   975  N  NE  . ARG A 1 127 ? 5.246   -4.926  -12.349 1.00 14.83 ? 128  ARG A NE  1 
ATOM   976  C  CZ  . ARG A 1 127 ? 5.835   -5.546  -13.363 1.00 15.21 ? 128  ARG A CZ  1 
ATOM   977  N  NH1 . ARG A 1 127 ? 5.562   -5.177  -14.607 1.00 15.84 ? 128  ARG A NH1 1 
ATOM   978  N  NH2 . ARG A 1 127 ? 6.702   -6.521  -13.139 1.00 15.07 ? 128  ARG A NH2 1 
ATOM   979  N  N   . ILE A 1 128 ? 2.757   0.880   -12.569 1.00 16.34 ? 129  ILE A N   1 
ATOM   980  C  CA  . ILE A 1 128 ? 1.973   2.044   -12.939 1.00 15.18 ? 129  ILE A CA  1 
ATOM   981  C  C   . ILE A 1 128 ? 0.680   1.664   -13.644 1.00 15.74 ? 129  ILE A C   1 
ATOM   982  O  O   . ILE A 1 128 ? 0.702   1.058   -14.721 1.00 15.85 ? 129  ILE A O   1 
ATOM   983  C  CB  . ILE A 1 128 ? 2.803   2.955   -13.862 1.00 15.73 ? 129  ILE A CB  1 
ATOM   984  C  CG1 . ILE A 1 128 ? 4.093   3.354   -13.144 1.00 14.17 ? 129  ILE A CG1 1 
ATOM   985  C  CG2 . ILE A 1 128 ? 1.993   4.177   -14.278 1.00 15.44 ? 129  ILE A CG2 1 
ATOM   986  C  CD1 . ILE A 1 128 ? 5.110   4.056   -14.019 1.00 15.36 ? 129  ILE A CD1 1 
ATOM   987  N  N   . ASN A 1 129 ? -0.453  2.016   -13.048 1.00 12.84 ? 130  ASN A N   1 
ATOM   988  C  CA  . ASN A 1 129 ? -1.712  1.701   -13.698 1.00 12.99 ? 130  ASN A CA  1 
ATOM   989  C  C   . ASN A 1 129 ? -2.017  2.793   -14.714 1.00 13.26 ? 130  ASN A C   1 
ATOM   990  O  O   . ASN A 1 129 ? -2.433  3.895   -14.352 1.00 11.58 ? 130  ASN A O   1 
ATOM   991  C  CB  . ASN A 1 129 ? -2.855  1.608   -12.692 1.00 12.26 ? 130  ASN A CB  1 
ATOM   992  C  CG  . ASN A 1 129 ? -4.119  1.046   -13.318 1.00 12.96 ? 130  ASN A CG  1 
ATOM   993  O  OD1 . ASN A 1 129 ? -4.291  1.093   -14.535 1.00 11.55 ? 130  ASN A OD1 1 
ATOM   994  N  ND2 . ASN A 1 129 ? -5.010  0.522   -12.493 1.00 10.95 ? 130  ASN A ND2 1 
ATOM   995  N  N   . ASP A 1 130 ? -1.798  2.476   -15.987 1.00 13.62 ? 131  ASP A N   1 
ATOM   996  C  CA  . ASP A 1 130 ? -2.039  3.418   -17.073 1.00 15.19 ? 131  ASP A CA  1 
ATOM   997  C  C   . ASP A 1 130 ? -3.461  3.333   -17.623 1.00 15.85 ? 131  ASP A C   1 
ATOM   998  O  O   . ASP A 1 130 ? -3.770  3.952   -18.636 1.00 16.78 ? 131  ASP A O   1 
ATOM   999  C  CB  . ASP A 1 130 ? -1.041  3.181   -18.213 1.00 14.62 ? 131  ASP A CB  1 
ATOM   1000 C  CG  . ASP A 1 130 ? -0.934  1.716   -18.600 1.00 13.41 ? 131  ASP A CG  1 
ATOM   1001 O  OD1 . ASP A 1 130 ? -1.860  0.944   -18.295 1.00 13.93 ? 131  ASP A OD1 1 
ATOM   1002 O  OD2 . ASP A 1 130 ? 0.077   1.337   -19.217 1.00 14.90 ? 131  ASP A OD2 1 
ATOM   1003 N  N   . GLY A 1 131 ? -4.320  2.566   -16.958 1.00 14.71 ? 132  GLY A N   1 
ATOM   1004 C  CA  . GLY A 1 131 ? -5.692  2.443   -17.417 1.00 16.13 ? 132  GLY A CA  1 
ATOM   1005 C  C   . GLY A 1 131 ? -5.878  1.480   -18.578 1.00 16.24 ? 132  GLY A C   1 
ATOM   1006 O  O   . GLY A 1 131 ? -6.980  1.341   -19.098 1.00 15.02 ? 132  GLY A O   1 
ATOM   1007 N  N   . ILE A 1 132 ? -4.800  0.821   -18.991 1.00 17.34 ? 133  ILE A N   1 
ATOM   1008 C  CA  . ILE A 1 132 ? -4.859  -0.145  -20.086 1.00 18.40 ? 133  ILE A CA  1 
ATOM   1009 C  C   . ILE A 1 132 ? -5.116  -1.536  -19.527 1.00 17.89 ? 133  ILE A C   1 
ATOM   1010 O  O   . ILE A 1 132 ? -4.313  -2.059  -18.743 1.00 18.37 ? 133  ILE A O   1 
ATOM   1011 C  CB  . ILE A 1 132 ? -3.534  -0.166  -20.876 1.00 18.96 ? 133  ILE A CB  1 
ATOM   1012 C  CG1 . ILE A 1 132 ? -3.341  1.165   -21.595 1.00 20.37 ? 133  ILE A CG1 1 
ATOM   1013 C  CG2 . ILE A 1 132 ? -3.530  -1.319  -21.867 1.00 20.68 ? 133  ILE A CG2 1 
ATOM   1014 C  CD1 . ILE A 1 132 ? -1.967  1.339   -22.180 1.00 23.83 ? 133  ILE A CD1 1 
ATOM   1015 N  N   . GLU A 1 133 ? -6.229  -2.137  -19.930 1.00 18.64 ? 134  GLU A N   1 
ATOM   1016 C  CA  . GLU A 1 133 ? -6.586  -3.468  -19.448 1.00 19.51 ? 134  GLU A CA  1 
ATOM   1017 C  C   . GLU A 1 133 ? -5.575  -4.527  -19.867 1.00 19.48 ? 134  GLU A C   1 
ATOM   1018 O  O   . GLU A 1 133 ? -5.133  -4.560  -21.013 1.00 20.38 ? 134  GLU A O   1 
ATOM   1019 C  CB  . GLU A 1 133 ? -7.965  -3.897  -19.965 1.00 21.00 ? 134  GLU A CB  1 
ATOM   1020 C  CG  . GLU A 1 133 ? -9.117  -2.993  -19.586 1.00 24.39 ? 134  GLU A CG  1 
ATOM   1021 C  CD  . GLU A 1 133 ? -10.439 -3.748  -19.519 1.00 27.53 ? 134  GLU A CD  1 
ATOM   1022 O  OE1 . GLU A 1 133 ? -11.498 -3.106  -19.357 1.00 26.07 ? 134  GLU A OE1 1 
ATOM   1023 O  OE2 . GLU A 1 133 ? -10.414 -4.995  -19.621 1.00 30.79 ? 134  GLU A OE2 1 
ATOM   1024 N  N   . ARG A 1 134 ? -5.222  -5.395  -18.932 1.00 16.50 ? 135  ARG A N   1 
ATOM   1025 C  CA  . ARG A 1 134 ? -4.280  -6.468  -19.199 1.00 18.65 ? 135  ARG A CA  1 
ATOM   1026 C  C   . ARG A 1 134 ? -4.697  -7.642  -18.322 1.00 17.74 ? 135  ARG A C   1 
ATOM   1027 O  O   . ARG A 1 134 ? -5.132  -7.449  -17.189 1.00 18.70 ? 135  ARG A O   1 
ATOM   1028 C  CB  . ARG A 1 134 ? -2.842  -6.060  -18.830 1.00 16.31 ? 135  ARG A CB  1 
ATOM   1029 C  CG  . ARG A 1 134 ? -2.304  -4.800  -19.507 1.00 15.93 ? 135  ARG A CG  1 
ATOM   1030 C  CD  . ARG A 1 134 ? -0.882  -4.493  -19.022 1.00 16.54 ? 135  ARG A CD  1 
ATOM   1031 N  NE  . ARG A 1 134 ? -0.235  -3.404  -19.764 1.00 15.29 ? 135  ARG A NE  1 
ATOM   1032 C  CZ  . ARG A 1 134 ? -0.458  -2.107  -19.559 1.00 16.36 ? 135  ARG A CZ  1 
ATOM   1033 N  NH1 . ARG A 1 134 ? -1.316  -1.712  -18.627 1.00 15.68 ? 135  ARG A NH1 1 
ATOM   1034 N  NH2 . ARG A 1 134 ? 0.187   -1.203  -20.282 1.00 16.50 ? 135  ARG A NH2 1 
ATOM   1035 N  N   . PRO A 1 135 ? -4.618  -8.870  -18.849 1.00 18.55 ? 136  PRO A N   1 
ATOM   1036 C  CA  . PRO A 1 135 ? -4.994  -10.043 -18.049 1.00 17.47 ? 136  PRO A CA  1 
ATOM   1037 C  C   . PRO A 1 135 ? -4.024  -10.157 -16.869 1.00 16.86 ? 136  PRO A C   1 
ATOM   1038 O  O   . PRO A 1 135 ? -2.947  -9.568  -16.896 1.00 18.03 ? 136  PRO A O   1 
ATOM   1039 C  CB  . PRO A 1 135 ? -4.828  -11.193 -19.039 1.00 18.05 ? 136  PRO A CB  1 
ATOM   1040 C  CG  . PRO A 1 135 ? -5.232  -10.566 -20.336 1.00 20.10 ? 136  PRO A CG  1 
ATOM   1041 C  CD  . PRO A 1 135 ? -4.541  -9.210  -20.283 1.00 18.86 ? 136  PRO A CD  1 
ATOM   1042 N  N   . ALA A 1 136 ? -4.396  -10.914 -15.845 1.00 16.62 ? 137  ALA A N   1 
ATOM   1043 C  CA  . ALA A 1 136 ? -3.533  -11.077 -14.684 1.00 17.00 ? 137  ALA A CA  1 
ATOM   1044 C  C   . ALA A 1 136 ? -2.174  -11.652 -15.094 1.00 18.87 ? 137  ALA A C   1 
ATOM   1045 O  O   . ALA A 1 136 ? -1.129  -11.171 -14.659 1.00 17.90 ? 137  ALA A O   1 
ATOM   1046 C  CB  . ALA A 1 136 ? -4.208  -11.991 -13.643 1.00 16.41 ? 137  ALA A CB  1 
ATOM   1047 N  N   . ALA A 1 137 ? -2.195  -12.678 -15.941 1.00 19.36 ? 138  ALA A N   1 
ATOM   1048 C  CA  . ALA A 1 137 ? -0.968  -13.320 -16.404 1.00 21.21 ? 138  ALA A CA  1 
ATOM   1049 C  C   . ALA A 1 137 ? -0.071  -12.398 -17.244 1.00 22.43 ? 138  ALA A C   1 
ATOM   1050 O  O   . ALA A 1 137 ? 1.094   -12.718 -17.490 1.00 21.89 ? 138  ALA A O   1 
ATOM   1051 C  CB  . ALA A 1 137 ? -1.320  -14.581 -17.213 1.00 21.58 ? 138  ALA A CB  1 
ATOM   1052 N  N   . GLN A 1 138 ? -0.606  -11.258 -17.680 1.00 21.13 ? 139  GLN A N   1 
ATOM   1053 C  CA  . GLN A 1 138 ? 0.166   -10.321 -18.504 1.00 20.62 ? 139  GLN A CA  1 
ATOM   1054 C  C   . GLN A 1 138 ? 0.549   -9.032  -17.787 1.00 19.61 ? 139  GLN A C   1 
ATOM   1055 O  O   . GLN A 1 138 ? 1.459   -8.321  -18.212 1.00 19.33 ? 139  GLN A O   1 
ATOM   1056 C  CB  . GLN A 1 138 ? -0.627  -9.948  -19.760 1.00 18.90 ? 139  GLN A CB  1 
ATOM   1057 C  CG  . GLN A 1 138 ? 0.122   -9.035  -20.723 1.00 19.07 ? 139  GLN A CG  1 
ATOM   1058 C  CD  . GLN A 1 138 ? -0.775  -8.482  -21.817 1.00 20.64 ? 139  GLN A CD  1 
ATOM   1059 O  OE1 . GLN A 1 138 ? -1.599  -9.201  -22.378 1.00 20.79 ? 139  GLN A OE1 1 
ATOM   1060 N  NE2 . GLN A 1 138 ? -0.611  -7.200  -22.129 1.00 18.64 ? 139  GLN A NE2 1 
ATOM   1061 N  N   . TRP A 1 139 ? -0.153  -8.728  -16.701 1.00 19.89 ? 140  TRP A N   1 
ATOM   1062 C  CA  . TRP A 1 139 ? 0.097   -7.494  -15.962 1.00 17.01 ? 140  TRP A CA  1 
ATOM   1063 C  C   . TRP A 1 139 ? 1.528   -7.296  -15.469 1.00 18.68 ? 140  TRP A C   1 
ATOM   1064 O  O   . TRP A 1 139 ? 2.070   -6.195  -15.573 1.00 18.63 ? 140  TRP A O   1 
ATOM   1065 C  CB  . TRP A 1 139 ? -0.883  -7.386  -14.788 1.00 16.43 ? 140  TRP A CB  1 
ATOM   1066 C  CG  . TRP A 1 139 ? -0.746  -6.114  -13.986 1.00 12.16 ? 140  TRP A CG  1 
ATOM   1067 C  CD1 . TRP A 1 139 ? 0.052   -5.919  -12.895 1.00 11.55 ? 140  TRP A CD1 1 
ATOM   1068 C  CD2 . TRP A 1 139 ? -1.371  -4.852  -14.256 1.00 9.25  ? 140  TRP A CD2 1 
ATOM   1069 N  NE1 . TRP A 1 139 ? -0.034  -4.620  -12.473 1.00 12.02 ? 140  TRP A NE1 1 
ATOM   1070 C  CE2 . TRP A 1 139 ? -0.898  -3.938  -13.288 1.00 8.76  ? 140  TRP A CE2 1 
ATOM   1071 C  CE3 . TRP A 1 139 ? -2.279  -4.403  -15.224 1.00 11.70 ? 140  TRP A CE3 1 
ATOM   1072 C  CZ2 . TRP A 1 139 ? -1.300  -2.596  -13.258 1.00 9.45  ? 140  TRP A CZ2 1 
ATOM   1073 C  CZ3 . TRP A 1 139 ? -2.682  -3.062  -15.196 1.00 7.42  ? 140  TRP A CZ3 1 
ATOM   1074 C  CH2 . TRP A 1 139 ? -2.191  -2.178  -14.219 1.00 10.55 ? 140  TRP A CH2 1 
ATOM   1075 N  N   . PHE A 1 140 ? 2.142   -8.355  -14.948 1.00 20.32 ? 141  PHE A N   1 
ATOM   1076 C  CA  . PHE A 1 140 ? 3.490   -8.260  -14.402 1.00 20.26 ? 141  PHE A CA  1 
ATOM   1077 C  C   . PHE A 1 140 ? 4.635   -8.562  -15.379 1.00 23.17 ? 141  PHE A C   1 
ATOM   1078 O  O   . PHE A 1 140 ? 5.810   -8.571  -14.996 1.00 23.24 ? 141  PHE A O   1 
ATOM   1079 C  CB  . PHE A 1 140 ? 3.595   -9.155  -13.161 1.00 19.53 ? 141  PHE A CB  1 
ATOM   1080 C  CG  . PHE A 1 140 ? 2.572   -8.836  -12.092 1.00 19.26 ? 141  PHE A CG  1 
ATOM   1081 C  CD1 . PHE A 1 140 ? 1.324   -9.452  -12.089 1.00 17.11 ? 141  PHE A CD1 1 
ATOM   1082 C  CD2 . PHE A 1 140 ? 2.861   -7.907  -11.093 1.00 17.05 ? 141  PHE A CD2 1 
ATOM   1083 C  CE1 . PHE A 1 140 ? 0.377   -9.147  -11.099 1.00 18.62 ? 141  PHE A CE1 1 
ATOM   1084 C  CE2 . PHE A 1 140 ? 1.926   -7.595  -10.102 1.00 14.52 ? 141  PHE A CE2 1 
ATOM   1085 C  CZ  . PHE A 1 140 ? 0.681   -8.216  -10.106 1.00 18.84 ? 141  PHE A CZ  1 
ATOM   1086 N  N   . LYS A 1 141 ? 4.299   -8.809  -16.640 1.00 22.92 ? 142  LYS A N   1 
ATOM   1087 C  CA  . LYS A 1 141 ? 5.320   -9.074  -17.641 1.00 23.44 ? 142  LYS A CA  1 
ATOM   1088 C  C   . LYS A 1 141 ? 6.094   -7.782  -17.853 1.00 23.69 ? 142  LYS A C   1 
ATOM   1089 O  O   . LYS A 1 141 ? 5.741   -6.733  -17.295 1.00 21.25 ? 142  LYS A O   1 
ATOM   1090 C  CB  . LYS A 1 141 ? 4.673   -9.531  -18.954 1.00 25.21 ? 142  LYS A CB  1 
ATOM   1091 C  CG  . LYS A 1 141 ? 4.004   -10.904 -18.872 1.00 26.02 ? 142  LYS A CG  1 
ATOM   1092 C  CD  . LYS A 1 141 ? 3.107   -11.177 -20.078 1.00 30.03 ? 142  LYS A CD  1 
ATOM   1093 C  CE  . LYS A 1 141 ? 2.571   -12.604 -20.059 1.00 31.75 ? 142  LYS A CE  1 
ATOM   1094 N  NZ  . LYS A 1 141 ? 1.145   -12.676 -20.527 1.00 33.65 ? 142  LYS A NZ  1 
ATOM   1095 N  N   . ARG A 1 142 ? 7.158   -7.861  -18.646 1.00 23.01 ? 143  ARG A N   1 
ATOM   1096 C  CA  . ARG A 1 142 ? 7.980   -6.698  -18.941 1.00 24.19 ? 143  ARG A CA  1 
ATOM   1097 C  C   . ARG A 1 142 ? 7.158   -5.684  -19.713 1.00 24.22 ? 143  ARG A C   1 
ATOM   1098 O  O   . ARG A 1 142 ? 6.252   -6.046  -20.458 1.00 22.04 ? 143  ARG A O   1 
ATOM   1099 C  CB  . ARG A 1 142 ? 9.205   -7.115  -19.758 1.00 27.33 ? 143  ARG A CB  1 
ATOM   1100 C  CG  . ARG A 1 142 ? 10.089  -8.110  -19.027 1.00 31.16 ? 143  ARG A CG  1 
ATOM   1101 C  CD  . ARG A 1 142 ? 11.270  -8.576  -19.866 1.00 32.78 ? 143  ARG A CD  1 
ATOM   1102 N  NE  . ARG A 1 142 ? 11.995  -9.656  -19.198 1.00 33.77 ? 143  ARG A NE  1 
ATOM   1103 C  CZ  . ARG A 1 142 ? 12.615  -9.533  -18.026 1.00 35.22 ? 143  ARG A CZ  1 
ATOM   1104 N  NH1 . ARG A 1 142 ? 12.608  -8.372  -17.381 1.00 35.32 ? 143  ARG A NH1 1 
ATOM   1105 N  NH2 . ARG A 1 142 ? 13.238  -10.575 -17.495 1.00 34.74 ? 143  ARG A NH2 1 
ATOM   1106 N  N   . TYR A 1 143 ? 7.479   -4.411  -19.520 1.00 24.65 ? 144  TYR A N   1 
ATOM   1107 C  CA  . TYR A 1 143 ? 6.773   -3.323  -20.189 1.00 24.69 ? 144  TYR A CA  1 
ATOM   1108 C  C   . TYR A 1 143 ? 7.234   -3.198  -21.636 1.00 24.48 ? 144  TYR A C   1 
ATOM   1109 O  O   . TYR A 1 143 ? 8.410   -3.397  -21.934 1.00 25.92 ? 144  TYR A O   1 
ATOM   1110 C  CB  . TYR A 1 143 ? 7.050   -2.012  -19.455 1.00 22.58 ? 144  TYR A CB  1 
ATOM   1111 C  CG  . TYR A 1 143 ? 6.337   -0.811  -20.025 1.00 21.54 ? 144  TYR A CG  1 
ATOM   1112 C  CD1 . TYR A 1 143 ? 4.947   -0.734  -20.014 1.00 22.66 ? 144  TYR A CD1 1 
ATOM   1113 C  CD2 . TYR A 1 143 ? 7.053   0.269   -20.537 1.00 22.32 ? 144  TYR A CD2 1 
ATOM   1114 C  CE1 . TYR A 1 143 ? 4.288   0.394   -20.495 1.00 23.68 ? 144  TYR A CE1 1 
ATOM   1115 C  CE2 . TYR A 1 143 ? 6.404   1.400   -21.017 1.00 22.28 ? 144  TYR A CE2 1 
ATOM   1116 C  CZ  . TYR A 1 143 ? 5.025   1.457   -20.992 1.00 23.12 ? 144  TYR A CZ  1 
ATOM   1117 O  OH  . TYR A 1 143 ? 4.379   2.589   -21.443 1.00 24.61 ? 144  TYR A OH  1 
ATOM   1118 N  N   . ASN A 1 144 ? 6.307   -2.864  -22.526 1.00 24.62 ? 145  ASN A N   1 
ATOM   1119 C  CA  . ASN A 1 144 ? 6.630   -2.696  -23.940 1.00 25.28 ? 145  ASN A CA  1 
ATOM   1120 C  C   . ASN A 1 144 ? 6.376   -1.247  -24.339 1.00 24.89 ? 145  ASN A C   1 
ATOM   1121 O  O   . ASN A 1 144 ? 5.273   -0.891  -24.757 1.00 24.81 ? 145  ASN A O   1 
ATOM   1122 C  CB  . ASN A 1 144 ? 5.776   -3.633  -24.803 1.00 26.17 ? 145  ASN A CB  1 
ATOM   1123 C  CG  . ASN A 1 144 ? 6.306   -3.766  -26.222 1.00 27.73 ? 145  ASN A CG  1 
ATOM   1124 O  OD1 . ASN A 1 144 ? 6.511   -2.773  -26.912 1.00 29.01 ? 145  ASN A OD1 1 
ATOM   1125 N  ND2 . ASN A 1 144 ? 6.530   -5.000  -26.659 1.00 26.82 ? 145  ASN A ND2 1 
ATOM   1126 N  N   . GLY A 1 145 ? 7.408   -0.418  -24.211 1.00 24.42 ? 146  GLY A N   1 
ATOM   1127 C  CA  . GLY A 1 145 ? 7.290   0.992   -24.544 1.00 25.30 ? 146  GLY A CA  1 
ATOM   1128 C  C   . GLY A 1 145 ? 6.707   1.306   -25.909 1.00 25.30 ? 146  GLY A C   1 
ATOM   1129 O  O   . GLY A 1 145 ? 5.973   2.282   -26.067 1.00 25.56 ? 146  GLY A O   1 
ATOM   1130 N  N   . LYS A 1 146 ? 7.032   0.490   -26.906 1.00 26.59 ? 147  LYS A N   1 
ATOM   1131 C  CA  . LYS A 1 146 ? 6.516   0.718   -28.248 1.00 28.53 ? 147  LYS A CA  1 
ATOM   1132 C  C   . LYS A 1 146 ? 5.013   0.491   -28.300 1.00 28.67 ? 147  LYS A C   1 
ATOM   1133 O  O   . LYS A 1 146 ? 4.270   1.322   -28.823 1.00 29.95 ? 147  LYS A O   1 
ATOM   1134 C  CB  . LYS A 1 146 ? 7.216   -0.208  -29.254 1.00 30.03 ? 147  LYS A CB  1 
ATOM   1135 C  CG  . LYS A 1 146 ? 8.715   0.046   -29.388 1.00 33.08 ? 147  LYS A CG  1 
ATOM   1136 C  CD  . LYS A 1 146 ? 8.989   1.429   -29.957 1.00 34.37 ? 147  LYS A CD  1 
ATOM   1137 C  CE  . LYS A 1 146 ? 10.398  1.894   -29.624 1.00 36.40 ? 147  LYS A CE  1 
ATOM   1138 N  NZ  . LYS A 1 146 ? 10.680  3.255   -30.184 1.00 36.48 ? 147  LYS A NZ  1 
ATOM   1139 N  N   . THR A 1 147 ? 4.566   -0.632  -27.744 1.00 27.98 ? 148  THR A N   1 
ATOM   1140 C  CA  . THR A 1 147 ? 3.145   -0.979  -27.750 1.00 27.63 ? 148  THR A CA  1 
ATOM   1141 C  C   . THR A 1 147 ? 2.710   -1.442  -26.356 1.00 26.78 ? 148  THR A C   1 
ATOM   1142 O  O   . THR A 1 147 ? 2.611   -2.639  -26.084 1.00 27.05 ? 148  THR A O   1 
ATOM   1143 C  CB  . THR A 1 147 ? 2.879   -2.098  -28.776 1.00 29.16 ? 148  THR A CB  1 
ATOM   1144 O  OG1 . THR A 1 147 ? 3.499   -1.750  -30.024 1.00 33.03 ? 148  THR A OG1 1 
ATOM   1145 C  CG2 . THR A 1 147 ? 1.393   -2.279  -29.009 1.00 30.85 ? 148  THR A CG2 1 
ATOM   1146 N  N   . PRO A 1 148 ? 2.437   -0.485  -25.459 1.00 25.74 ? 149  PRO A N   1 
ATOM   1147 C  CA  . PRO A 1 148 ? 2.010   -0.707  -24.068 1.00 25.11 ? 149  PRO A CA  1 
ATOM   1148 C  C   . PRO A 1 148 ? 0.974   -1.820  -23.850 1.00 24.23 ? 149  PRO A C   1 
ATOM   1149 O  O   . PRO A 1 148 ? 1.115   -2.632  -22.936 1.00 24.39 ? 149  PRO A O   1 
ATOM   1150 C  CB  . PRO A 1 148 ? 1.483   0.668   -23.649 1.00 23.47 ? 149  PRO A CB  1 
ATOM   1151 C  CG  . PRO A 1 148 ? 2.358   1.605   -24.415 1.00 25.41 ? 149  PRO A CG  1 
ATOM   1152 C  CD  . PRO A 1 148 ? 2.440   0.953   -25.786 1.00 25.36 ? 149  PRO A CD  1 
ATOM   1153 N  N   . GLU A 1 149 ? -0.056  -1.862  -24.689 1.00 24.85 ? 150  GLU A N   1 
ATOM   1154 C  CA  . GLU A 1 149 ? -1.107  -2.871  -24.558 1.00 24.67 ? 150  GLU A CA  1 
ATOM   1155 C  C   . GLU A 1 149 ? -0.647  -4.317  -24.790 1.00 25.76 ? 150  GLU A C   1 
ATOM   1156 O  O   . GLU A 1 149 ? -1.382  -5.259  -24.478 1.00 23.65 ? 150  GLU A O   1 
ATOM   1157 C  CB  . GLU A 1 149 ? -2.262  -2.565  -25.521 1.00 27.28 ? 150  GLU A CB  1 
ATOM   1158 C  CG  . GLU A 1 149 ? -1.931  -2.801  -26.991 1.00 26.11 ? 150  GLU A CG  1 
ATOM   1159 C  CD  . GLU A 1 149 ? -1.388  -1.560  -27.685 1.00 30.60 ? 150  GLU A CD  1 
ATOM   1160 O  OE1 . GLU A 1 149 ? -0.682  -0.753  -27.040 1.00 30.67 ? 150  GLU A OE1 1 
ATOM   1161 O  OE2 . GLU A 1 149 ? -1.662  -1.394  -28.896 1.00 33.34 ? 150  GLU A OE2 1 
ATOM   1162 N  N   . LYS A 1 150 ? 0.555   -4.497  -25.331 1.00 25.17 ? 151  LYS A N   1 
ATOM   1163 C  CA  . LYS A 1 150 ? 1.067   -5.840  -25.612 1.00 26.00 ? 151  LYS A CA  1 
ATOM   1164 C  C   . LYS A 1 150 ? 2.005   -6.383  -24.540 1.00 25.58 ? 151  LYS A C   1 
ATOM   1165 O  O   . LYS A 1 150 ? 2.477   -7.518  -24.637 1.00 26.44 ? 151  LYS A O   1 
ATOM   1166 C  CB  . LYS A 1 150 ? 1.797   -5.871  -26.971 1.00 28.33 ? 151  LYS A CB  1 
ATOM   1167 C  CG  . LYS A 1 150 ? 0.933   -5.508  -28.188 1.00 29.39 ? 151  LYS A CG  1 
ATOM   1168 C  CD  . LYS A 1 150 ? -0.299  -6.409  -28.321 1.00 32.60 ? 151  LYS A CD  1 
ATOM   1169 C  CE  . LYS A 1 150 ? -1.224  -5.955  -29.465 1.00 33.79 ? 151  LYS A CE  1 
ATOM   1170 N  NZ  . LYS A 1 150 ? -2.557  -6.649  -29.446 1.00 33.57 ? 151  LYS A NZ  1 
ATOM   1171 N  N   . GLY A 1 151 ? 2.279   -5.581  -23.519 1.00 23.65 ? 152  GLY A N   1 
ATOM   1172 C  CA  . GLY A 1 151 ? 3.170   -6.031  -22.463 1.00 22.72 ? 152  GLY A CA  1 
ATOM   1173 C  C   . GLY A 1 151 ? 2.597   -5.846  -21.071 1.00 21.10 ? 152  GLY A C   1 
ATOM   1174 O  O   . GLY A 1 151 ? 1.386   -5.718  -20.903 1.00 19.95 ? 152  GLY A O   1 
ATOM   1175 N  N   . GLY A 1 152 ? 3.467   -5.830  -20.069 1.00 19.74 ? 153  GLY A N   1 
ATOM   1176 C  CA  . GLY A 1 152 ? 3.002   -5.668  -18.708 1.00 17.73 ? 153  GLY A CA  1 
ATOM   1177 C  C   . GLY A 1 152 ? 2.935   -4.210  -18.316 1.00 18.31 ? 153  GLY A C   1 
ATOM   1178 O  O   . GLY A 1 152 ? 3.332   -3.332  -19.085 1.00 15.89 ? 153  GLY A O   1 
ATOM   1179 N  N   . ALA A 1 153 ? 2.411   -3.945  -17.124 1.00 17.24 ? 154  ALA A N   1 
ATOM   1180 C  CA  . ALA A 1 153 ? 2.327   -2.574  -16.647 1.00 16.83 ? 154  ALA A CA  1 
ATOM   1181 C  C   . ALA A 1 153 ? 3.763   -2.127  -16.431 1.00 17.16 ? 154  ALA A C   1 
ATOM   1182 O  O   . ALA A 1 153 ? 4.617   -2.936  -16.061 1.00 18.26 ? 154  ALA A O   1 
ATOM   1183 C  CB  . ALA A 1 153 ? 1.550   -2.512  -15.338 1.00 15.65 ? 154  ALA A CB  1 
ATOM   1184 N  N   . GLN A 1 154 ? 4.028   -0.848  -16.676 1.00 16.34 ? 155  GLN A N   1 
ATOM   1185 C  CA  . GLN A 1 154 ? 5.365   -0.294  -16.511 1.00 16.49 ? 155  GLN A CA  1 
ATOM   1186 C  C   . GLN A 1 154 ? 5.707   -0.193  -15.029 1.00 18.74 ? 155  GLN A C   1 
ATOM   1187 O  O   . GLN A 1 154 ? 4.837   0.088   -14.201 1.00 16.92 ? 155  GLN A O   1 
ATOM   1188 C  CB  . GLN A 1 154 ? 5.444   1.094   -17.164 1.00 18.48 ? 155  GLN A CB  1 
ATOM   1189 C  CG  . GLN A 1 154 ? 6.777   1.815   -16.982 1.00 22.31 ? 155  GLN A CG  1 
ATOM   1190 C  CD  . GLN A 1 154 ? 6.845   3.143   -17.739 1.00 24.61 ? 155  GLN A CD  1 
ATOM   1191 O  OE1 . GLN A 1 154 ? 5.864   3.890   -17.798 1.00 26.39 ? 155  GLN A OE1 1 
ATOM   1192 N  NE2 . GLN A 1 154 ? 8.010   3.445   -18.305 1.00 23.84 ? 155  GLN A NE2 1 
ATOM   1193 N  N   . LYS A 1 155 ? 6.969   -0.447  -14.696 1.00 17.52 ? 156  LYS A N   1 
ATOM   1194 C  CA  . LYS A 1 155 ? 7.420   -0.369  -13.311 1.00 20.07 ? 156  LYS A CA  1 
ATOM   1195 C  C   . LYS A 1 155 ? 7.812   1.067   -12.985 1.00 18.42 ? 156  LYS A C   1 
ATOM   1196 O  O   . LYS A 1 155 ? 8.172   1.833   -13.876 1.00 18.64 ? 156  LYS A O   1 
ATOM   1197 C  CB  . LYS A 1 155 ? 8.632   -1.280  -13.095 1.00 21.69 ? 156  LYS A CB  1 
ATOM   1198 C  CG  . LYS A 1 155 ? 8.329   -2.777  -13.032 1.00 22.52 ? 156  LYS A CG  1 
ATOM   1199 C  CD  . LYS A 1 155 ? 9.628   -3.587  -13.081 1.00 24.79 ? 156  LYS A CD  1 
ATOM   1200 C  CE  . LYS A 1 155 ? 9.413   -5.074  -12.782 1.00 29.25 ? 156  LYS A CE  1 
ATOM   1201 N  NZ  . LYS A 1 155 ? 9.115   -5.362  -11.338 1.00 30.01 ? 156  LYS A NZ  1 
ATOM   1202 N  N   . THR A 1 156 ? 7.717   1.448   -11.714 1.00 20.25 ? 157  THR A N   1 
ATOM   1203 C  CA  . THR A 1 156 ? 8.112   2.793   -11.328 1.00 17.78 ? 157  THR A CA  1 
ATOM   1204 C  C   . THR A 1 156 ? 9.373   2.735   -10.487 1.00 19.27 ? 157  THR A C   1 
ATOM   1205 O  O   . THR A 1 156 ? 9.592   1.777   -9.744  1.00 19.36 ? 157  THR A O   1 
ATOM   1206 C  CB  . THR A 1 156 ? 7.027   3.530   -10.534 1.00 16.81 ? 157  THR A CB  1 
ATOM   1207 O  OG1 . THR A 1 156 ? 7.501   4.844   -10.213 1.00 14.38 ? 157  THR A OG1 1 
ATOM   1208 C  CG2 . THR A 1 156 ? 6.691   2.795   -9.248  1.00 16.93 ? 157  THR A CG2 1 
ATOM   1209 N  N   . GLU A 1 157 ? 10.207  3.761   -10.610 1.00 18.43 ? 158  GLU A N   1 
ATOM   1210 C  CA  . GLU A 1 157 ? 11.447  3.821   -9.852  1.00 18.94 ? 158  GLU A CA  1 
ATOM   1211 C  C   . GLU A 1 157 ? 11.331  4.835   -8.718  1.00 18.29 ? 158  GLU A C   1 
ATOM   1212 O  O   . GLU A 1 157 ? 12.269  5.012   -7.946  1.00 18.87 ? 158  GLU A O   1 
ATOM   1213 C  CB  . GLU A 1 157 ? 12.605  4.245   -10.760 1.00 19.55 ? 158  GLU A CB  1 
ATOM   1214 C  CG  . GLU A 1 157 ? 12.719  3.468   -12.070 1.00 19.58 ? 158  GLU A CG  1 
ATOM   1215 C  CD  . GLU A 1 157 ? 12.863  1.986   -11.860 1.00 20.39 ? 158  GLU A CD  1 
ATOM   1216 O  OE1 . GLU A 1 157 ? 13.777  1.573   -11.117 1.00 23.00 ? 158  GLU A OE1 1 
ATOM   1217 O  OE2 . GLU A 1 157 ? 12.061  1.224   -12.444 1.00 24.87 ? 158  GLU A OE2 1 
ATOM   1218 N  N   . ALA A 1 158 ? 10.178  5.487   -8.615  1.00 16.88 ? 159  ALA A N   1 
ATOM   1219 C  CA  . ALA A 1 158 ? 9.957   6.516   -7.602  1.00 18.91 ? 159  ALA A CA  1 
ATOM   1220 C  C   . ALA A 1 158 ? 10.189  6.125   -6.145  1.00 18.27 ? 159  ALA A C   1 
ATOM   1221 O  O   . ALA A 1 158 ? 10.464  6.988   -5.308  1.00 20.63 ? 159  ALA A O   1 
ATOM   1222 C  CB  . ALA A 1 158 ? 8.547   7.094   -7.760  1.00 18.77 ? 159  ALA A CB  1 
ATOM   1223 N  N   . LEU A 1 159 ? 10.071  4.841   -5.828  1.00 18.11 ? 160  LEU A N   1 
ATOM   1224 C  CA  . LEU A 1 159 ? 10.268  4.389   -4.451  1.00 20.94 ? 160  LEU A CA  1 
ATOM   1225 C  C   . LEU A 1 159 ? 11.676  3.873   -4.136  1.00 23.13 ? 160  LEU A C   1 
ATOM   1226 O  O   . LEU A 1 159 ? 11.924  3.421   -3.019  1.00 23.82 ? 160  LEU A O   1 
ATOM   1227 C  CB  . LEU A 1 159 ? 9.256   3.293   -4.116  1.00 21.60 ? 160  LEU A CB  1 
ATOM   1228 C  CG  . LEU A 1 159 ? 7.812   3.684   -3.766  1.00 22.41 ? 160  LEU A CG  1 
ATOM   1229 C  CD1 . LEU A 1 159 ? 7.301   4.797   -4.661  1.00 22.16 ? 160  LEU A CD1 1 
ATOM   1230 C  CD2 . LEU A 1 159 ? 6.948   2.447   -3.863  1.00 19.80 ? 160  LEU A CD2 1 
ATOM   1231 N  N   . LYS A 1 160 ? 12.591  3.943   -5.101  1.00 22.50 ? 161  LYS A N   1 
ATOM   1232 C  CA  . LYS A 1 160 ? 13.954  3.449   -4.897  1.00 25.00 ? 161  LYS A CA  1 
ATOM   1233 C  C   . LYS A 1 160 ? 15.000  4.476   -4.427  1.00 25.03 ? 161  LYS A C   1 
ATOM   1234 O  O   . LYS A 1 160 ? 15.956  4.112   -3.757  1.00 25.78 ? 161  LYS A O   1 
ATOM   1235 C  CB  . LYS A 1 160 ? 14.475  2.767   -6.177  1.00 24.69 ? 161  LYS A CB  1 
ATOM   1236 C  CG  . LYS A 1 160 ? 13.753  1.467   -6.578  1.00 24.64 ? 161  LYS A CG  1 
ATOM   1237 C  CD  . LYS A 1 160 ? 14.376  0.826   -7.825  1.00 24.60 ? 161  LYS A CD  1 
ATOM   1238 C  CE  . LYS A 1 160 ? 13.562  -0.370  -8.322  1.00 27.14 ? 161  LYS A CE  1 
ATOM   1239 N  NZ  . LYS A 1 160 ? 14.076  -0.959  -9.615  1.00 28.84 ? 161  LYS A NZ  1 
ATOM   1240 N  N   . PRO A 1 161 ? 14.846  5.764   -4.787  1.00 25.20 ? 162  PRO A N   1 
ATOM   1241 C  CA  . PRO A 1 161 ? 15.839  6.752   -4.348  1.00 26.37 ? 162  PRO A CA  1 
ATOM   1242 C  C   . PRO A 1 161 ? 16.165  6.658   -2.857  1.00 27.46 ? 162  PRO A C   1 
ATOM   1243 O  O   . PRO A 1 161 ? 15.323  6.267   -2.048  1.00 28.52 ? 162  PRO A O   1 
ATOM   1244 C  CB  . PRO A 1 161 ? 15.188  8.080   -4.714  1.00 25.92 ? 162  PRO A CB  1 
ATOM   1245 C  CG  . PRO A 1 161 ? 14.429  7.736   -5.960  1.00 26.81 ? 162  PRO A CG  1 
ATOM   1246 C  CD  . PRO A 1 161 ? 13.792  6.407   -5.590  1.00 26.35 ? 162  PRO A CD  1 
ATOM   1247 N  N   . LYS A 1 162 ? 17.399  7.012   -2.511  1.00 27.12 ? 163  LYS A N   1 
ATOM   1248 C  CA  . LYS A 1 162 ? 17.880  6.983   -1.137  1.00 26.69 ? 163  LYS A CA  1 
ATOM   1249 C  C   . LYS A 1 162 ? 17.177  8.016   -0.271  1.00 25.63 ? 163  LYS A C   1 
ATOM   1250 O  O   . LYS A 1 162 ? 16.899  7.774   0.906   1.00 27.25 ? 163  LYS A O   1 
ATOM   1251 C  CB  . LYS A 1 162 ? 19.382  7.230   -1.113  1.00 28.02 ? 163  LYS A CB  1 
ATOM   1252 N  N   . ALA A 1 163 ? 16.888  9.168   -0.864  1.00 23.85 ? 164  ALA A N   1 
ATOM   1253 C  CA  . ALA A 1 163 ? 16.215  10.248  -0.156  1.00 22.56 ? 164  ALA A CA  1 
ATOM   1254 C  C   . ALA A 1 163 ? 14.744  9.951   0.081   1.00 21.65 ? 164  ALA A C   1 
ATOM   1255 O  O   . ALA A 1 163 ? 14.092  10.634  0.870   1.00 21.36 ? 164  ALA A O   1 
ATOM   1256 C  CB  . ALA A 1 163 ? 16.355  11.551  -0.951  1.00 22.42 ? 164  ALA A CB  1 
ATOM   1257 N  N   . TRP A 1 164 ? 14.216  8.931   -0.592  1.00 20.81 ? 165  TRP A N   1 
ATOM   1258 C  CA  . TRP A 1 164 ? 12.796  8.609   -0.457  1.00 20.33 ? 165  TRP A CA  1 
ATOM   1259 C  C   . TRP A 1 164 ? 12.309  8.369   0.974   1.00 19.37 ? 165  TRP A C   1 
ATOM   1260 O  O   . TRP A 1 164 ? 11.243  8.843   1.353   1.00 20.10 ? 165  TRP A O   1 
ATOM   1261 C  CB  . TRP A 1 164 ? 12.439  7.391   -1.310  1.00 20.23 ? 165  TRP A CB  1 
ATOM   1262 C  CG  . TRP A 1 164 ? 10.962  7.111   -1.319  1.00 19.31 ? 165  TRP A CG  1 
ATOM   1263 C  CD1 . TRP A 1 164 ? 10.015  7.718   -2.090  1.00 19.34 ? 165  TRP A CD1 1 
ATOM   1264 C  CD2 . TRP A 1 164 ? 10.265  6.183   -0.482  1.00 19.29 ? 165  TRP A CD2 1 
ATOM   1265 N  NE1 . TRP A 1 164 ? 8.767   7.224   -1.785  1.00 17.37 ? 165  TRP A NE1 1 
ATOM   1266 C  CE2 . TRP A 1 164 ? 8.893   6.281   -0.799  1.00 18.61 ? 165  TRP A CE2 1 
ATOM   1267 C  CE3 . TRP A 1 164 ? 10.669  5.284   0.514   1.00 20.28 ? 165  TRP A CE3 1 
ATOM   1268 C  CZ2 . TRP A 1 164 ? 7.918   5.506   -0.163  1.00 18.82 ? 165  TRP A CZ2 1 
ATOM   1269 C  CZ3 . TRP A 1 164 ? 9.698   4.512   1.149   1.00 22.94 ? 165  TRP A CZ3 1 
ATOM   1270 C  CH2 . TRP A 1 164 ? 8.337   4.632   0.806   1.00 20.06 ? 165  TRP A CH2 1 
ATOM   1271 N  N   . LEU A 1 165 ? 13.086  7.633   1.764   1.00 21.06 ? 166  LEU A N   1 
ATOM   1272 C  CA  . LEU A 1 165 ? 12.696  7.326   3.136   1.00 22.24 ? 166  LEU A CA  1 
ATOM   1273 C  C   . LEU A 1 165 ? 12.453  8.565   3.995   1.00 23.33 ? 166  LEU A C   1 
ATOM   1274 O  O   . LEU A 1 165 ? 11.382  8.712   4.581   1.00 23.44 ? 166  LEU A O   1 
ATOM   1275 C  CB  . LEU A 1 165 ? 13.744  6.426   3.793   1.00 23.10 ? 166  LEU A CB  1 
ATOM   1276 C  CG  . LEU A 1 165 ? 13.542  6.129   5.287   1.00 23.85 ? 166  LEU A CG  1 
ATOM   1277 C  CD1 . LEU A 1 165 ? 12.127  5.641   5.533   1.00 23.63 ? 166  LEU A CD1 1 
ATOM   1278 C  CD2 . LEU A 1 165 ? 14.565  5.095   5.754   1.00 23.44 ? 166  LEU A CD2 1 
ATOM   1279 N  N   . GLU A 1 166 ? 13.432  9.463   4.064   1.00 23.74 ? 167  GLU A N   1 
ATOM   1280 C  CA  . GLU A 1 166 ? 13.268  10.667  4.870   1.00 24.98 ? 167  GLU A CA  1 
ATOM   1281 C  C   . GLU A 1 166 ? 12.230  11.609  4.258   1.00 25.52 ? 167  GLU A C   1 
ATOM   1282 O  O   . GLU A 1 166 ? 11.463  12.251  4.975   1.00 24.07 ? 167  GLU A O   1 
ATOM   1283 C  CB  . GLU A 1 166 ? 14.621  11.361  5.054   1.00 25.18 ? 167  GLU A CB  1 
ATOM   1284 C  CG  . GLU A 1 166 ? 15.593  10.501  5.854   1.00 24.25 ? 167  GLU A CG  1 
ATOM   1285 C  CD  . GLU A 1 166 ? 15.135  10.293  7.295   1.00 26.35 ? 167  GLU A CD  1 
ATOM   1286 O  OE1 . GLU A 1 166 ? 15.497  9.260   7.900   1.00 25.82 ? 167  GLU A OE1 1 
ATOM   1287 O  OE2 . GLU A 1 166 ? 14.418  11.171  7.830   1.00 26.06 ? 167  GLU A OE2 1 
ATOM   1288 N  N   . GLN A 1 167 ? 12.202  11.681  2.931   1.00 25.72 ? 168  GLN A N   1 
ATOM   1289 C  CA  . GLN A 1 167 ? 11.226  12.516  2.248   1.00 25.53 ? 168  GLN A CA  1 
ATOM   1290 C  C   . GLN A 1 167 ? 9.822   12.022  2.585   1.00 24.60 ? 168  GLN A C   1 
ATOM   1291 O  O   . GLN A 1 167 ? 8.889   12.809  2.718   1.00 25.04 ? 168  GLN A O   1 
ATOM   1292 C  CB  . GLN A 1 167 ? 11.433  12.451  0.735   1.00 27.17 ? 168  GLN A CB  1 
ATOM   1293 C  CG  . GLN A 1 167 ? 12.263  13.587  0.155   1.00 30.38 ? 168  GLN A CG  1 
ATOM   1294 C  CD  . GLN A 1 167 ? 12.732  13.295  -1.262  1.00 31.62 ? 168  GLN A CD  1 
ATOM   1295 O  OE1 . GLN A 1 167 ? 12.027  12.641  -2.043  1.00 30.45 ? 168  GLN A OE1 1 
ATOM   1296 N  NE2 . GLN A 1 167 ? 13.924  13.787  -1.606  1.00 31.64 ? 168  GLN A NE2 1 
ATOM   1297 N  N   . THR A 1 168 ? 9.670   10.712  2.721   1.00 23.05 ? 169  THR A N   1 
ATOM   1298 C  CA  . THR A 1 168 ? 8.363   10.149  3.035   1.00 21.78 ? 169  THR A CA  1 
ATOM   1299 C  C   . THR A 1 168 ? 8.025   10.479  4.486   1.00 21.73 ? 169  THR A C   1 
ATOM   1300 O  O   . THR A 1 168 ? 6.889   10.826  4.815   1.00 20.66 ? 169  THR A O   1 
ATOM   1301 C  CB  . THR A 1 168 ? 8.366   8.629   2.774   1.00 22.30 ? 169  THR A CB  1 
ATOM   1302 O  OG1 . THR A 1 168 ? 8.693   8.399   1.392   1.00 20.20 ? 169  THR A OG1 1 
ATOM   1303 C  CG2 . THR A 1 168 ? 6.997   8.023   3.059   1.00 19.28 ? 169  THR A CG2 1 
ATOM   1304 N  N   . ARG A 1 169 ? 9.032   10.403  5.348   1.00 22.74 ? 170  ARG A N   1 
ATOM   1305 C  CA  . ARG A 1 169 ? 8.859   10.724  6.759   1.00 23.24 ? 170  ARG A CA  1 
ATOM   1306 C  C   . ARG A 1 169 ? 8.462   12.185  6.920   1.00 23.45 ? 170  ARG A C   1 
ATOM   1307 O  O   . ARG A 1 169 ? 7.591   12.510  7.723   1.00 23.41 ? 170  ARG A O   1 
ATOM   1308 C  CB  . ARG A 1 169 ? 10.154  10.429  7.514   1.00 23.21 ? 170  ARG A CB  1 
ATOM   1309 C  CG  . ARG A 1 169 ? 10.355  8.953   7.731   1.00 20.88 ? 170  ARG A CG  1 
ATOM   1310 C  CD  . ARG A 1 169 ? 11.702  8.640   8.326   1.00 20.78 ? 170  ARG A CD  1 
ATOM   1311 N  NE  . ARG A 1 169 ? 11.766  7.240   8.712   1.00 20.03 ? 170  ARG A NE  1 
ATOM   1312 C  CZ  . ARG A 1 169 ? 12.854  6.636   9.176   1.00 22.11 ? 170  ARG A CZ  1 
ATOM   1313 N  NH1 . ARG A 1 169 ? 13.987  7.313   9.311   1.00 23.40 ? 170  ARG A NH1 1 
ATOM   1314 N  NH2 . ARG A 1 169 ? 12.804  5.351   9.509   1.00 23.80 ? 170  ARG A NH2 1 
ATOM   1315 N  N   . GLU A 1 170 ? 9.090   13.069  6.149   1.00 25.85 ? 171  GLU A N   1 
ATOM   1316 C  CA  . GLU A 1 170 ? 8.756   14.487  6.229   1.00 26.47 ? 171  GLU A CA  1 
ATOM   1317 C  C   . GLU A 1 170 ? 7.342   14.695  5.704   1.00 26.81 ? 171  GLU A C   1 
ATOM   1318 O  O   . GLU A 1 170 ? 6.598   15.543  6.199   1.00 27.24 ? 171  GLU A O   1 
ATOM   1319 C  CB  . GLU A 1 170 ? 9.727   15.322  5.397   1.00 29.75 ? 171  GLU A CB  1 
ATOM   1320 C  CG  . GLU A 1 170 ? 9.464   16.818  5.498   1.00 35.19 ? 171  GLU A CG  1 
ATOM   1321 C  CD  . GLU A 1 170 ? 10.350  17.637  4.585   1.00 37.65 ? 171  GLU A CD  1 
ATOM   1322 O  OE1 . GLU A 1 170 ? 10.285  18.884  4.662   1.00 39.44 ? 171  GLU A OE1 1 
ATOM   1323 O  OE2 . GLU A 1 170 ? 11.109  17.040  3.789   1.00 40.93 ? 171  GLU A OE2 1 
ATOM   1324 N  N   . ALA A 1 171 ? 6.976   13.918  4.689   1.00 26.93 ? 172  ALA A N   1 
ATOM   1325 C  CA  . ALA A 1 171 ? 5.644   14.012  4.106   1.00 25.96 ? 172  ALA A CA  1 
ATOM   1326 C  C   . ALA A 1 171 ? 4.614   13.520  5.118   1.00 24.12 ? 172  ALA A C   1 
ATOM   1327 O  O   . ALA A 1 171 ? 3.580   14.160  5.325   1.00 24.18 ? 172  ALA A O   1 
ATOM   1328 C  CB  . ALA A 1 171 ? 5.575   13.191  2.825   1.00 27.42 ? 172  ALA A CB  1 
ATOM   1329 N  N   . TRP A 1 172 ? 4.896   12.391  5.759   1.00 23.60 ? 173  TRP A N   1 
ATOM   1330 C  CA  . TRP A 1 172 ? 3.980   11.843  6.754   1.00 22.77 ? 173  TRP A CA  1 
ATOM   1331 C  C   . TRP A 1 172 ? 3.783   12.852  7.882   1.00 24.06 ? 173  TRP A C   1 
ATOM   1332 O  O   . TRP A 1 172 ? 2.654   13.093  8.320   1.00 24.01 ? 173  TRP A O   1 
ATOM   1333 C  CB  . TRP A 1 172 ? 4.521   10.524  7.321   1.00 21.30 ? 173  TRP A CB  1 
ATOM   1334 C  CG  . TRP A 1 172 ? 3.722   9.973   8.485   1.00 19.72 ? 173  TRP A CG  1 
ATOM   1335 C  CD1 . TRP A 1 172 ? 4.214   9.593   9.697   1.00 21.18 ? 173  TRP A CD1 1 
ATOM   1336 C  CD2 . TRP A 1 172 ? 2.301   9.770   8.552   1.00 19.57 ? 173  TRP A CD2 1 
ATOM   1337 N  NE1 . TRP A 1 172 ? 3.195   9.175   10.520  1.00 20.69 ? 173  TRP A NE1 1 
ATOM   1338 C  CE2 . TRP A 1 172 ? 2.009   9.274   9.844   1.00 19.58 ? 173  TRP A CE2 1 
ATOM   1339 C  CE3 . TRP A 1 172 ? 1.248   9.966   7.649   1.00 19.11 ? 173  TRP A CE3 1 
ATOM   1340 C  CZ2 . TRP A 1 172 ? 0.705   8.964   10.260  1.00 20.57 ? 173  TRP A CZ2 1 
ATOM   1341 C  CZ3 . TRP A 1 172 ? -0.055  9.659   8.062   1.00 21.15 ? 173  TRP A CZ3 1 
ATOM   1342 C  CH2 . TRP A 1 172 ? -0.311  9.163   9.359   1.00 20.17 ? 173  TRP A CH2 1 
ATOM   1343 N  N   . ALA A 1 173 ? 4.885   13.449  8.336   1.00 23.72 ? 174  ALA A N   1 
ATOM   1344 C  CA  . ALA A 1 173 ? 4.842   14.441  9.413   1.00 24.28 ? 174  ALA A CA  1 
ATOM   1345 C  C   . ALA A 1 173 ? 3.912   15.600  9.055   1.00 24.02 ? 174  ALA A C   1 
ATOM   1346 O  O   . ALA A 1 173 ? 3.030   15.963  9.830   1.00 24.36 ? 174  ALA A O   1 
ATOM   1347 C  CB  . ALA A 1 173 ? 6.247   14.966  9.690   1.00 25.09 ? 174  ALA A CB  1 
ATOM   1348 N  N   . ASP A 1 174 ? 4.132   16.174  7.876   1.00 23.43 ? 175  ASP A N   1 
ATOM   1349 C  CA  . ASP A 1 174 ? 3.337   17.286  7.364   1.00 22.99 ? 175  ASP A CA  1 
ATOM   1350 C  C   . ASP A 1 174 ? 1.856   16.897  7.320   1.00 23.26 ? 175  ASP A C   1 
ATOM   1351 O  O   . ASP A 1 174 ? 0.977   17.725  7.569   1.00 21.82 ? 175  ASP A O   1 
ATOM   1352 C  CB  . ASP A 1 174 ? 3.852   17.660  5.963   1.00 24.89 ? 175  ASP A CB  1 
ATOM   1353 C  CG  . ASP A 1 174 ? 2.983   18.698  5.248   1.00 27.93 ? 175  ASP A CG  1 
ATOM   1354 O  OD1 . ASP A 1 174 ? 2.786   19.810  5.788   1.00 28.16 ? 175  ASP A OD1 1 
ATOM   1355 O  OD2 . ASP A 1 174 ? 2.509   18.396  4.127   1.00 26.21 ? 175  ASP A OD2 1 
ATOM   1356 N  N   . HIS A 1 175 ? 1.587   15.628  7.021   1.00 21.46 ? 176  HIS A N   1 
ATOM   1357 C  CA  . HIS A 1 175 ? 0.218   15.130  6.946   1.00 21.21 ? 176  HIS A CA  1 
ATOM   1358 C  C   . HIS A 1 175 ? -0.391  14.956  8.334   1.00 21.09 ? 176  HIS A C   1 
ATOM   1359 O  O   . HIS A 1 175 ? -1.468  15.481  8.611   1.00 20.57 ? 176  HIS A O   1 
ATOM   1360 C  CB  . HIS A 1 175 ? 0.188   13.803  6.172   1.00 22.04 ? 176  HIS A CB  1 
ATOM   1361 C  CG  . HIS A 1 175 ? 0.157   13.980  4.686   1.00 20.56 ? 176  HIS A CG  1 
ATOM   1362 N  ND1 . HIS A 1 175 ? -1.016  13.984  3.963   1.00 23.14 ? 176  HIS A ND1 1 
ATOM   1363 C  CD2 . HIS A 1 175 ? 1.149   14.231  3.796   1.00 19.29 ? 176  HIS A CD2 1 
ATOM   1364 C  CE1 . HIS A 1 175 ? -0.749  14.230  2.691   1.00 20.04 ? 176  HIS A CE1 1 
ATOM   1365 N  NE2 . HIS A 1 175 ? 0.557   14.384  2.565   1.00 22.56 ? 176  HIS A NE2 1 
ATOM   1366 N  N   . ALA A 1 176 ? 0.294   14.222  9.205   1.00 20.68 ? 177  ALA A N   1 
ATOM   1367 C  CA  . ALA A 1 176 ? -0.210  14.020  10.561  1.00 22.98 ? 177  ALA A CA  1 
ATOM   1368 C  C   . ALA A 1 176 ? -0.391  15.376  11.256  1.00 22.71 ? 177  ALA A C   1 
ATOM   1369 O  O   . ALA A 1 176 ? -1.446  15.647  11.817  1.00 23.69 ? 177  ALA A O   1 
ATOM   1370 C  CB  . ALA A 1 176 ? 0.752   13.139  11.359  1.00 22.47 ? 177  ALA A CB  1 
ATOM   1371 N  N   . ASN A 1 177 ? 0.631   16.225  11.203  1.00 22.88 ? 178  ASN A N   1 
ATOM   1372 C  CA  . ASN A 1 177 ? 0.561   17.539  11.831  1.00 24.43 ? 178  ASN A CA  1 
ATOM   1373 C  C   . ASN A 1 177 ? -0.645  18.330  11.335  1.00 25.25 ? 178  ASN A C   1 
ATOM   1374 O  O   . ASN A 1 177 ? -1.447  18.826  12.128  1.00 25.24 ? 178  ASN A O   1 
ATOM   1375 C  CB  . ASN A 1 177 ? 1.848   18.320  11.555  1.00 25.35 ? 178  ASN A CB  1 
ATOM   1376 C  CG  . ASN A 1 177 ? 3.049   17.732  12.276  1.00 27.36 ? 178  ASN A CG  1 
ATOM   1377 O  OD1 . ASN A 1 177 ? 4.196   17.980  11.908  1.00 27.68 ? 178  ASN A OD1 1 
ATOM   1378 N  ND2 . ASN A 1 177 ? 2.784   16.951  13.317  1.00 28.72 ? 178  ASN A ND2 1 
ATOM   1379 N  N   . ARG A 1 178 ? -0.774  18.442  10.018  1.00 25.76 ? 179  ARG A N   1 
ATOM   1380 C  CA  . ARG A 1 178 ? -1.894  19.167  9.430   1.00 26.82 ? 179  ARG A CA  1 
ATOM   1381 C  C   . ARG A 1 178 ? -3.221  18.636  9.979   1.00 26.33 ? 179  ARG A C   1 
ATOM   1382 O  O   . ARG A 1 178 ? -4.079  19.410  10.400  1.00 25.76 ? 179  ARG A O   1 
ATOM   1383 C  CB  . ARG A 1 178 ? -1.871  19.020  7.903   1.00 29.45 ? 179  ARG A CB  1 
ATOM   1384 C  CG  . ARG A 1 178 ? -2.952  19.814  7.195   1.00 33.52 ? 179  ARG A CG  1 
ATOM   1385 C  CD  . ARG A 1 178 ? -3.509  19.070  5.984   1.00 37.58 ? 179  ARG A CD  1 
ATOM   1386 N  NE  . ARG A 1 178 ? -4.168  17.820  6.366   1.00 39.35 ? 179  ARG A NE  1 
ATOM   1387 C  CZ  . ARG A 1 178 ? -3.557  16.639  6.456   1.00 37.34 ? 179  ARG A CZ  1 
ATOM   1388 N  NH1 . ARG A 1 178 ? -4.239  15.562  6.819   1.00 34.92 ? 179  ARG A NH1 1 
ATOM   1389 N  NH2 . ARG A 1 178 ? -2.271  16.532  6.163   1.00 37.98 ? 179  ARG A NH2 1 
ATOM   1390 N  N   . ALA A 1 179 ? -3.384  17.317  9.981   1.00 23.94 ? 180  ALA A N   1 
ATOM   1391 C  CA  . ALA A 1 179 ? -4.614  16.691  10.466  1.00 24.62 ? 180  ALA A CA  1 
ATOM   1392 C  C   . ALA A 1 179 ? -4.885  17.005  11.929  1.00 25.45 ? 180  ALA A C   1 
ATOM   1393 O  O   . ALA A 1 179 ? -6.037  17.152  12.344  1.00 24.79 ? 180  ALA A O   1 
ATOM   1394 C  CB  . ALA A 1 179 ? -4.536  15.178  10.279  1.00 25.69 ? 180  ALA A CB  1 
ATOM   1395 N  N   . LEU A 1 180 ? -3.814  17.088  12.710  1.00 25.71 ? 181  LEU A N   1 
ATOM   1396 C  CA  . LEU A 1 180 ? -3.925  17.379  14.132  1.00 25.58 ? 181  LEU A CA  1 
ATOM   1397 C  C   . LEU A 1 180 ? -4.462  18.779  14.397  1.00 26.10 ? 181  LEU A C   1 
ATOM   1398 O  O   . LEU A 1 180 ? -5.411  18.943  15.163  1.00 26.05 ? 181  LEU A O   1 
ATOM   1399 C  CB  . LEU A 1 180 ? -2.563  17.210  14.810  1.00 23.45 ? 181  LEU A CB  1 
ATOM   1400 C  CG  . LEU A 1 180 ? -2.187  15.765  15.138  1.00 21.86 ? 181  LEU A CG  1 
ATOM   1401 C  CD1 . LEU A 1 180 ? -0.738  15.673  15.629  1.00 21.24 ? 181  LEU A CD1 1 
ATOM   1402 C  CD2 . LEU A 1 180 ? -3.147  15.250  16.193  1.00 18.01 ? 181  LEU A CD2 1 
ATOM   1403 N  N   . GLU A 1 181 ? -3.875  19.785  13.758  1.00 28.47 ? 182  GLU A N   1 
ATOM   1404 C  CA  . GLU A 1 181 ? -4.331  21.145  13.995  1.00 31.60 ? 182  GLU A CA  1 
ATOM   1405 C  C   . GLU A 1 181 ? -5.764  21.399  13.542  1.00 32.00 ? 182  GLU A C   1 
ATOM   1406 O  O   . GLU A 1 181 ? -6.534  22.032  14.266  1.00 32.10 ? 182  GLU A O   1 
ATOM   1407 C  CB  . GLU A 1 181 ? -3.385  22.173  13.365  1.00 34.00 ? 182  GLU A CB  1 
ATOM   1408 C  CG  . GLU A 1 181 ? -3.342  22.197  11.861  1.00 39.09 ? 182  GLU A CG  1 
ATOM   1409 C  CD  . GLU A 1 181 ? -2.713  23.483  11.327  1.00 43.36 ? 182  GLU A CD  1 
ATOM   1410 O  OE1 . GLU A 1 181 ? -3.265  24.576  11.605  1.00 45.37 ? 182  GLU A OE1 1 
ATOM   1411 O  OE2 . GLU A 1 181 ? -1.673  23.403  10.631  1.00 43.65 ? 182  GLU A OE2 1 
ATOM   1412 N  N   . ARG A 1 182 ? -6.151  20.909  12.368  1.00 33.22 ? 183  ARG A N   1 
ATOM   1413 C  CA  . ARG A 1 182 ? -7.527  21.148  11.946  1.00 33.91 ? 183  ARG A CA  1 
ATOM   1414 C  C   . ARG A 1 182 ? -8.498  20.274  12.728  1.00 32.40 ? 183  ARG A C   1 
ATOM   1415 O  O   . ARG A 1 182 ? -9.709  20.333  12.522  1.00 34.80 ? 183  ARG A O   1 
ATOM   1416 C  CB  . ARG A 1 182 ? -7.705  20.927  10.445  1.00 34.83 ? 183  ARG A CB  1 
ATOM   1417 C  CG  . ARG A 1 182 ? -7.801  19.495  10.012  1.00 35.00 ? 183  ARG A CG  1 
ATOM   1418 C  CD  . ARG A 1 182 ? -8.587  19.422  8.717   1.00 35.52 ? 183  ARG A CD  1 
ATOM   1419 N  NE  . ARG A 1 182 ? -8.183  18.267  7.935   1.00 36.63 ? 183  ARG A NE  1 
ATOM   1420 C  CZ  . ARG A 1 182 ? -6.993  18.150  7.358   1.00 34.85 ? 183  ARG A CZ  1 
ATOM   1421 N  NH1 . ARG A 1 182 ? -6.103  19.125  7.476   1.00 37.49 ? 183  ARG A NH1 1 
ATOM   1422 N  NH2 . ARG A 1 182 ? -6.689  17.056  6.675   1.00 34.67 ? 183  ARG A NH2 1 
ATOM   1423 N  N   . ALA A 1 183 ? -7.962  19.458  13.627  1.00 31.90 ? 184  ALA A N   1 
ATOM   1424 C  CA  . ALA A 1 183 ? -8.802  18.609  14.465  1.00 31.41 ? 184  ALA A CA  1 
ATOM   1425 C  C   . ALA A 1 183 ? -8.908  19.266  15.845  1.00 30.21 ? 184  ALA A C   1 
ATOM   1426 O  O   . ALA A 1 183 ? -9.528  18.718  16.759  1.00 30.62 ? 184  ALA A O   1 
ATOM   1427 C  CB  . ALA A 1 183 ? -8.195  17.207  14.590  1.00 30.80 ? 184  ALA A CB  1 
ATOM   1428 N  N   . GLY A 1 184 ? -8.289  20.435  15.985  1.00 30.97 ? 185  GLY A N   1 
ATOM   1429 C  CA  . GLY A 1 184 ? -8.328  21.162  17.245  1.00 33.00 ? 185  GLY A CA  1 
ATOM   1430 C  C   . GLY A 1 184 ? -7.059  21.017  18.060  1.00 34.40 ? 185  GLY A C   1 
ATOM   1431 O  O   . GLY A 1 184 ? -6.599  21.963  18.702  1.00 36.28 ? 185  GLY A O   1 
ATOM   1432 N  N   . HIS A 1 185 ? -6.490  19.819  18.022  1.00 34.64 ? 186  HIS A N   1 
ATOM   1433 C  CA  . HIS A 1 185 ? -5.271  19.494  18.753  1.00 34.36 ? 186  HIS A CA  1 
ATOM   1434 C  C   . HIS A 1 185 ? -4.079  20.347  18.339  1.00 36.28 ? 186  HIS A C   1 
ATOM   1435 O  O   . HIS A 1 185 ? -4.286  21.347  17.617  1.00 39.64 ? 186  HIS A O   1 
ATOM   1436 C  CB  . HIS A 1 185 ? -4.962  18.009  18.555  1.00 32.07 ? 186  HIS A CB  1 
ATOM   1437 C  CG  . HIS A 1 185 ? -6.121  17.119  18.873  1.00 30.06 ? 186  HIS A CG  1 
ATOM   1438 N  ND1 . HIS A 1 185 ? -6.592  16.945  20.160  1.00 29.06 ? 186  HIS A ND1 1 
ATOM   1439 C  CD2 . HIS A 1 185 ? -6.956  16.417  18.071  1.00 28.93 ? 186  HIS A CD2 1 
ATOM   1440 C  CE1 . HIS A 1 185 ? -7.664  16.178  20.133  1.00 27.34 ? 186  HIS A CE1 1 
ATOM   1441 N  NE2 . HIS A 1 185 ? -7.909  15.843  18.877  1.00 26.87 ? 186  HIS A NE2 1 
ATOM   1442 O  OXT . HIS A 1 185 ? -2.949  20.016  18.756  1.00 35.28 ? 186  HIS A OXT 1 
HETATM 1443 MN MN  . MN  B 2 .   ? -0.121  -4.283  12.993  1.00 24.02 ? 1001 MN  A MN  1 
HETATM 1444 MN MN  . MN  C 2 .   ? -5.957  7.951   -6.979  1.00 35.46 ? 1002 MN  A MN  1 
HETATM 1445 MN MN  . MN  D 2 .   ? -0.377  15.037  -0.395  1.00 69.74 ? 1003 MN  A MN  1 
HETATM 1446 O  O   . HOH E 3 .   ? -9.388  -8.895  0.029   1.00 14.58 ? 1004 HOH A O   1 
HETATM 1447 O  O   . HOH E 3 .   ? 2.060   1.117   -17.149 1.00 13.85 ? 1005 HOH A O   1 
HETATM 1448 O  O   . HOH E 3 .   ? -8.096  -13.984 -4.306  1.00 14.06 ? 1006 HOH A O   1 
HETATM 1449 O  O   . HOH E 3 .   ? -6.876  -5.567  -16.257 1.00 17.10 ? 1007 HOH A O   1 
HETATM 1450 O  O   . HOH E 3 .   ? 9.909   2.235   -7.114  1.00 19.57 ? 1008 HOH A O   1 
HETATM 1451 O  O   . HOH E 3 .   ? 6.534   -3.456  -6.191  1.00 17.25 ? 1009 HOH A O   1 
HETATM 1452 O  O   . HOH E 3 .   ? 1.522   10.400  -5.804  1.00 12.31 ? 1010 HOH A O   1 
HETATM 1453 O  O   . HOH E 3 .   ? 2.451   7.979   -7.365  1.00 14.27 ? 1011 HOH A O   1 
HETATM 1454 O  O   . HOH E 3 .   ? 3.564   -3.134  -21.808 1.00 25.18 ? 1012 HOH A O   1 
HETATM 1455 O  O   . HOH E 3 .   ? -5.308  -13.253 -9.432  1.00 13.26 ? 1013 HOH A O   1 
HETATM 1456 O  O   . HOH E 3 .   ? -11.136 -0.346  -1.016  1.00 17.69 ? 1014 HOH A O   1 
HETATM 1457 O  O   . HOH E 3 .   ? 3.302   3.538   -17.915 1.00 13.97 ? 1015 HOH A O   1 
HETATM 1458 O  O   . HOH E 3 .   ? 3.741   -5.437  -7.638  1.00 13.10 ? 1016 HOH A O   1 
HETATM 1459 O  O   . HOH E 3 .   ? -8.517  3.741   -7.050  1.00 15.47 ? 1017 HOH A O   1 
HETATM 1460 O  O   . HOH E 3 .   ? -7.824  13.456  9.451   1.00 16.12 ? 1018 HOH A O   1 
HETATM 1461 O  O   . HOH E 3 .   ? -8.729  -3.596  0.620   1.00 15.06 ? 1019 HOH A O   1 
HETATM 1462 O  O   . HOH E 3 .   ? 5.746   -5.894  -9.386  1.00 28.79 ? 1020 HOH A O   1 
HETATM 1463 O  O   . HOH E 3 .   ? 3.777   1.696   13.834  1.00 31.03 ? 1021 HOH A O   1 
HETATM 1464 O  O   . HOH E 3 .   ? -5.048  5.087   -14.959 1.00 22.38 ? 1022 HOH A O   1 
HETATM 1465 O  O   . HOH E 3 .   ? -7.826  -0.997  -22.326 1.00 15.69 ? 1023 HOH A O   1 
HETATM 1466 O  O   . HOH E 3 .   ? -0.941  -5.034  15.087  1.00 25.08 ? 1024 HOH A O   1 
HETATM 1467 O  O   . HOH E 3 .   ? -4.510  9.631   -8.132  1.00 20.13 ? 1025 HOH A O   1 
HETATM 1468 O  O   . HOH E 3 .   ? -7.765  11.290  0.746   1.00 17.35 ? 1026 HOH A O   1 
HETATM 1469 O  O   . HOH E 3 .   ? -5.286  -0.719  -16.288 1.00 11.42 ? 1027 HOH A O   1 
HETATM 1470 O  O   . HOH E 3 .   ? -11.456 -13.318 3.381   1.00 23.43 ? 1028 HOH A O   1 
HETATM 1471 O  O   . HOH E 3 .   ? -4.388  10.997  -5.341  1.00 19.75 ? 1029 HOH A O   1 
HETATM 1472 O  O   . HOH E 3 .   ? -7.596  0.637   -13.935 1.00 17.34 ? 1030 HOH A O   1 
HETATM 1473 O  O   . HOH E 3 .   ? -7.127  -12.040 -15.768 1.00 21.53 ? 1031 HOH A O   1 
HETATM 1474 O  O   . HOH E 3 .   ? 0.434   6.096   17.898  1.00 32.91 ? 1032 HOH A O   1 
HETATM 1475 O  O   . HOH E 3 .   ? 10.012  5.639   -12.440 1.00 21.34 ? 1033 HOH A O   1 
HETATM 1476 O  O   . HOH E 3 .   ? -9.433  7.298   18.014  1.00 27.71 ? 1034 HOH A O   1 
HETATM 1477 O  O   . HOH E 3 .   ? -15.268 -5.935  -8.069  1.00 30.59 ? 1035 HOH A O   1 
HETATM 1478 O  O   . HOH E 3 .   ? -18.859 6.833   11.692  1.00 40.04 ? 1036 HOH A O   1 
HETATM 1479 O  O   . HOH E 3 .   ? -8.394  -12.324 1.034   1.00 18.57 ? 1037 HOH A O   1 
HETATM 1480 O  O   . HOH E 3 .   ? -16.032 -12.769 0.598   1.00 16.55 ? 1038 HOH A O   1 
HETATM 1481 O  O   . HOH E 3 .   ? -12.956 9.095   7.244   1.00 22.47 ? 1039 HOH A O   1 
HETATM 1482 O  O   . HOH E 3 .   ? -10.521 -6.047  3.853   1.00 36.04 ? 1040 HOH A O   1 
HETATM 1483 O  O   . HOH E 3 .   ? -10.541 -6.180  6.731   1.00 19.86 ? 1041 HOH A O   1 
HETATM 1484 O  O   . HOH E 3 .   ? 6.564   6.139   -16.717 1.00 40.24 ? 1042 HOH A O   1 
HETATM 1485 O  O   . HOH E 3 .   ? -7.769  -1.945  -16.195 1.00 25.65 ? 1043 HOH A O   1 
HETATM 1486 O  O   . HOH E 3 .   ? 6.491   -7.859  -22.485 1.00 30.43 ? 1044 HOH A O   1 
HETATM 1487 O  O   . HOH E 3 .   ? 5.781   -7.162  -25.075 1.00 30.82 ? 1045 HOH A O   1 
HETATM 1488 O  O   . HOH E 3 .   ? -4.733  -14.125 -16.700 1.00 21.89 ? 1046 HOH A O   1 
HETATM 1489 O  O   . HOH E 3 .   ? 7.659   9.749   10.579  1.00 27.80 ? 1047 HOH A O   1 
HETATM 1490 O  O   . HOH E 3 .   ? -0.978  -14.627 6.280   1.00 42.37 ? 1048 HOH A O   1 
HETATM 1491 O  O   . HOH E 3 .   ? -6.542  -15.327 -7.404  1.00 20.48 ? 1049 HOH A O   1 
HETATM 1492 O  O   . HOH E 3 .   ? 6.540   -8.439  7.285   1.00 33.10 ? 1050 HOH A O   1 
HETATM 1493 O  O   . HOH E 3 .   ? -10.692 -11.371 16.722  1.00 30.77 ? 1051 HOH A O   1 
HETATM 1494 O  O   . HOH E 3 .   ? -14.909 8.285   14.315  1.00 25.74 ? 1052 HOH A O   1 
HETATM 1495 O  O   . HOH E 3 .   ? 4.827   -12.163 3.543   1.00 29.62 ? 1053 HOH A O   1 
HETATM 1496 O  O   . HOH E 3 .   ? -6.900  4.701   20.565  1.00 31.44 ? 1054 HOH A O   1 
HETATM 1497 O  O   . HOH E 3 .   ? 2.200   3.438   17.895  1.00 40.69 ? 1055 HOH A O   1 
HETATM 1498 O  O   . HOH E 3 .   ? 0.092   11.536  19.531  1.00 40.15 ? 1056 HOH A O   1 
HETATM 1499 O  O   . HOH E 3 .   ? -13.814 13.197  14.117  1.00 26.44 ? 1057 HOH A O   1 
HETATM 1500 O  O   . HOH E 3 .   ? 10.606  -0.764  -9.960  1.00 28.37 ? 1058 HOH A O   1 
HETATM 1501 O  O   . HOH E 3 .   ? 12.696  1.752   7.731   1.00 23.38 ? 1059 HOH A O   1 
HETATM 1502 O  O   . HOH E 3 .   ? 8.782   10.566  -4.891  1.00 29.95 ? 1060 HOH A O   1 
HETATM 1503 O  O   . HOH E 3 .   ? -14.205 -12.064 2.183   1.00 25.19 ? 1061 HOH A O   1 
HETATM 1504 O  O   . HOH E 3 .   ? 9.358   -11.360 -6.476  1.00 37.63 ? 1062 HOH A O   1 
HETATM 1505 O  O   . HOH E 3 .   ? 13.275  13.211  7.170   1.00 32.00 ? 1063 HOH A O   1 
HETATM 1506 O  O   . HOH E 3 .   ? -7.242  3.550   -14.267 1.00 20.13 ? 1064 HOH A O   1 
HETATM 1507 O  O   . HOH E 3 .   ? -9.425  -0.084  -6.850  1.00 13.76 ? 1065 HOH A O   1 
HETATM 1508 O  O   . HOH E 3 .   ? 9.204   -1.334  -16.558 1.00 17.66 ? 1066 HOH A O   1 
HETATM 1509 O  O   . HOH E 3 .   ? 6.054   2.788   13.392  1.00 19.83 ? 1067 HOH A O   1 
HETATM 1510 O  O   . HOH E 3 .   ? -17.541 -10.579 0.305   1.00 24.42 ? 1068 HOH A O   1 
HETATM 1511 O  O   . HOH E 3 .   ? -6.236  1.536   19.073  1.00 41.28 ? 1069 HOH A O   1 
HETATM 1512 O  O   . HOH E 3 .   ? -5.370  -16.613 4.101   1.00 32.90 ? 1070 HOH A O   1 
HETATM 1513 O  O   . HOH E 3 .   ? -6.789  6.247   18.579  1.00 30.83 ? 1071 HOH A O   1 
HETATM 1514 O  O   . HOH E 3 .   ? 16.934  -15.307 -8.224  1.00 39.82 ? 1072 HOH A O   1 
HETATM 1515 O  O   . HOH E 3 .   ? 6.153   6.518   16.531  1.00 28.29 ? 1073 HOH A O   1 
HETATM 1516 O  O   . HOH E 3 .   ? -6.926  13.997  7.033   1.00 34.01 ? 1074 HOH A O   1 
HETATM 1517 O  O   . HOH E 3 .   ? 4.949   7.714   -7.757  1.00 20.77 ? 1075 HOH A O   1 
HETATM 1518 O  O   . HOH E 3 .   ? -11.492 -3.257  0.721   1.00 26.07 ? 1076 HOH A O   1 
HETATM 1519 O  O   . HOH E 3 .   ? -8.256  15.846  11.566  1.00 21.74 ? 1077 HOH A O   1 
HETATM 1520 O  O   . HOH E 3 .   ? 4.658   -18.094 -13.647 1.00 36.74 ? 1078 HOH A O   1 
HETATM 1521 O  O   . HOH E 3 .   ? -10.571 -9.937  19.276  1.00 38.01 ? 1079 HOH A O   1 
HETATM 1522 O  O   . HOH E 3 .   ? -0.711  -16.644 -6.038  1.00 30.78 ? 1080 HOH A O   1 
HETATM 1523 O  O   . HOH E 3 .   ? 10.902  16.259  1.334   1.00 25.98 ? 1081 HOH A O   1 
HETATM 1524 O  O   . HOH E 3 .   ? -13.615 -3.628  -20.593 1.00 27.11 ? 1082 HOH A O   1 
HETATM 1525 O  O   . HOH E 3 .   ? -13.314 7.320   17.167  1.00 32.31 ? 1083 HOH A O   1 
HETATM 1526 O  O   . HOH E 3 .   ? 7.750   -10.367 -14.169 1.00 27.92 ? 1084 HOH A O   1 
HETATM 1527 O  O   . HOH E 3 .   ? 11.813  9.505   -5.557  1.00 40.10 ? 1085 HOH A O   1 
HETATM 1528 O  O   . HOH E 3 .   ? 14.303  3.915   -0.941  1.00 34.62 ? 1086 HOH A O   1 
HETATM 1529 O  O   . HOH E 3 .   ? -8.589  11.475  3.013   1.00 16.74 ? 1087 HOH A O   1 
HETATM 1530 O  O   . HOH E 3 .   ? -6.454  -9.870  1.311   1.00 24.60 ? 1088 HOH A O   1 
HETATM 1531 O  O   . HOH E 3 .   ? -8.940  4.790   16.680  1.00 28.60 ? 1089 HOH A O   1 
HETATM 1532 O  O   . HOH E 3 .   ? 0.775   -13.053 14.193  1.00 19.82 ? 1090 HOH A O   1 
HETATM 1533 O  O   . HOH E 3 .   ? 0.534   -18.047 8.939   1.00 30.71 ? 1091 HOH A O   1 
HETATM 1534 O  O   . HOH E 3 .   ? -14.877 7.464   7.762   1.00 35.33 ? 1092 HOH A O   1 
HETATM 1535 O  O   . HOH E 3 .   ? -11.560 17.003  16.270  1.00 38.31 ? 1093 HOH A O   1 
HETATM 1536 O  O   . HOH E 3 .   ? 7.439   -3.940  11.539  1.00 30.62 ? 1094 HOH A O   1 
HETATM 1537 O  O   . HOH E 3 .   ? 18.607  9.855   -3.684  1.00 36.56 ? 1095 HOH A O   1 
HETATM 1538 O  O   . HOH E 3 .   ? 10.653  1.712   -32.407 1.00 47.55 ? 1096 HOH A O   1 
HETATM 1539 O  O   . HOH E 3 .   ? -2.074  -16.687 -3.707  1.00 28.40 ? 1097 HOH A O   1 
HETATM 1540 O  O   . HOH E 3 .   ? 8.894   -8.175  -15.524 1.00 45.19 ? 1098 HOH A O   1 
HETATM 1541 O  O   . HOH E 3 .   ? -13.916 -0.369  12.707  1.00 20.52 ? 1099 HOH A O   1 
HETATM 1542 O  O   . HOH E 3 .   ? -12.847 -4.304  3.765   1.00 36.53 ? 1100 HOH A O   1 
HETATM 1543 O  O   . HOH E 3 .   ? -9.340  0.505   -16.914 1.00 26.12 ? 1101 HOH A O   1 
HETATM 1544 O  O   . HOH E 3 .   ? -1.098  -11.910 -23.111 1.00 46.01 ? 1102 HOH A O   1 
HETATM 1545 O  O   . HOH E 3 .   ? 9.652   11.592  -2.199  1.00 27.21 ? 1103 HOH A O   1 
HETATM 1546 O  O   . HOH E 3 .   ? -10.928 -17.349 9.311   1.00 35.43 ? 1104 HOH A O   1 
HETATM 1547 O  O   . HOH E 3 .   ? -8.921  -17.743 0.368   1.00 39.72 ? 1105 HOH A O   1 
HETATM 1548 O  O   . HOH E 3 .   ? 13.440  0.545   -1.873  1.00 28.58 ? 1106 HOH A O   1 
HETATM 1549 O  O   . HOH E 3 .   ? -8.407  4.940   -9.620  1.00 28.20 ? 1107 HOH A O   1 
HETATM 1550 O  O   . HOH E 3 .   ? -13.725 0.123   15.657  1.00 37.98 ? 1108 HOH A O   1 
HETATM 1551 O  O   . HOH E 3 .   ? -6.462  6.879   -0.764  1.00 23.32 ? 1109 HOH A O   1 
HETATM 1552 O  O   . HOH E 3 .   ? -11.410 10.796  3.358   1.00 30.60 ? 1110 HOH A O   1 
HETATM 1553 O  O   . HOH E 3 .   ? 13.663  16.395  4.946   1.00 40.14 ? 1111 HOH A O   1 
HETATM 1554 O  O   . HOH E 3 .   ? -4.555  -15.874 -13.246 1.00 27.72 ? 1112 HOH A O   1 
HETATM 1555 O  O   . HOH E 3 .   ? -16.214 10.856  14.054  1.00 39.43 ? 1113 HOH A O   1 
HETATM 1556 O  O   . HOH E 3 .   ? -11.783 -3.996  7.866   1.00 35.36 ? 1114 HOH A O   1 
# 
